data_9B7O
#
_entry.id   9B7O
#
_cell.length_a   1.00
_cell.length_b   1.00
_cell.length_c   1.00
_cell.angle_alpha   90.00
_cell.angle_beta   90.00
_cell.angle_gamma   90.00
#
_symmetry.space_group_name_H-M   'P 1'
#
loop_
_entity.id
_entity.type
_entity.pdbx_description
1 polymer 'Capsid protein VP1'
2 polymer 'Fab2-5 heavy chain'
3 polymer 'Fab2-5 light chain'
#
loop_
_entity_poly.entity_id
_entity_poly.type
_entity_poly.pdbx_seq_one_letter_code
_entity_poly.pdbx_strand_id
1 'polypeptide(L)'
;MASGGGAPVADNNEGADGVGSSSGNWHCDSQWLGDRVITTSTRTWALPTYNNHLYKQISNSTSGGSSNDNAYFGYSTPWG
YFDFNRFHCHFSPRDWQRLINNNWGFRPKRLNFKLFNIQVKEVTDNNGVKTIANNLTSTVQVFTDSDYQLPYVLGSAHEG
CLPPFPADVFMIPQYGYLTLNDGSQAVGRSSFYCLEYFPSQMLRTGNNFQFSYEFENVPFHSSYAHSQSLDRLMNPLIDQ
YLYYLSKTINGSGQNQQTLKFSVAGPSNMAVQGRNYIPGPSYRQQRVSTTVTQNNNSEFAWPGASSWALNGRNSLMNPGP
AMASHKEGEDRFFPLSGSLIFGKQGTGRDNVDADKVMITNEEEIKTTNPVATESYGQVATNHQSAQAQAQTGWVQNQGIL
PGMVWQDRDVYLQGPIWAKIPHTDGNFHPSPLMGGFGMKHPPPQILIKNTPVPADPPTAFNKDKLNSFITQYSTGQVSVE
IEWELQKENSKRWNPEIQYTSNYYKSNNVEFAVNTEGVYSEPRPIGTRYLTRNL
;
A,B,C,D,E,F
2 'polypeptide(L)'
;EVQLVESGGGLVKPGGSPRLSCAASGFNFGSYSMNWVRQAPGKGLEWVSSISSSSSYIYYADSVKGRFTISRDNAKHSLY
LQVNSLRAEDTAVYYCARDPTTYGYNSAWDKKGWYFDLWGRGTLLTVS
;
H
3 'polypeptide(L)'
;VLTQPPSVSAAPGQMVTISCSGSSSNIGNDYISWYQQLPGTAPKLLIYDNNERPSGIPDRFSGSKSGTSATLGITGVQTG
DEADYYCGTWDSSLSAWVFGEGTKLTVV
;
L
#
# COMPACT_ATOMS: atom_id res chain seq x y z
N THR A 39 1.14 -37.18 36.63
CA THR A 39 1.99 -38.09 35.89
C THR A 39 3.32 -37.44 35.52
N THR A 40 4.34 -38.27 35.31
CA THR A 40 5.65 -37.78 34.90
C THR A 40 6.25 -38.79 33.93
N SER A 41 6.79 -38.28 32.83
CA SER A 41 7.41 -39.11 31.80
C SER A 41 8.87 -38.72 31.67
N THR A 42 9.70 -39.67 31.25
CA THR A 42 11.07 -39.38 30.88
C THR A 42 11.47 -40.27 29.72
N ARG A 43 12.10 -39.67 28.71
CA ARG A 43 12.46 -40.39 27.48
C ARG A 43 13.84 -39.93 27.04
N THR A 44 14.41 -40.71 26.12
CA THR A 44 15.67 -40.37 25.47
C THR A 44 15.40 -40.04 24.01
N TRP A 45 15.84 -38.87 23.58
CA TRP A 45 15.60 -38.39 22.23
C TRP A 45 16.91 -38.33 21.45
N ALA A 46 16.78 -38.49 20.14
CA ALA A 46 17.88 -38.29 19.21
C ALA A 46 17.43 -37.34 18.11
N LEU A 47 18.05 -36.17 18.05
CA LEU A 47 17.66 -35.14 17.10
C LEU A 47 18.72 -35.04 16.00
N PRO A 48 18.40 -35.38 14.77
CA PRO A 48 19.37 -35.29 13.68
C PRO A 48 19.40 -33.89 13.08
N THR A 49 20.16 -33.76 12.00
CA THR A 49 20.14 -32.57 11.17
C THR A 49 19.14 -32.75 10.03
N TYR A 50 18.23 -31.81 9.89
CA TYR A 50 17.20 -31.86 8.86
C TYR A 50 17.50 -30.84 7.77
N ASN A 51 17.32 -31.24 6.52
CA ASN A 51 17.45 -30.37 5.35
C ASN A 51 18.85 -29.75 5.24
N ASN A 52 19.84 -30.36 5.87
CA ASN A 52 21.19 -29.80 5.91
C ASN A 52 21.18 -28.36 6.41
N HIS A 53 20.45 -28.14 7.51
CA HIS A 53 20.42 -26.85 8.21
C HIS A 53 19.86 -25.75 7.29
N LEU A 54 18.74 -26.04 6.64
CA LEU A 54 18.30 -25.21 5.53
C LEU A 54 16.79 -25.21 5.43
N TYR A 55 16.24 -24.10 4.93
CA TYR A 55 14.81 -23.94 4.68
C TYR A 55 14.53 -24.27 3.23
N LYS A 56 13.49 -25.06 2.99
CA LYS A 56 13.15 -25.48 1.64
C LYS A 56 11.68 -25.22 1.38
N GLN A 57 11.40 -24.42 0.37
CA GLN A 57 10.07 -24.36 -0.20
C GLN A 57 9.64 -25.74 -0.68
N ILE A 58 8.47 -26.19 -0.25
CA ILE A 58 7.93 -27.48 -0.66
C ILE A 58 6.50 -27.28 -1.15
N SER A 59 6.20 -27.86 -2.30
CA SER A 59 4.88 -27.83 -2.88
C SER A 59 4.62 -29.19 -3.51
N ASN A 60 3.37 -29.43 -3.92
CA ASN A 60 3.02 -30.69 -4.55
C ASN A 60 3.87 -30.92 -5.80
N SER A 61 4.33 -29.83 -6.41
CA SER A 61 5.18 -29.93 -7.59
C SER A 61 6.52 -30.59 -7.26
N THR A 62 6.97 -30.43 -6.01
CA THR A 62 8.15 -31.18 -5.58
C THR A 62 7.80 -32.62 -5.28
N SER A 63 6.54 -32.89 -4.95
CA SER A 63 6.06 -34.24 -4.63
C SER A 63 5.43 -34.95 -5.82
N GLY A 64 5.50 -34.34 -7.02
CA GLY A 64 4.96 -34.96 -8.21
C GLY A 64 3.73 -34.29 -8.79
N GLY A 65 3.13 -33.33 -8.07
CA GLY A 65 2.05 -32.53 -8.61
C GLY A 65 0.65 -32.91 -8.16
N SER A 66 0.43 -34.17 -7.78
CA SER A 66 -0.83 -34.62 -7.19
C SER A 66 -2.05 -34.19 -7.99
N SER A 67 -3.11 -33.79 -7.29
CA SER A 67 -4.33 -33.27 -7.89
C SER A 67 -4.66 -31.96 -7.20
N ASN A 68 -5.81 -31.38 -7.53
CA ASN A 68 -6.16 -30.08 -6.94
C ASN A 68 -6.50 -30.23 -5.46
N ASP A 69 -7.12 -31.33 -5.07
CA ASP A 69 -7.50 -31.49 -3.67
C ASP A 69 -6.29 -31.63 -2.78
N ASN A 70 -5.22 -32.24 -3.28
CA ASN A 70 -4.01 -32.47 -2.51
C ASN A 70 -2.97 -31.38 -2.70
N ALA A 71 -3.28 -30.33 -3.44
CA ALA A 71 -2.33 -29.26 -3.67
C ALA A 71 -1.93 -28.58 -2.37
N TYR A 72 -0.67 -28.18 -2.28
CA TYR A 72 -0.21 -27.46 -1.09
C TYR A 72 1.05 -26.68 -1.42
N PHE A 73 1.33 -25.68 -0.59
CA PHE A 73 2.52 -24.87 -0.66
C PHE A 73 2.97 -24.57 0.76
N GLY A 74 4.25 -24.76 1.03
CA GLY A 74 4.73 -24.61 2.38
C GLY A 74 6.23 -24.63 2.44
N TYR A 75 6.75 -24.80 3.66
CA TYR A 75 8.19 -24.79 3.89
C TYR A 75 8.56 -25.87 4.88
N SER A 76 9.73 -26.45 4.70
CA SER A 76 10.30 -27.38 5.67
C SER A 76 11.50 -26.71 6.35
N THR A 77 11.63 -26.94 7.64
CA THR A 77 12.59 -26.24 8.46
C THR A 77 13.65 -27.19 8.99
N PRO A 78 14.85 -26.69 9.27
CA PRO A 78 15.85 -27.53 9.96
C PRO A 78 15.47 -27.85 11.39
N TRP A 79 14.52 -27.13 11.96
CA TRP A 79 14.11 -27.31 13.35
C TRP A 79 13.27 -28.57 13.51
N GLY A 80 13.47 -29.24 14.65
CA GLY A 80 12.58 -30.29 15.10
C GLY A 80 11.72 -29.80 16.25
N TYR A 81 10.81 -30.66 16.69
CA TYR A 81 9.90 -30.25 17.75
C TYR A 81 9.45 -31.48 18.54
N PHE A 82 9.02 -31.22 19.77
CA PHE A 82 8.55 -32.29 20.66
C PHE A 82 7.04 -32.38 20.63
N ASP A 83 6.53 -33.61 20.60
CA ASP A 83 5.09 -33.87 20.63
C ASP A 83 4.80 -34.85 21.75
N PHE A 84 4.19 -34.37 22.84
CA PHE A 84 3.62 -35.22 23.87
C PHE A 84 2.08 -35.25 23.84
N ASN A 85 1.47 -34.73 22.77
CA ASN A 85 0.02 -34.51 22.69
C ASN A 85 -0.82 -35.80 22.77
N ARG A 86 -0.24 -37.00 22.83
CA ARG A 86 -1.02 -38.21 22.95
C ARG A 86 -1.04 -38.72 24.38
N PHE A 87 -2.17 -39.34 24.73
CA PHE A 87 -2.44 -39.88 26.07
C PHE A 87 -1.45 -40.92 26.57
N HIS A 88 -0.90 -41.75 25.68
CA HIS A 88 0.06 -42.77 26.08
C HIS A 88 1.41 -42.23 26.64
N CYS A 89 1.77 -41.01 26.26
CA CYS A 89 2.99 -40.36 26.72
C CYS A 89 2.96 -40.17 28.24
N HIS A 90 1.80 -39.85 28.79
CA HIS A 90 1.64 -39.64 30.22
C HIS A 90 0.81 -40.76 30.86
N GLY A 105 -14.85 -37.52 35.68
CA GLY A 105 -14.16 -36.83 34.63
C GLY A 105 -12.75 -36.39 35.01
N PHE A 106 -12.03 -35.84 34.04
CA PHE A 106 -10.67 -35.38 34.27
C PHE A 106 -10.34 -34.32 33.24
N ARG A 107 -9.24 -33.61 33.47
CA ARG A 107 -8.77 -32.56 32.58
C ARG A 107 -7.42 -32.09 33.07
N PRO A 108 -6.56 -31.60 32.17
CA PRO A 108 -5.25 -31.13 32.60
C PRO A 108 -5.35 -29.82 33.36
N LYS A 109 -4.32 -29.55 34.16
CA LYS A 109 -4.25 -28.34 34.97
C LYS A 109 -2.95 -27.58 34.74
N ARG A 110 -1.82 -28.17 35.08
CA ARG A 110 -0.52 -27.55 34.94
C ARG A 110 0.38 -28.43 34.09
N LEU A 111 1.46 -27.84 33.61
CA LEU A 111 2.41 -28.52 32.74
C LEU A 111 3.81 -28.08 33.10
N ASN A 112 4.73 -29.03 33.13
CA ASN A 112 6.14 -28.73 33.35
C ASN A 112 6.97 -29.57 32.41
N PHE A 113 7.85 -28.92 31.65
CA PHE A 113 8.65 -29.56 30.62
C PHE A 113 10.11 -29.37 30.97
N LYS A 114 10.88 -30.45 30.98
CA LYS A 114 12.30 -30.39 31.27
C LYS A 114 13.07 -31.08 30.15
N LEU A 115 14.17 -30.45 29.74
CA LEU A 115 15.04 -30.96 28.70
C LEU A 115 16.47 -30.88 29.20
N PHE A 116 17.13 -32.02 29.38
CA PHE A 116 18.41 -32.05 30.07
C PHE A 116 19.26 -33.19 29.56
N ASN A 117 20.46 -33.30 30.14
CA ASN A 117 21.47 -34.28 29.73
C ASN A 117 21.77 -34.18 28.24
N ILE A 118 22.07 -32.96 27.79
CA ILE A 118 22.38 -32.73 26.40
C ILE A 118 23.69 -33.39 26.03
N GLN A 119 23.71 -34.09 24.91
CA GLN A 119 24.92 -34.70 24.36
C GLN A 119 24.88 -34.54 22.85
N VAL A 120 26.00 -34.15 22.26
CA VAL A 120 26.09 -33.91 20.83
C VAL A 120 27.21 -34.77 20.26
N LYS A 121 26.94 -35.46 19.16
CA LYS A 121 27.89 -36.36 18.53
C LYS A 121 28.27 -35.83 17.14
N GLU A 122 29.56 -35.88 16.83
CA GLU A 122 30.06 -35.60 15.49
C GLU A 122 30.36 -36.93 14.81
N VAL A 123 30.11 -36.99 13.50
CA VAL A 123 30.23 -38.24 12.77
C VAL A 123 31.33 -38.17 11.72
N ILE A 132 32.18 -41.78 15.16
CA ILE A 132 31.37 -40.96 16.06
C ILE A 132 32.17 -40.57 17.29
N ALA A 133 32.21 -39.27 17.58
CA ALA A 133 32.95 -38.74 18.72
C ALA A 133 32.09 -37.71 19.44
N ASN A 134 32.55 -37.31 20.62
CA ASN A 134 31.86 -36.29 21.39
C ASN A 134 32.39 -34.91 21.05
N ASN A 135 31.46 -33.97 20.84
CA ASN A 135 31.78 -32.55 20.68
C ASN A 135 31.18 -31.84 21.87
N LEU A 136 32.04 -31.38 22.78
CA LEU A 136 31.55 -30.78 24.03
C LEU A 136 31.27 -29.29 23.89
N THR A 137 31.70 -28.67 22.79
CA THR A 137 31.48 -27.25 22.55
C THR A 137 30.23 -26.98 21.73
N SER A 138 29.52 -28.01 21.29
CA SER A 138 28.34 -27.83 20.46
C SER A 138 27.15 -27.35 21.28
N THR A 139 26.23 -26.69 20.61
CA THR A 139 25.02 -26.18 21.24
C THR A 139 23.80 -26.75 20.55
N VAL A 140 22.70 -26.78 21.29
CA VAL A 140 21.39 -27.18 20.79
C VAL A 140 20.40 -26.08 21.12
N GLN A 141 19.76 -25.54 20.08
CA GLN A 141 18.86 -24.40 20.22
C GLN A 141 17.44 -24.89 20.44
N VAL A 142 16.74 -24.27 21.39
CA VAL A 142 15.38 -24.64 21.73
C VAL A 142 14.60 -23.40 22.14
N PHE A 143 13.35 -23.30 21.67
CA PHE A 143 12.47 -22.24 22.14
C PHE A 143 11.04 -22.74 22.08
N THR A 144 10.21 -22.14 22.91
CA THR A 144 8.77 -22.38 22.90
C THR A 144 8.06 -21.18 22.30
N ASP A 145 6.96 -21.43 21.62
CA ASP A 145 6.18 -20.35 21.03
C ASP A 145 5.03 -20.10 21.99
N SER A 146 5.20 -19.10 22.84
CA SER A 146 4.19 -18.77 23.85
C SER A 146 3.25 -17.67 23.38
N ASP A 147 3.58 -16.99 22.29
CA ASP A 147 2.68 -16.05 21.66
C ASP A 147 1.92 -16.68 20.51
N TYR A 148 2.22 -17.95 20.21
CA TYR A 148 1.53 -18.69 19.17
C TYR A 148 1.69 -17.99 17.83
N GLN A 149 2.90 -17.49 17.57
CA GLN A 149 3.20 -16.75 16.36
C GLN A 149 3.59 -17.63 15.20
N LEU A 150 3.96 -18.86 15.46
CA LEU A 150 4.24 -19.87 14.44
C LEU A 150 3.00 -20.67 14.12
N PRO A 151 2.95 -21.29 12.94
CA PRO A 151 1.88 -22.24 12.66
C PRO A 151 1.87 -23.37 13.68
N TYR A 152 0.68 -23.81 14.06
CA TYR A 152 0.52 -24.81 15.12
C TYR A 152 0.21 -26.15 14.45
N VAL A 153 1.18 -27.06 14.48
CA VAL A 153 1.05 -28.38 13.85
C VAL A 153 0.71 -29.47 14.85
N LEU A 154 0.59 -29.15 16.14
CA LEU A 154 0.37 -30.20 17.13
C LEU A 154 -1.07 -30.70 17.19
N GLY A 155 -1.99 -30.07 16.49
CA GLY A 155 -3.38 -30.49 16.57
C GLY A 155 -3.86 -31.30 15.40
N SER A 156 -2.94 -31.78 14.56
CA SER A 156 -3.28 -32.55 13.37
C SER A 156 -3.17 -34.06 13.56
N ALA A 157 -2.83 -34.53 14.76
CA ALA A 157 -2.71 -35.96 15.05
C ALA A 157 -1.63 -36.62 14.22
N HIS A 158 -0.42 -36.06 14.27
CA HIS A 158 0.68 -36.60 13.50
C HIS A 158 1.48 -37.58 14.32
N GLU A 159 2.56 -38.09 13.74
CA GLU A 159 3.45 -39.00 14.45
C GLU A 159 4.52 -38.22 15.26
N GLY A 160 5.55 -38.90 15.72
CA GLY A 160 6.58 -38.23 16.48
C GLY A 160 6.32 -38.05 17.96
N CYS A 161 5.27 -38.70 18.45
CA CYS A 161 4.91 -38.65 19.85
C CYS A 161 5.94 -39.42 20.66
N LEU A 162 6.15 -39.04 21.91
CA LEU A 162 7.09 -39.77 22.75
C LEU A 162 6.50 -41.16 22.90
N PRO A 163 7.34 -42.20 22.77
CA PRO A 163 6.84 -43.57 22.87
C PRO A 163 6.16 -43.87 24.18
N PRO A 164 5.07 -44.66 24.14
CA PRO A 164 4.36 -45.05 25.36
C PRO A 164 5.24 -45.83 26.32
N PHE A 165 5.90 -46.87 25.83
CA PHE A 165 6.74 -47.68 26.68
C PHE A 165 8.00 -46.90 27.04
N PRO A 166 8.27 -46.69 28.33
CA PRO A 166 9.30 -45.69 28.72
C PRO A 166 10.71 -46.03 28.29
N ALA A 167 11.03 -47.28 27.96
CA ALA A 167 12.40 -47.65 27.65
C ALA A 167 12.79 -47.36 26.21
N ASP A 168 11.86 -46.96 25.36
CA ASP A 168 12.16 -46.72 23.95
C ASP A 168 12.89 -45.40 23.75
N VAL A 169 13.57 -45.30 22.62
CA VAL A 169 14.22 -44.07 22.18
C VAL A 169 13.60 -43.65 20.86
N PHE A 170 13.08 -42.42 20.80
CA PHE A 170 12.31 -41.96 19.66
C PHE A 170 13.07 -40.89 18.90
N MET A 171 12.75 -40.76 17.62
CA MET A 171 13.34 -39.74 16.78
C MET A 171 12.36 -38.58 16.71
N ILE A 172 12.78 -37.39 17.11
CA ILE A 172 11.93 -36.21 17.13
C ILE A 172 11.47 -35.85 15.72
N PRO A 173 10.22 -35.42 15.53
CA PRO A 173 9.73 -35.07 14.20
C PRO A 173 10.29 -33.76 13.65
N GLN A 174 10.30 -33.61 12.32
CA GLN A 174 10.78 -32.37 11.71
C GLN A 174 9.62 -31.38 11.60
N TYR A 175 9.91 -30.11 11.83
CA TYR A 175 8.86 -29.10 11.80
C TYR A 175 8.64 -28.60 10.39
N GLY A 176 7.38 -28.54 9.99
CA GLY A 176 7.01 -27.99 8.70
C GLY A 176 5.63 -27.37 8.83
N TYR A 177 5.29 -26.57 7.82
CA TYR A 177 4.00 -25.90 7.86
C TYR A 177 3.57 -25.57 6.44
N LEU A 178 2.29 -25.26 6.28
CA LEU A 178 1.71 -24.95 5.00
C LEU A 178 1.18 -23.53 5.01
N THR A 179 0.98 -22.99 3.82
CA THR A 179 0.54 -21.61 3.65
C THR A 179 -0.49 -21.59 2.52
N LEU A 180 -0.89 -20.39 2.09
CA LEU A 180 -1.88 -20.28 1.02
C LEU A 180 -1.28 -20.68 -0.31
N ASN A 181 -2.13 -21.17 -1.21
CA ASN A 181 -1.72 -21.60 -2.53
C ASN A 181 -2.86 -21.48 -3.52
N ASP A 182 -2.51 -21.20 -4.78
CA ASP A 182 -3.47 -21.37 -5.88
C ASP A 182 -3.25 -22.72 -6.56
N GLY A 183 -2.36 -23.54 -6.02
CA GLY A 183 -1.81 -24.67 -6.72
C GLY A 183 -0.47 -24.98 -6.11
N SER A 184 0.46 -25.52 -6.89
CA SER A 184 1.85 -25.59 -6.48
C SER A 184 2.45 -24.22 -6.22
N GLN A 185 1.76 -23.15 -6.61
CA GLN A 185 2.26 -21.79 -6.49
C GLN A 185 1.77 -21.15 -5.20
N ALA A 186 2.24 -19.93 -4.96
CA ALA A 186 1.88 -19.16 -3.79
C ALA A 186 1.21 -17.87 -4.20
N VAL A 187 0.45 -17.27 -3.29
CA VAL A 187 -0.16 -15.97 -3.56
C VAL A 187 0.61 -14.91 -2.79
N GLY A 188 0.24 -13.65 -2.97
CA GLY A 188 0.94 -12.58 -2.28
C GLY A 188 0.64 -12.56 -0.79
N ARG A 189 -0.40 -13.26 -0.39
CA ARG A 189 -0.76 -13.34 1.03
C ARG A 189 -0.03 -14.49 1.72
N SER A 190 0.64 -15.35 0.97
CA SER A 190 1.41 -16.42 1.58
C SER A 190 2.54 -15.86 2.43
N SER A 191 2.62 -16.33 3.66
CA SER A 191 3.58 -15.83 4.64
C SER A 191 4.70 -16.83 4.85
N PHE A 192 5.92 -16.30 4.92
CA PHE A 192 7.12 -17.08 5.21
C PHE A 192 7.59 -16.74 6.62
N TYR A 193 7.82 -17.77 7.43
CA TYR A 193 8.26 -17.62 8.80
C TYR A 193 9.65 -18.20 8.95
N CYS A 194 10.58 -17.42 9.50
CA CYS A 194 11.92 -17.89 9.78
C CYS A 194 12.05 -18.16 11.27
N LEU A 195 12.18 -19.44 11.63
CA LEU A 195 12.23 -19.81 13.04
C LEU A 195 13.49 -19.31 13.73
N GLU A 196 14.52 -18.92 12.96
CA GLU A 196 15.71 -18.35 13.56
C GLU A 196 15.49 -16.94 14.04
N TYR A 197 14.35 -16.35 13.71
CA TYR A 197 14.04 -14.95 13.99
C TYR A 197 13.26 -14.80 15.30
N PHE A 198 13.08 -15.84 16.00
CA PHE A 198 12.59 -15.96 17.36
C PHE A 198 13.75 -16.03 18.34
N PRO A 199 13.64 -15.40 19.50
CA PRO A 199 14.65 -15.61 20.54
C PRO A 199 14.56 -17.02 21.08
N SER A 200 15.72 -17.68 21.17
CA SER A 200 15.77 -19.07 21.59
C SER A 200 16.96 -19.27 22.51
N GLN A 201 16.83 -20.26 23.38
CA GLN A 201 17.86 -20.55 24.36
C GLN A 201 18.82 -21.59 23.81
N MET A 202 20.11 -21.37 24.04
CA MET A 202 21.17 -22.22 23.50
C MET A 202 21.82 -23.00 24.63
N LEU A 203 21.88 -24.32 24.46
CA LEU A 203 22.29 -25.23 25.51
C LEU A 203 23.49 -26.06 25.05
N ARG A 204 24.54 -26.07 25.85
CA ARG A 204 25.61 -27.04 25.70
C ARG A 204 25.30 -28.28 26.54
N THR A 205 26.29 -29.16 26.69
CA THR A 205 26.04 -30.43 27.36
C THR A 205 25.63 -30.27 28.82
N GLY A 206 26.22 -29.34 29.56
CA GLY A 206 25.86 -29.17 30.96
C GLY A 206 24.57 -28.43 31.21
N ASN A 207 24.08 -27.67 30.24
CA ASN A 207 22.89 -26.86 30.40
C ASN A 207 21.62 -27.70 30.26
N ASN A 208 20.55 -27.24 30.90
CA ASN A 208 19.24 -27.85 30.80
C ASN A 208 18.19 -26.77 30.53
N PHE A 209 17.01 -27.22 30.11
CA PHE A 209 15.94 -26.32 29.72
C PHE A 209 14.66 -26.72 30.44
N GLN A 210 13.93 -25.74 30.95
CA GLN A 210 12.69 -26.03 31.66
C GLN A 210 11.70 -24.87 31.66
N PHE A 211 10.46 -25.15 31.24
CA PHE A 211 9.42 -24.13 31.24
C PHE A 211 8.13 -24.75 31.78
N SER A 212 7.30 -23.94 32.42
CA SER A 212 6.04 -24.42 32.97
C SER A 212 4.84 -23.74 32.29
N TYR A 213 3.80 -24.51 32.03
CA TYR A 213 2.61 -23.99 31.37
C TYR A 213 1.31 -24.24 32.14
N GLU A 214 0.46 -23.23 32.19
CA GLU A 214 -0.83 -23.27 32.86
C GLU A 214 -1.92 -23.49 31.81
N PHE A 215 -2.53 -24.67 31.84
CA PHE A 215 -3.67 -24.94 30.97
C PHE A 215 -4.77 -23.91 31.21
N GLU A 216 -5.22 -23.26 30.14
CA GLU A 216 -6.41 -22.44 30.28
C GLU A 216 -7.61 -23.32 30.57
N ASN A 217 -8.55 -22.78 31.32
CA ASN A 217 -9.63 -23.59 31.87
C ASN A 217 -10.49 -24.21 30.76
N VAL A 218 -10.61 -25.52 30.81
CA VAL A 218 -11.45 -26.27 29.88
C VAL A 218 -12.45 -27.09 30.70
N PRO A 219 -13.56 -27.50 30.11
CA PRO A 219 -14.49 -28.36 30.83
C PRO A 219 -13.91 -29.75 31.02
N PHE A 220 -14.44 -30.48 32.01
CA PHE A 220 -14.05 -31.87 32.20
C PHE A 220 -14.38 -32.68 30.95
N HIS A 221 -13.56 -33.68 30.67
CA HIS A 221 -13.90 -34.57 29.58
C HIS A 221 -14.87 -35.52 30.27
N SER A 222 -16.03 -35.75 29.68
CA SER A 222 -17.00 -36.62 30.32
C SER A 222 -16.83 -38.07 29.90
N SER A 223 -16.34 -38.89 30.82
CA SER A 223 -16.15 -40.30 30.52
C SER A 223 -17.04 -41.13 31.42
N TYR A 224 -18.16 -41.57 30.82
CA TYR A 224 -19.22 -42.39 31.42
C TYR A 224 -20.30 -42.58 30.37
N ALA A 225 -21.15 -43.57 30.56
CA ALA A 225 -22.26 -43.78 29.64
C ALA A 225 -23.57 -43.52 30.35
N HIS A 226 -24.51 -42.91 29.63
CA HIS A 226 -25.81 -42.61 30.20
C HIS A 226 -26.66 -43.88 30.31
N GLY A 273 -44.41 -36.05 23.93
CA GLY A 273 -43.65 -34.82 23.86
C GLY A 273 -42.43 -34.82 24.76
N ARG A 274 -41.33 -34.28 24.26
CA ARG A 274 -40.07 -34.26 24.98
C ARG A 274 -39.46 -32.87 24.92
N ASN A 275 -38.73 -32.51 25.97
CA ASN A 275 -38.12 -31.19 26.07
C ASN A 275 -36.82 -31.07 25.27
N TYR A 276 -35.95 -32.08 25.31
CA TYR A 276 -34.66 -32.00 24.66
C TYR A 276 -34.59 -33.05 23.56
N ILE A 277 -33.79 -32.76 22.53
CA ILE A 277 -33.70 -33.62 21.35
C ILE A 277 -32.23 -33.91 21.08
N PRO A 278 -31.93 -34.99 20.35
CA PRO A 278 -30.53 -35.38 20.16
C PRO A 278 -29.77 -34.40 19.27
N GLY A 279 -28.44 -34.50 19.36
CA GLY A 279 -27.55 -33.58 18.70
C GLY A 279 -27.51 -33.70 17.19
N PRO A 280 -26.65 -32.92 16.56
CA PRO A 280 -26.61 -32.87 15.09
C PRO A 280 -25.98 -34.12 14.50
N SER A 281 -26.18 -34.28 13.19
CA SER A 281 -25.63 -35.40 12.45
C SER A 281 -25.24 -34.98 11.05
N TYR A 282 -24.20 -35.61 10.52
CA TYR A 282 -23.79 -35.45 9.13
C TYR A 282 -23.53 -36.85 8.61
N ARG A 283 -24.36 -37.36 7.70
CA ARG A 283 -24.42 -38.80 7.50
C ARG A 283 -23.13 -39.34 6.88
N GLN A 284 -22.72 -40.51 7.35
CA GLN A 284 -21.58 -41.27 6.85
C GLN A 284 -22.07 -42.51 6.11
N GLN A 285 -21.27 -42.96 5.15
CA GLN A 285 -21.58 -44.22 4.47
C GLN A 285 -21.23 -45.40 5.36
N ARG A 286 -22.04 -46.45 5.29
CA ARG A 286 -21.90 -47.61 6.15
C ARG A 286 -21.02 -48.65 5.47
N VAL A 287 -20.13 -49.28 6.25
CA VAL A 287 -19.19 -50.27 5.73
C VAL A 287 -19.17 -51.47 6.67
N SER A 288 -19.46 -52.65 6.12
CA SER A 288 -19.46 -53.89 6.88
C SER A 288 -18.05 -54.42 7.01
N THR A 289 -17.74 -55.02 8.16
CA THR A 289 -16.48 -55.73 8.30
C THR A 289 -16.43 -57.02 7.48
N THR A 290 -17.60 -57.58 7.15
CA THR A 290 -17.67 -58.75 6.30
C THR A 290 -17.76 -58.29 4.84
N VAL A 291 -16.75 -58.63 4.05
CA VAL A 291 -16.57 -57.99 2.75
C VAL A 291 -17.67 -58.37 1.76
N THR A 292 -18.16 -59.60 1.81
CA THR A 292 -19.16 -60.03 0.85
C THR A 292 -20.48 -59.28 1.00
N GLN A 293 -20.68 -58.60 2.12
CA GLN A 293 -21.87 -57.76 2.30
C GLN A 293 -21.76 -56.42 1.61
N ASN A 294 -20.55 -55.88 1.47
CA ASN A 294 -20.37 -54.60 0.79
C ASN A 294 -20.56 -54.76 -0.71
N ASN A 295 -20.81 -53.63 -1.36
CA ASN A 295 -21.00 -53.57 -2.80
C ASN A 295 -19.67 -53.84 -3.50
N ASN A 296 -19.72 -54.52 -4.64
CA ASN A 296 -18.52 -54.84 -5.41
C ASN A 296 -18.15 -53.70 -6.35
N SER A 297 -17.72 -52.58 -5.78
CA SER A 297 -17.31 -51.41 -6.54
C SER A 297 -16.41 -50.55 -5.67
N GLU A 298 -15.61 -49.69 -6.30
CA GLU A 298 -14.71 -48.82 -5.55
C GLU A 298 -15.43 -47.55 -5.11
N PHE A 299 -15.85 -47.51 -3.85
CA PHE A 299 -16.55 -46.35 -3.34
C PHE A 299 -15.82 -45.67 -2.18
N ALA A 300 -14.54 -45.93 -2.04
CA ALA A 300 -13.79 -45.35 -0.93
C ALA A 300 -13.77 -43.83 -0.95
N TRP A 301 -13.58 -43.24 -2.13
CA TRP A 301 -13.56 -41.78 -2.22
C TRP A 301 -14.83 -41.20 -2.84
N PRO A 302 -15.39 -41.89 -3.83
CA PRO A 302 -16.62 -41.47 -4.51
C PRO A 302 -17.83 -41.42 -3.59
N GLY A 303 -17.95 -42.38 -2.68
CA GLY A 303 -19.08 -42.45 -1.78
C GLY A 303 -18.90 -41.77 -0.43
N ALA A 304 -17.77 -41.12 -0.21
CA ALA A 304 -17.50 -40.47 1.08
C ALA A 304 -18.10 -39.07 1.29
N SER A 305 -18.29 -38.73 2.56
CA SER A 305 -18.79 -37.43 2.97
C SER A 305 -17.65 -36.42 2.99
N SER A 306 -17.85 -35.30 2.30
CA SER A 306 -16.78 -34.33 2.17
C SER A 306 -17.31 -32.95 2.49
N TRP A 307 -16.38 -32.02 2.73
CA TRP A 307 -16.70 -30.61 2.77
C TRP A 307 -15.74 -29.85 1.85
N ALA A 308 -16.27 -28.82 1.21
CA ALA A 308 -15.55 -28.08 0.19
C ALA A 308 -15.07 -26.74 0.75
N LEU A 309 -13.81 -26.40 0.47
CA LEU A 309 -13.24 -25.13 0.87
C LEU A 309 -12.43 -24.57 -0.28
N ASN A 310 -12.83 -23.41 -0.80
CA ASN A 310 -12.12 -22.73 -1.87
C ASN A 310 -11.87 -23.65 -3.07
N GLY A 311 -12.92 -24.34 -3.49
CA GLY A 311 -12.85 -25.20 -4.65
C GLY A 311 -12.09 -26.50 -4.45
N ARG A 312 -11.71 -26.83 -3.22
CA ARG A 312 -11.10 -28.11 -2.90
C ARG A 312 -12.02 -28.89 -1.97
N ASN A 313 -12.03 -30.21 -2.14
CA ASN A 313 -12.88 -31.09 -1.36
C ASN A 313 -12.03 -31.91 -0.40
N SER A 314 -12.26 -31.72 0.91
CA SER A 314 -11.63 -32.51 1.94
C SER A 314 -12.63 -33.53 2.45
N LEU A 315 -12.14 -34.74 2.73
CA LEU A 315 -12.97 -35.76 3.36
C LEU A 315 -13.45 -35.25 4.72
N MET A 316 -14.65 -35.69 5.11
CA MET A 316 -15.15 -35.37 6.45
C MET A 316 -14.68 -36.48 7.36
N ASN A 317 -13.65 -36.19 8.15
CA ASN A 317 -13.05 -37.17 9.04
C ASN A 317 -12.55 -36.48 10.30
N PRO A 318 -12.84 -37.06 11.47
CA PRO A 318 -13.85 -38.08 11.71
C PRO A 318 -15.26 -37.51 11.60
N GLY A 319 -15.38 -36.19 11.69
CA GLY A 319 -16.66 -35.54 11.52
C GLY A 319 -17.35 -35.25 12.83
N PRO A 320 -18.63 -34.85 12.76
CA PRO A 320 -19.40 -34.67 13.99
C PRO A 320 -19.46 -35.96 14.80
N ALA A 321 -19.63 -35.80 16.11
CA ALA A 321 -19.67 -36.95 17.02
C ALA A 321 -21.00 -37.65 16.86
N MET A 322 -20.96 -38.93 16.50
CA MET A 322 -22.16 -39.71 16.24
C MET A 322 -21.91 -41.15 16.64
N ALA A 323 -22.98 -41.85 16.99
CA ALA A 323 -22.86 -43.26 17.33
C ALA A 323 -22.40 -44.05 16.12
N SER A 324 -21.40 -44.91 16.33
CA SER A 324 -20.78 -45.64 15.22
C SER A 324 -21.76 -46.58 14.53
N HIS A 325 -22.69 -47.16 15.28
CA HIS A 325 -23.60 -48.14 14.70
C HIS A 325 -24.85 -48.23 15.55
N LYS A 326 -25.92 -48.75 14.94
CA LYS A 326 -27.15 -49.01 15.66
C LYS A 326 -26.97 -50.20 16.60
N GLU A 327 -27.85 -50.29 17.60
CA GLU A 327 -27.75 -51.37 18.56
C GLU A 327 -28.01 -52.72 17.89
N GLY A 328 -27.16 -53.70 18.23
CA GLY A 328 -27.27 -55.02 17.66
C GLY A 328 -26.39 -55.28 16.46
N GLU A 329 -25.96 -54.24 15.75
CA GLU A 329 -25.08 -54.38 14.59
C GLU A 329 -23.72 -53.84 14.98
N ASP A 330 -22.77 -54.74 15.25
CA ASP A 330 -21.39 -54.34 15.54
C ASP A 330 -20.46 -54.52 14.36
N ARG A 331 -20.94 -55.09 13.25
CA ARG A 331 -20.08 -55.38 12.11
C ARG A 331 -19.95 -54.21 11.16
N PHE A 332 -20.58 -53.07 11.47
CA PHE A 332 -20.52 -51.89 10.62
C PHE A 332 -19.79 -50.75 11.32
N PHE A 333 -19.07 -49.97 10.53
CA PHE A 333 -18.36 -48.80 11.03
C PHE A 333 -18.47 -47.74 9.94
N PRO A 334 -18.62 -46.47 10.32
CA PRO A 334 -18.73 -45.37 9.36
C PRO A 334 -17.47 -45.24 8.52
N LEU A 335 -17.62 -44.89 7.25
CA LEU A 335 -16.50 -44.83 6.32
C LEU A 335 -15.40 -43.87 6.75
N SER A 336 -15.77 -42.69 7.22
CA SER A 336 -14.78 -41.74 7.69
C SER A 336 -15.08 -41.31 9.12
N GLY A 337 -16.08 -41.93 9.73
CA GLY A 337 -16.55 -41.59 11.06
C GLY A 337 -15.83 -42.13 12.28
N SER A 338 -14.84 -42.99 12.10
CA SER A 338 -14.15 -43.54 13.26
C SER A 338 -12.64 -43.36 13.21
N LEU A 339 -12.03 -43.27 14.39
CA LEU A 339 -10.58 -43.15 14.48
C LEU A 339 -10.05 -44.55 14.27
N ILE A 340 -9.22 -44.72 13.25
CA ILE A 340 -8.72 -46.04 12.92
C ILE A 340 -7.23 -46.07 13.26
N PHE A 341 -6.86 -46.93 14.20
CA PHE A 341 -5.47 -47.10 14.60
C PHE A 341 -4.90 -48.39 14.02
N GLY A 342 -3.66 -48.30 13.54
CA GLY A 342 -2.96 -49.48 13.10
C GLY A 342 -2.31 -50.23 14.27
N LYS A 343 -2.31 -51.56 14.16
CA LYS A 343 -1.67 -52.38 15.15
C LYS A 343 -0.15 -52.30 15.02
N GLN A 344 0.54 -52.70 16.09
CA GLN A 344 1.99 -52.61 16.12
C GLN A 344 2.59 -53.41 14.98
N GLY A 345 3.42 -52.74 14.17
CA GLY A 345 4.01 -53.37 13.01
C GLY A 345 3.16 -53.34 11.76
N THR A 346 2.26 -52.37 11.62
CA THR A 346 1.38 -52.31 10.46
C THR A 346 2.04 -51.50 9.34
N GLY A 347 1.82 -51.94 8.11
CA GLY A 347 2.39 -51.26 6.96
C GLY A 347 1.71 -49.93 6.67
N ARG A 348 2.37 -49.16 5.80
CA ARG A 348 1.92 -47.81 5.47
C ARG A 348 0.81 -47.80 4.43
N ASP A 349 0.74 -48.77 3.52
CA ASP A 349 -0.15 -48.70 2.38
C ASP A 349 -0.93 -49.99 2.23
N ASN A 350 -2.26 -49.86 2.10
CA ASN A 350 -3.15 -50.95 1.72
C ASN A 350 -2.93 -52.20 2.58
N VAL A 351 -3.06 -52.01 3.88
CA VAL A 351 -2.98 -53.10 4.85
C VAL A 351 -4.39 -53.61 5.09
N ASP A 352 -4.49 -54.91 5.37
CA ASP A 352 -5.79 -55.55 5.46
C ASP A 352 -6.54 -55.09 6.71
N ALA A 353 -7.76 -55.62 6.87
CA ALA A 353 -8.63 -55.15 7.95
C ALA A 353 -8.24 -55.74 9.29
N ASP A 354 -7.43 -56.80 9.30
CA ASP A 354 -6.92 -57.33 10.55
C ASP A 354 -5.61 -56.69 10.96
N LYS A 355 -5.11 -55.73 10.21
CA LYS A 355 -3.90 -54.98 10.57
C LYS A 355 -4.21 -53.68 11.29
N VAL A 356 -5.48 -53.34 11.50
CA VAL A 356 -5.86 -52.04 12.03
C VAL A 356 -6.86 -52.22 13.17
N MET A 357 -7.08 -51.14 13.89
CA MET A 357 -8.02 -51.10 15.02
C MET A 357 -9.04 -50.01 14.75
N ILE A 358 -10.31 -50.38 14.70
CA ILE A 358 -11.39 -49.46 14.38
C ILE A 358 -12.14 -49.15 15.67
N THR A 359 -12.04 -47.91 16.13
CA THR A 359 -12.70 -47.49 17.36
C THR A 359 -14.18 -47.22 17.11
N ASN A 360 -14.98 -47.39 18.16
CA ASN A 360 -16.42 -47.21 18.09
C ASN A 360 -16.90 -46.26 19.19
N GLU A 361 -17.85 -45.40 18.84
CA GLU A 361 -18.39 -44.40 19.74
C GLU A 361 -19.65 -44.85 20.47
N GLU A 362 -20.02 -46.14 20.36
CA GLU A 362 -21.36 -46.60 20.66
C GLU A 362 -21.88 -46.16 22.03
N GLU A 363 -20.99 -45.80 22.96
CA GLU A 363 -21.45 -45.33 24.26
C GLU A 363 -22.31 -44.08 24.17
N ILE A 364 -22.16 -43.28 23.11
CA ILE A 364 -22.86 -42.01 23.00
C ILE A 364 -24.16 -42.19 22.23
N LYS A 365 -24.50 -43.44 21.92
CA LYS A 365 -25.73 -43.72 21.19
C LYS A 365 -26.98 -43.15 21.86
N THR A 366 -26.92 -42.92 23.17
CA THR A 366 -28.08 -42.43 23.90
C THR A 366 -28.44 -41.00 23.52
N THR A 367 -27.46 -40.09 23.52
CA THR A 367 -27.71 -38.71 23.17
C THR A 367 -27.46 -38.37 21.70
N ASN A 368 -26.84 -39.26 20.94
CA ASN A 368 -26.43 -38.88 19.60
C ASN A 368 -27.00 -39.83 18.54
N PRO A 369 -27.39 -39.30 17.39
CA PRO A 369 -27.85 -40.18 16.31
C PRO A 369 -26.71 -41.00 15.71
N VAL A 370 -27.10 -42.04 14.97
CA VAL A 370 -26.12 -42.92 14.34
C VAL A 370 -25.55 -42.23 13.11
N ALA A 371 -24.24 -42.41 12.89
CA ALA A 371 -23.58 -41.73 11.79
C ALA A 371 -24.12 -42.19 10.44
N THR A 372 -24.49 -43.47 10.35
CA THR A 372 -24.95 -44.01 9.06
C THR A 372 -26.41 -43.67 8.80
N GLU A 373 -27.22 -43.56 9.85
CA GLU A 373 -28.64 -43.28 9.69
C GLU A 373 -28.89 -41.78 9.51
N SER A 374 -30.00 -41.46 8.87
CA SER A 374 -30.43 -40.08 8.74
C SER A 374 -30.83 -39.51 10.11
N TYR A 375 -30.85 -38.18 10.20
CA TYR A 375 -31.28 -37.54 11.43
C TYR A 375 -32.78 -37.72 11.65
N GLY A 376 -33.57 -37.62 10.59
CA GLY A 376 -35.01 -37.75 10.73
C GLY A 376 -35.72 -37.36 9.45
N GLN A 377 -36.98 -37.00 9.59
CA GLN A 377 -37.84 -36.66 8.46
C GLN A 377 -38.54 -35.33 8.72
N VAL A 378 -38.72 -34.56 7.63
CA VAL A 378 -39.48 -33.33 7.65
C VAL A 378 -40.60 -33.47 6.63
N ALA A 379 -41.61 -32.61 6.76
CA ALA A 379 -42.67 -32.56 5.78
C ALA A 379 -42.22 -31.74 4.58
N THR A 380 -42.41 -32.28 3.38
CA THR A 380 -42.00 -31.60 2.16
C THR A 380 -43.14 -30.89 1.43
N ASN A 381 -44.36 -30.92 1.93
CA ASN A 381 -45.44 -30.22 1.23
C ASN A 381 -46.60 -29.95 2.21
N HIS A 382 -47.64 -29.32 1.70
CA HIS A 382 -48.92 -29.17 2.40
C HIS A 382 -49.86 -30.25 1.92
N GLN A 383 -50.51 -30.93 2.86
CA GLN A 383 -51.55 -31.88 2.49
C GLN A 383 -52.83 -31.15 2.09
N SER A 384 -53.66 -31.84 1.32
CA SER A 384 -54.93 -31.30 0.86
C SER A 384 -55.75 -32.46 0.31
N ALA A 385 -56.97 -32.17 -0.13
CA ALA A 385 -57.76 -33.19 -0.79
C ALA A 385 -57.09 -33.67 -2.06
N GLN A 386 -56.26 -32.82 -2.67
CA GLN A 386 -55.62 -33.11 -3.94
C GLN A 386 -54.19 -33.63 -3.79
N ALA A 387 -53.65 -33.72 -2.58
CA ALA A 387 -52.30 -34.24 -2.39
C ALA A 387 -52.18 -34.93 -1.04
N GLN A 388 -51.47 -36.05 -1.02
CA GLN A 388 -51.16 -36.73 0.23
C GLN A 388 -50.02 -36.05 0.97
N ALA A 389 -49.95 -36.28 2.27
CA ALA A 389 -48.83 -35.78 3.06
C ALA A 389 -47.53 -36.42 2.58
N GLN A 390 -46.56 -35.58 2.25
CA GLN A 390 -45.28 -36.02 1.74
C GLN A 390 -44.17 -35.63 2.70
N THR A 391 -43.11 -36.42 2.69
CA THR A 391 -41.99 -36.25 3.61
C THR A 391 -40.69 -36.31 2.83
N GLY A 392 -39.62 -35.94 3.51
CA GLY A 392 -38.28 -36.13 2.98
C GLY A 392 -37.31 -36.37 4.11
N TRP A 393 -36.20 -37.03 3.77
CA TRP A 393 -35.22 -37.39 4.78
C TRP A 393 -34.32 -36.19 5.10
N VAL A 394 -33.77 -36.18 6.31
CA VAL A 394 -32.76 -35.20 6.69
C VAL A 394 -31.43 -35.93 6.77
N GLN A 395 -30.57 -35.67 5.78
CA GLN A 395 -29.27 -36.35 5.77
C GLN A 395 -28.27 -35.64 6.68
N ASN A 396 -28.45 -34.34 6.89
CA ASN A 396 -27.61 -33.56 7.78
C ASN A 396 -28.47 -32.54 8.50
N GLN A 397 -28.17 -32.29 9.76
CA GLN A 397 -28.93 -31.34 10.56
C GLN A 397 -27.97 -30.46 11.33
N GLY A 398 -28.19 -29.14 11.27
CA GLY A 398 -27.41 -28.21 12.04
C GLY A 398 -27.84 -28.19 13.49
N ILE A 399 -27.46 -27.13 14.19
CA ILE A 399 -27.88 -26.97 15.57
C ILE A 399 -29.32 -26.47 15.61
N LEU A 400 -30.10 -27.00 16.54
CA LEU A 400 -31.46 -26.57 16.83
C LEU A 400 -31.58 -26.29 18.32
N PRO A 401 -32.44 -25.35 18.71
CA PRO A 401 -32.70 -25.15 20.14
C PRO A 401 -33.30 -26.42 20.75
N GLY A 402 -32.71 -26.85 21.85
CA GLY A 402 -33.12 -28.08 22.51
C GLY A 402 -32.20 -29.26 22.31
N MET A 403 -31.20 -29.17 21.43
CA MET A 403 -30.31 -30.28 21.19
C MET A 403 -29.31 -30.47 22.32
N VAL A 404 -29.01 -31.73 22.61
CA VAL A 404 -27.94 -32.12 23.52
C VAL A 404 -27.08 -33.14 22.81
N TRP A 405 -25.79 -33.17 23.14
CA TRP A 405 -24.90 -34.13 22.50
C TRP A 405 -23.68 -34.36 23.38
N GLN A 406 -23.03 -35.50 23.14
CA GLN A 406 -21.78 -35.86 23.78
C GLN A 406 -20.63 -35.74 22.77
N ASP A 407 -19.47 -35.34 23.25
CA ASP A 407 -18.31 -35.23 22.39
C ASP A 407 -17.76 -36.62 22.06
N ARG A 408 -16.75 -36.65 21.21
CA ARG A 408 -16.11 -37.91 20.87
C ARG A 408 -15.19 -38.33 22.01
N ASP A 409 -15.16 -39.63 22.28
CA ASP A 409 -14.43 -40.16 23.42
C ASP A 409 -12.92 -40.04 23.18
N VAL A 410 -12.17 -40.09 24.28
CA VAL A 410 -10.72 -40.02 24.22
C VAL A 410 -10.16 -41.43 24.45
N TYR A 411 -9.04 -41.71 23.81
CA TYR A 411 -8.44 -43.03 23.83
C TYR A 411 -6.99 -42.94 24.27
N LEU A 412 -6.50 -44.04 24.87
CA LEU A 412 -5.12 -44.06 25.34
C LEU A 412 -4.15 -43.74 24.22
N GLN A 413 -4.51 -44.07 22.99
CA GLN A 413 -3.73 -43.70 21.81
C GLN A 413 -4.21 -42.42 21.14
N GLY A 414 -5.18 -41.73 21.73
CA GLY A 414 -5.76 -40.56 21.11
C GLY A 414 -5.08 -39.27 21.51
N PRO A 415 -5.38 -38.20 20.77
CA PRO A 415 -4.80 -36.90 21.10
C PRO A 415 -5.43 -36.29 22.35
N ILE A 416 -4.61 -35.55 23.09
CA ILE A 416 -5.04 -34.92 24.34
C ILE A 416 -5.78 -33.62 24.06
N TRP A 417 -5.09 -32.67 23.45
CA TRP A 417 -5.64 -31.34 23.21
C TRP A 417 -5.56 -30.97 21.74
N ALA A 418 -6.25 -29.89 21.38
CA ALA A 418 -6.12 -29.26 20.08
C ALA A 418 -6.22 -27.76 20.26
N LYS A 419 -5.78 -27.03 19.24
CA LYS A 419 -5.79 -25.57 19.28
C LYS A 419 -7.01 -25.05 18.54
N ILE A 420 -7.67 -24.07 19.12
CA ILE A 420 -8.83 -23.46 18.47
C ILE A 420 -8.34 -22.37 17.53
N PRO A 421 -8.66 -22.43 16.24
CA PRO A 421 -8.18 -21.38 15.32
C PRO A 421 -8.66 -20.01 15.77
N HIS A 422 -7.93 -18.98 15.37
CA HIS A 422 -8.26 -17.62 15.77
C HIS A 422 -9.20 -17.07 14.72
N THR A 423 -10.47 -16.92 15.09
CA THR A 423 -11.51 -16.56 14.14
C THR A 423 -12.48 -15.61 14.84
N ASP A 424 -13.36 -15.01 14.05
CA ASP A 424 -14.42 -14.18 14.63
C ASP A 424 -15.37 -15.02 15.47
N GLY A 425 -15.65 -16.24 15.05
CA GLY A 425 -16.60 -17.06 15.78
C GLY A 425 -16.35 -18.55 15.61
N ASN A 426 -16.80 -19.29 16.61
CA ASN A 426 -16.72 -20.74 16.61
C ASN A 426 -17.81 -21.28 17.52
N PHE A 427 -18.23 -22.51 17.26
CA PHE A 427 -19.27 -23.13 18.05
C PHE A 427 -18.78 -24.45 18.61
N HIS A 428 -18.97 -24.63 19.92
CA HIS A 428 -18.58 -25.82 20.68
C HIS A 428 -17.19 -26.25 20.23
N PRO A 429 -16.17 -25.48 20.59
CA PRO A 429 -14.86 -25.61 19.96
C PRO A 429 -14.15 -26.95 20.16
N SER A 430 -14.66 -27.82 21.03
CA SER A 430 -14.02 -29.10 21.27
C SER A 430 -13.69 -29.80 19.94
N PRO A 431 -12.46 -30.28 19.75
CA PRO A 431 -12.06 -30.82 18.45
C PRO A 431 -12.77 -32.12 18.14
N LEU A 432 -12.98 -32.36 16.84
CA LEU A 432 -13.77 -33.50 16.42
C LEU A 432 -13.00 -34.81 16.53
N MET A 433 -11.68 -34.79 16.53
CA MET A 433 -10.94 -36.03 16.76
C MET A 433 -10.92 -36.43 18.22
N GLY A 434 -11.42 -35.59 19.12
CA GLY A 434 -11.39 -35.84 20.53
C GLY A 434 -10.38 -34.96 21.25
N GLY A 435 -10.59 -34.79 22.54
CA GLY A 435 -9.70 -34.01 23.37
C GLY A 435 -10.25 -32.64 23.73
N PHE A 436 -9.37 -31.82 24.30
CA PHE A 436 -9.72 -30.53 24.88
C PHE A 436 -9.31 -29.42 23.92
N GLY A 437 -10.29 -28.71 23.37
CA GLY A 437 -10.02 -27.55 22.55
C GLY A 437 -9.59 -26.37 23.41
N MET A 438 -8.53 -25.69 22.96
CA MET A 438 -7.95 -24.60 23.72
C MET A 438 -7.51 -23.51 22.75
N LYS A 439 -7.83 -22.26 23.08
CA LYS A 439 -7.32 -21.14 22.30
C LYS A 439 -5.84 -20.88 22.59
N HIS A 440 -5.38 -21.21 23.79
CA HIS A 440 -3.97 -21.15 24.15
C HIS A 440 -3.58 -22.52 24.67
N PRO A 441 -3.31 -23.47 23.80
CA PRO A 441 -2.92 -24.81 24.23
C PRO A 441 -1.47 -24.84 24.65
N PRO A 442 -0.95 -25.98 25.10
CA PRO A 442 0.48 -26.06 25.42
C PRO A 442 1.33 -25.67 24.22
N PRO A 443 2.33 -24.81 24.43
CA PRO A 443 3.05 -24.24 23.29
C PRO A 443 3.92 -25.27 22.58
N GLN A 444 4.13 -25.02 21.29
CA GLN A 444 5.10 -25.78 20.53
C GLN A 444 6.50 -25.57 21.10
N ILE A 445 7.27 -26.65 21.17
CA ILE A 445 8.65 -26.60 21.61
C ILE A 445 9.50 -26.94 20.39
N LEU A 446 10.17 -25.94 19.84
CA LEU A 446 10.98 -26.14 18.64
C LEU A 446 12.43 -26.29 19.04
N ILE A 447 13.15 -27.16 18.33
CA ILE A 447 14.53 -27.50 18.68
C ILE A 447 15.31 -27.77 17.39
N LYS A 448 16.58 -27.40 17.38
CA LYS A 448 17.48 -27.78 16.30
C LYS A 448 18.89 -27.83 16.84
N ASN A 449 19.78 -28.47 16.08
CA ASN A 449 21.20 -28.41 16.34
C ASN A 449 21.79 -27.19 15.64
N THR A 450 22.62 -26.45 16.36
CA THR A 450 23.30 -25.33 15.74
C THR A 450 24.26 -25.86 14.69
N PRO A 451 24.22 -25.37 13.46
CA PRO A 451 25.13 -25.87 12.43
C PRO A 451 26.56 -25.48 12.74
N VAL A 452 27.47 -26.43 12.56
CA VAL A 452 28.89 -26.17 12.75
C VAL A 452 29.59 -26.29 11.40
N PRO A 453 30.16 -25.22 10.87
CA PRO A 453 30.74 -25.28 9.53
C PRO A 453 32.06 -26.03 9.51
N ALA A 454 32.29 -26.72 8.39
CA ALA A 454 33.57 -27.38 8.19
C ALA A 454 34.64 -26.34 7.85
N ASP A 455 35.82 -26.80 7.50
CA ASP A 455 36.92 -25.88 7.25
C ASP A 455 36.56 -24.92 6.12
N PRO A 456 36.48 -23.62 6.38
CA PRO A 456 36.15 -22.67 5.34
C PRO A 456 37.34 -22.41 4.44
N PRO A 457 37.14 -21.84 3.26
CA PRO A 457 38.27 -21.49 2.40
C PRO A 457 39.15 -20.44 3.06
N THR A 458 40.38 -20.34 2.56
CA THR A 458 41.36 -19.42 3.11
C THR A 458 41.39 -18.08 2.39
N ALA A 459 40.52 -17.88 1.41
CA ALA A 459 40.30 -16.59 0.79
C ALA A 459 38.80 -16.30 0.78
N PHE A 460 38.43 -15.05 1.05
CA PHE A 460 37.03 -14.74 1.34
C PHE A 460 36.14 -15.02 0.14
N ASN A 461 35.09 -15.79 0.38
CA ASN A 461 34.07 -16.08 -0.61
C ASN A 461 32.72 -15.69 -0.02
N LYS A 462 32.04 -14.75 -0.67
CA LYS A 462 30.86 -14.12 -0.09
C LYS A 462 29.67 -15.06 0.03
N ASP A 463 29.71 -16.23 -0.60
CA ASP A 463 28.61 -17.17 -0.51
C ASP A 463 28.46 -17.68 0.92
N LYS A 464 27.26 -18.11 1.26
CA LYS A 464 27.03 -18.77 2.53
C LYS A 464 27.72 -20.12 2.53
N LEU A 465 27.95 -20.66 3.72
CA LEU A 465 28.73 -21.88 3.86
C LEU A 465 27.82 -23.09 3.75
N ASN A 466 28.01 -23.91 2.72
CA ASN A 466 27.20 -25.10 2.48
C ASN A 466 27.84 -26.38 2.98
N SER A 467 29.02 -26.32 3.59
CA SER A 467 29.73 -27.51 4.06
C SER A 467 29.79 -27.51 5.58
N PHE A 468 29.09 -28.47 6.20
CA PHE A 468 29.01 -28.54 7.64
C PHE A 468 29.51 -29.89 8.15
N ILE A 469 29.81 -29.91 9.43
CA ILE A 469 30.23 -31.13 10.11
C ILE A 469 29.00 -31.97 10.40
N THR A 470 29.00 -33.22 9.94
CA THR A 470 27.88 -34.11 10.21
C THR A 470 27.70 -34.28 11.71
N GLN A 471 26.47 -34.10 12.19
CA GLN A 471 26.28 -33.90 13.62
C GLN A 471 24.88 -34.33 14.01
N TYR A 472 24.73 -34.76 15.26
CA TYR A 472 23.42 -35.01 15.84
C TYR A 472 23.55 -34.93 17.35
N SER A 473 22.42 -34.76 18.03
CA SER A 473 22.42 -34.60 19.47
C SER A 473 21.42 -35.55 20.10
N THR A 474 21.74 -35.97 21.32
CA THR A 474 20.85 -36.79 22.11
C THR A 474 20.70 -36.15 23.49
N GLY A 475 19.69 -36.59 24.22
CA GLY A 475 19.44 -36.03 25.53
C GLY A 475 18.23 -36.65 26.17
N GLN A 476 17.69 -35.96 27.18
CA GLN A 476 16.59 -36.45 27.97
C GLN A 476 15.47 -35.43 27.99
N VAL A 477 14.23 -35.94 27.93
CA VAL A 477 13.02 -35.14 28.08
C VAL A 477 12.25 -35.66 29.28
N SER A 478 11.70 -34.76 30.07
CA SER A 478 10.74 -35.11 31.11
C SER A 478 9.62 -34.08 31.13
N VAL A 479 8.38 -34.57 31.07
CA VAL A 479 7.20 -33.73 31.01
C VAL A 479 6.22 -34.17 32.09
N GLU A 480 5.77 -33.22 32.91
CA GLU A 480 4.88 -33.48 34.02
C GLU A 480 3.56 -32.77 33.79
N ILE A 481 2.46 -33.46 34.06
CA ILE A 481 1.13 -32.87 33.97
C ILE A 481 0.36 -33.14 35.25
N VAL B 218 -31.33 -17.80 35.88
CA VAL B 218 -32.03 -18.07 34.63
C VAL B 218 -32.49 -16.76 33.98
N PRO B 219 -32.64 -16.77 32.67
CA PRO B 219 -33.18 -15.59 31.99
C PRO B 219 -34.66 -15.44 32.28
N PHE B 220 -35.09 -14.18 32.39
CA PHE B 220 -36.52 -13.92 32.50
C PHE B 220 -37.26 -14.50 31.32
N HIS B 221 -38.43 -15.09 31.55
CA HIS B 221 -39.20 -15.58 30.42
C HIS B 221 -39.79 -14.33 29.79
N SER B 222 -39.71 -14.21 28.48
CA SER B 222 -40.27 -13.04 27.81
C SER B 222 -41.77 -13.22 27.63
N SER B 223 -42.53 -12.22 28.06
CA SER B 223 -43.99 -12.29 27.93
C SER B 223 -44.51 -11.03 27.28
N TYR B 224 -44.24 -10.92 25.98
CA TYR B 224 -44.67 -9.79 25.19
C TYR B 224 -44.71 -10.20 23.73
N ALA B 225 -45.42 -9.43 22.91
CA ALA B 225 -45.49 -9.72 21.49
C ALA B 225 -44.86 -8.57 20.73
N HIS B 226 -43.93 -8.87 19.84
CA HIS B 226 -43.27 -7.83 19.07
C HIS B 226 -44.26 -7.11 18.17
N SER B 227 -44.14 -5.79 18.12
CA SER B 227 -45.00 -4.99 17.26
C SER B 227 -44.31 -4.74 15.91
N GLN B 228 -43.08 -5.24 15.77
CA GLN B 228 -42.31 -5.09 14.54
C GLN B 228 -41.86 -6.41 13.95
N SER B 229 -42.07 -6.58 12.64
CA SER B 229 -41.61 -7.77 11.96
C SER B 229 -40.12 -7.66 11.70
N LEU B 230 -39.45 -8.81 11.54
CA LEU B 230 -38.01 -8.82 11.30
C LEU B 230 -37.63 -8.14 10.00
N ASP B 231 -38.46 -8.30 8.98
CA ASP B 231 -38.19 -7.71 7.68
C ASP B 231 -38.68 -6.27 7.51
N ARG B 232 -39.28 -5.70 8.55
CA ARG B 232 -39.77 -4.33 8.48
C ARG B 232 -39.18 -3.45 9.58
N LEU B 233 -37.86 -3.44 9.72
CA LEU B 233 -37.22 -2.59 10.72
C LEU B 233 -36.65 -1.32 10.09
N MET B 234 -36.84 -1.19 8.80
CA MET B 234 -36.34 -0.06 8.02
C MET B 234 -37.13 1.22 8.21
N ASN B 235 -36.50 2.35 7.87
CA ASN B 235 -37.13 3.65 7.91
C ASN B 235 -37.83 3.69 6.58
N PRO B 236 -39.16 3.75 6.58
CA PRO B 236 -39.91 3.71 5.30
C PRO B 236 -39.68 4.92 4.41
N LEU B 237 -39.10 6.00 4.94
CA LEU B 237 -39.08 7.25 4.18
C LEU B 237 -37.79 7.42 3.38
N ILE B 238 -36.81 6.57 3.59
CA ILE B 238 -35.46 6.82 3.09
C ILE B 238 -35.02 5.68 2.17
N ASP B 239 -34.27 6.02 1.14
CA ASP B 239 -33.59 5.02 0.33
C ASP B 239 -32.40 4.46 1.09
N GLN B 240 -31.95 3.28 0.67
CA GLN B 240 -30.70 2.73 1.16
C GLN B 240 -29.58 3.07 0.20
N TYR B 241 -28.38 3.26 0.75
CA TYR B 241 -27.22 3.45 -0.12
C TYR B 241 -26.78 2.14 -0.77
N LEU B 242 -27.39 1.03 -0.40
CA LEU B 242 -27.08 -0.25 -1.02
C LEU B 242 -27.81 -0.42 -2.34
N TYR B 243 -27.24 -1.23 -3.21
CA TYR B 243 -27.80 -1.56 -4.51
C TYR B 243 -28.06 -3.06 -4.61
N TYR B 244 -28.93 -3.41 -5.56
CA TYR B 244 -29.26 -4.79 -5.84
C TYR B 244 -29.40 -4.94 -7.35
N LEU B 245 -29.20 -6.15 -7.84
CA LEU B 245 -29.30 -6.36 -9.29
C LEU B 245 -30.78 -6.43 -9.64
N SER B 246 -31.26 -5.47 -10.42
CA SER B 246 -32.67 -5.48 -10.75
C SER B 246 -32.98 -6.07 -12.13
N LYS B 247 -32.07 -5.91 -13.08
CA LYS B 247 -32.32 -6.41 -14.42
C LYS B 247 -31.21 -7.30 -14.97
N THR B 248 -31.57 -8.47 -15.51
CA THR B 248 -30.57 -9.34 -16.12
C THR B 248 -30.69 -9.34 -17.64
N ILE B 249 -31.83 -8.89 -18.17
CA ILE B 249 -32.06 -8.82 -19.61
C ILE B 249 -32.99 -7.67 -19.98
N ASN B 250 -32.76 -7.10 -21.16
CA ASN B 250 -33.59 -6.06 -21.71
C ASN B 250 -34.88 -6.78 -22.14
N GLY B 251 -34.71 -7.98 -22.69
CA GLY B 251 -35.81 -8.85 -23.07
C GLY B 251 -36.33 -8.99 -24.49
N SER B 252 -36.97 -10.14 -24.69
CA SER B 252 -37.61 -10.54 -25.94
C SER B 252 -36.73 -10.64 -27.18
N GLY B 253 -35.47 -11.01 -26.99
CA GLY B 253 -34.56 -11.17 -28.10
C GLY B 253 -33.36 -12.02 -27.74
N GLN B 254 -32.67 -12.54 -28.75
CA GLN B 254 -31.45 -13.31 -28.48
C GLN B 254 -30.37 -12.31 -28.11
N ASN B 255 -29.46 -12.76 -27.23
CA ASN B 255 -28.32 -11.99 -26.73
C ASN B 255 -28.67 -10.72 -25.97
N GLN B 256 -29.87 -10.64 -25.42
CA GLN B 256 -30.28 -9.46 -24.65
C GLN B 256 -29.84 -9.63 -23.21
N GLN B 257 -28.54 -9.48 -22.96
CA GLN B 257 -27.98 -9.66 -21.64
C GLN B 257 -27.37 -8.38 -21.11
N THR B 258 -27.64 -8.09 -19.83
CA THR B 258 -27.11 -6.89 -19.20
C THR B 258 -27.23 -6.93 -17.69
N LEU B 259 -26.50 -6.05 -17.03
CA LEU B 259 -26.59 -5.89 -15.58
C LEU B 259 -27.08 -4.49 -15.29
N LYS B 260 -28.30 -4.40 -14.76
CA LYS B 260 -28.85 -3.14 -14.28
C LYS B 260 -29.04 -3.25 -12.78
N PHE B 261 -28.66 -2.20 -12.07
CA PHE B 261 -28.74 -2.16 -10.62
C PHE B 261 -29.64 -1.02 -10.20
N SER B 262 -30.23 -1.13 -9.02
CA SER B 262 -31.16 -0.12 -8.53
C SER B 262 -30.97 0.09 -7.04
N VAL B 263 -31.46 1.22 -6.55
CA VAL B 263 -31.38 1.52 -5.12
C VAL B 263 -32.48 0.75 -4.39
N ALA B 264 -32.08 -0.01 -3.39
CA ALA B 264 -33.05 -0.60 -2.47
C ALA B 264 -33.72 0.52 -1.69
N GLY B 265 -35.04 0.53 -1.66
CA GLY B 265 -35.77 1.65 -1.14
C GLY B 265 -37.16 1.29 -0.66
N PRO B 266 -37.95 2.30 -0.33
CA PRO B 266 -39.29 2.03 0.20
C PRO B 266 -40.20 1.31 -0.78
N SER B 267 -40.03 1.54 -2.08
CA SER B 267 -40.97 0.99 -3.06
C SER B 267 -40.77 -0.51 -3.23
N ASN B 268 -39.55 -0.99 -3.15
CA ASN B 268 -39.27 -2.42 -3.13
C ASN B 268 -38.56 -2.73 -1.81
N MET B 269 -39.29 -3.35 -0.88
CA MET B 269 -38.76 -3.66 0.43
C MET B 269 -38.32 -5.10 0.59
N ALA B 270 -38.53 -5.95 -0.41
CA ALA B 270 -38.13 -7.35 -0.28
C ALA B 270 -36.66 -7.56 -0.55
N VAL B 271 -36.02 -6.63 -1.27
CA VAL B 271 -34.63 -6.80 -1.70
C VAL B 271 -33.64 -6.08 -0.80
N GLN B 272 -34.10 -5.38 0.23
CA GLN B 272 -33.18 -4.55 0.99
C GLN B 272 -32.26 -5.40 1.83
N GLY B 273 -31.07 -4.86 2.09
CA GLY B 273 -30.14 -5.52 2.99
C GLY B 273 -30.63 -5.47 4.42
N ARG B 274 -30.41 -6.56 5.14
CA ARG B 274 -30.85 -6.68 6.53
C ARG B 274 -29.75 -7.31 7.36
N ASN B 275 -29.68 -6.92 8.63
CA ASN B 275 -28.65 -7.39 9.53
C ASN B 275 -29.00 -8.68 10.25
N TYR B 276 -30.25 -9.10 10.21
CA TYR B 276 -30.67 -10.25 11.00
C TYR B 276 -31.75 -11.01 10.25
N ILE B 277 -31.82 -12.31 10.51
CA ILE B 277 -32.69 -13.22 9.77
C ILE B 277 -33.43 -14.08 10.78
N PRO B 278 -34.59 -14.61 10.43
CA PRO B 278 -35.43 -15.32 11.40
C PRO B 278 -34.81 -16.63 11.86
N GLY B 279 -35.36 -17.16 12.94
CA GLY B 279 -34.81 -18.31 13.61
C GLY B 279 -34.89 -19.60 12.80
N PRO B 280 -34.30 -20.66 13.36
CA PRO B 280 -34.16 -22.02 12.82
C PRO B 280 -35.49 -22.75 12.74
N SER B 281 -35.65 -23.63 11.78
CA SER B 281 -36.90 -24.34 11.63
C SER B 281 -36.83 -25.79 11.19
N TYR B 282 -37.84 -26.56 11.62
CA TYR B 282 -37.99 -27.95 11.23
C TYR B 282 -39.44 -28.01 10.76
N ARG B 283 -39.67 -28.51 9.56
CA ARG B 283 -41.03 -28.55 9.02
C ARG B 283 -42.03 -29.49 9.68
N GLN B 284 -43.30 -29.10 9.62
CA GLN B 284 -44.42 -29.86 10.16
C GLN B 284 -45.49 -29.91 9.09
N GLN B 285 -46.35 -30.92 9.10
CA GLN B 285 -47.41 -30.99 8.11
C GLN B 285 -48.54 -30.07 8.56
N ARG B 286 -49.08 -29.28 7.64
CA ARG B 286 -50.16 -28.38 7.99
C ARG B 286 -51.46 -29.15 8.16
N VAL B 287 -52.18 -28.89 9.25
CA VAL B 287 -53.45 -29.57 9.50
C VAL B 287 -54.57 -28.55 9.73
N GLY B 303 -46.86 -39.29 7.99
CA GLY B 303 -46.49 -37.92 7.62
C GLY B 303 -45.89 -37.10 8.73
N ALA B 304 -45.74 -37.70 9.92
CA ALA B 304 -45.18 -36.99 11.05
C ALA B 304 -43.67 -36.77 11.03
N SER B 305 -43.24 -35.57 11.40
CA SER B 305 -41.82 -35.24 11.52
C SER B 305 -41.22 -35.98 12.70
N SER B 306 -40.01 -36.52 12.52
CA SER B 306 -39.48 -37.46 13.49
C SER B 306 -37.96 -37.32 13.59
N TRP B 307 -37.43 -37.89 14.67
CA TRP B 307 -36.00 -37.99 14.89
C TRP B 307 -35.65 -39.39 15.39
N ALA B 308 -34.65 -39.99 14.77
CA ALA B 308 -34.23 -41.36 15.06
C ALA B 308 -33.17 -41.36 16.15
N LEU B 309 -33.33 -42.23 17.13
CA LEU B 309 -32.34 -42.42 18.18
C LEU B 309 -32.14 -43.90 18.40
N ASN B 310 -30.92 -44.38 18.17
CA ASN B 310 -30.57 -45.79 18.33
C ASN B 310 -31.47 -46.68 17.47
N GLY B 311 -31.87 -46.16 16.32
CA GLY B 311 -32.71 -46.89 15.38
C GLY B 311 -34.20 -46.73 15.61
N ARG B 312 -34.60 -46.28 16.79
CA ARG B 312 -36.01 -46.13 17.14
C ARG B 312 -36.49 -44.73 16.79
N ASN B 313 -37.50 -44.66 15.93
CA ASN B 313 -38.10 -43.39 15.53
C ASN B 313 -38.82 -42.76 16.71
N SER B 314 -38.89 -41.44 16.72
CA SER B 314 -39.62 -40.69 17.74
C SER B 314 -40.28 -39.47 17.10
N LEU B 315 -41.54 -39.24 17.44
CA LEU B 315 -42.24 -38.05 16.98
C LEU B 315 -41.51 -36.80 17.49
N MET B 316 -41.54 -35.74 16.70
CA MET B 316 -40.93 -34.47 17.09
C MET B 316 -42.02 -33.65 17.78
N ASN B 317 -41.94 -33.58 19.11
CA ASN B 317 -42.95 -32.85 19.88
C ASN B 317 -42.29 -32.16 21.07
N PRO B 318 -42.64 -30.89 21.31
CA PRO B 318 -43.34 -29.97 20.41
C PRO B 318 -42.45 -29.53 19.25
N GLY B 319 -41.14 -29.74 19.41
CA GLY B 319 -40.18 -29.34 18.40
C GLY B 319 -39.68 -27.93 18.65
N PRO B 320 -38.94 -27.38 17.69
CA PRO B 320 -38.50 -25.99 17.82
C PRO B 320 -39.68 -25.03 17.82
N ALA B 321 -39.48 -23.88 18.43
CA ALA B 321 -40.51 -22.85 18.48
C ALA B 321 -40.67 -22.23 17.10
N MET B 322 -41.89 -22.27 16.56
CA MET B 322 -42.20 -21.71 15.26
C MET B 322 -43.62 -21.16 15.28
N ALA B 323 -43.91 -20.30 14.31
CA ALA B 323 -45.27 -19.76 14.20
C ALA B 323 -46.23 -20.87 13.81
N SER B 324 -47.39 -20.91 14.47
CA SER B 324 -48.34 -21.98 14.23
C SER B 324 -48.93 -21.92 12.82
N HIS B 325 -49.18 -20.72 12.31
CA HIS B 325 -49.78 -20.58 10.99
C HIS B 325 -49.49 -19.20 10.44
N LYS B 326 -49.60 -19.08 9.12
CA LYS B 326 -49.46 -17.77 8.48
C LYS B 326 -50.63 -16.86 8.87
N GLU B 327 -50.35 -15.56 8.86
CA GLU B 327 -51.35 -14.58 9.25
C GLU B 327 -52.52 -14.57 8.28
N GLY B 328 -53.73 -14.56 8.83
CA GLY B 328 -54.95 -14.61 8.05
C GLY B 328 -55.62 -15.96 8.01
N GLU B 329 -54.89 -17.05 8.23
CA GLU B 329 -55.45 -18.39 8.29
C GLU B 329 -55.24 -18.91 9.71
N ASP B 330 -56.31 -18.96 10.49
CA ASP B 330 -56.25 -19.44 11.85
C ASP B 330 -56.70 -20.89 12.00
N ARG B 331 -57.15 -21.52 10.92
CA ARG B 331 -57.65 -22.89 11.02
C ARG B 331 -56.55 -23.93 11.05
N PHE B 332 -55.42 -23.67 10.39
CA PHE B 332 -54.35 -24.63 10.28
C PHE B 332 -53.50 -24.62 11.54
N PHE B 333 -52.95 -25.78 11.89
CA PHE B 333 -52.01 -25.90 12.99
C PHE B 333 -50.97 -26.96 12.63
N PRO B 334 -49.77 -26.87 13.20
CA PRO B 334 -48.77 -27.92 12.94
C PRO B 334 -49.21 -29.26 13.50
N LEU B 335 -48.87 -30.31 12.76
CA LEU B 335 -49.29 -31.67 13.10
C LEU B 335 -48.83 -32.05 14.50
N SER B 336 -47.66 -31.57 14.90
CA SER B 336 -47.14 -31.84 16.23
C SER B 336 -46.05 -30.83 16.59
N THR B 359 -53.30 -25.03 21.05
CA THR B 359 -52.71 -23.73 21.30
C THR B 359 -51.99 -23.18 20.07
N ASN B 360 -51.78 -21.87 20.04
CA ASN B 360 -51.08 -21.22 18.94
C ASN B 360 -49.97 -20.33 19.49
N GLU B 361 -48.85 -20.34 18.79
CA GLU B 361 -47.67 -19.56 19.15
C GLU B 361 -47.61 -18.21 18.44
N GLU B 362 -48.68 -17.82 17.74
CA GLU B 362 -48.58 -16.84 16.66
C GLU B 362 -47.91 -15.54 17.06
N GLU B 363 -47.76 -15.26 18.37
CA GLU B 363 -47.07 -14.06 18.78
C GLU B 363 -45.63 -14.02 18.27
N ILE B 364 -45.07 -15.17 17.94
CA ILE B 364 -43.65 -15.28 17.61
C ILE B 364 -43.43 -15.22 16.10
N LYS B 365 -44.51 -15.03 15.34
CA LYS B 365 -44.37 -14.99 13.88
C LYS B 365 -43.54 -13.81 13.39
N THR B 366 -43.17 -12.88 14.27
CA THR B 366 -42.33 -11.78 13.84
C THR B 366 -40.88 -12.22 13.67
N THR B 367 -40.32 -12.92 14.65
CA THR B 367 -38.95 -13.41 14.57
C THR B 367 -38.82 -14.87 14.16
N ASN B 368 -39.92 -15.60 13.99
CA ASN B 368 -39.80 -17.03 13.75
C ASN B 368 -40.52 -17.43 12.47
N PRO B 369 -40.00 -18.42 11.76
CA PRO B 369 -40.67 -18.87 10.54
C PRO B 369 -41.91 -19.70 10.86
N VAL B 370 -42.89 -19.62 9.97
CA VAL B 370 -44.10 -20.42 10.09
C VAL B 370 -43.73 -21.89 10.10
N ALA B 371 -44.37 -22.65 11.00
CA ALA B 371 -43.99 -24.05 11.20
C ALA B 371 -44.17 -24.88 9.94
N THR B 372 -45.25 -24.64 9.19
CA THR B 372 -45.59 -25.46 8.04
C THR B 372 -45.05 -24.91 6.73
N GLU B 373 -44.24 -23.86 6.79
CA GLU B 373 -43.66 -23.23 5.61
C GLU B 373 -42.16 -23.54 5.52
N SER B 374 -41.66 -23.60 4.30
CA SER B 374 -40.23 -23.75 4.09
C SER B 374 -39.50 -22.52 4.59
N TYR B 375 -38.28 -22.74 5.09
CA TYR B 375 -37.46 -21.62 5.57
C TYR B 375 -37.16 -20.66 4.42
N GLY B 376 -36.93 -21.17 3.23
CA GLY B 376 -36.66 -20.32 2.10
C GLY B 376 -36.12 -21.12 0.92
N GLN B 377 -35.41 -20.42 0.05
CA GLN B 377 -34.87 -20.99 -1.18
C GLN B 377 -33.37 -20.80 -1.24
N VAL B 378 -32.70 -21.73 -1.90
CA VAL B 378 -31.27 -21.67 -2.17
C VAL B 378 -31.04 -22.10 -3.60
N ALA B 379 -30.04 -21.48 -4.23
CA ALA B 379 -29.61 -21.92 -5.55
C ALA B 379 -29.12 -23.36 -5.48
N THR B 380 -29.52 -24.16 -6.45
CA THR B 380 -28.98 -25.52 -6.59
C THR B 380 -27.96 -25.68 -7.70
N ASN B 381 -27.62 -24.62 -8.45
CA ASN B 381 -26.70 -24.78 -9.57
C ASN B 381 -26.04 -23.46 -9.91
N HIS B 382 -24.99 -23.54 -10.74
CA HIS B 382 -24.41 -22.39 -11.41
C HIS B 382 -25.12 -22.18 -12.74
N GLN B 383 -25.67 -20.99 -12.94
CA GLN B 383 -26.20 -20.63 -14.23
C GLN B 383 -25.07 -20.48 -15.26
N SER B 384 -25.45 -20.50 -16.53
CA SER B 384 -24.56 -20.14 -17.62
C SER B 384 -25.43 -19.78 -18.81
N ALA B 385 -24.80 -19.44 -19.92
CA ALA B 385 -25.57 -19.21 -21.14
C ALA B 385 -26.31 -20.47 -21.55
N GLN B 386 -25.78 -21.65 -21.19
CA GLN B 386 -26.45 -22.90 -21.53
C GLN B 386 -27.54 -23.26 -20.53
N ALA B 387 -27.29 -23.07 -19.24
CA ALA B 387 -28.17 -23.57 -18.19
C ALA B 387 -28.84 -22.42 -17.44
N GLN B 388 -30.16 -22.50 -17.31
CA GLN B 388 -30.90 -21.52 -16.52
C GLN B 388 -30.68 -21.74 -15.04
N ALA B 389 -30.97 -20.69 -14.26
CA ALA B 389 -30.80 -20.76 -12.82
C ALA B 389 -31.85 -21.67 -12.18
N GLN B 390 -31.43 -22.41 -11.16
CA GLN B 390 -32.31 -23.29 -10.41
C GLN B 390 -32.22 -22.99 -8.93
N THR B 391 -33.32 -23.23 -8.22
CA THR B 391 -33.37 -23.12 -6.78
C THR B 391 -33.98 -24.40 -6.22
N GLY B 392 -34.04 -24.47 -4.89
CA GLY B 392 -34.72 -25.56 -4.23
C GLY B 392 -35.13 -25.12 -2.83
N TRP B 393 -36.19 -25.73 -2.33
CA TRP B 393 -36.78 -25.26 -1.08
C TRP B 393 -35.99 -25.83 0.10
N VAL B 394 -35.81 -25.01 1.13
CA VAL B 394 -35.13 -25.44 2.35
C VAL B 394 -36.21 -25.93 3.32
N GLN B 395 -36.22 -27.24 3.57
CA GLN B 395 -37.26 -27.79 4.43
C GLN B 395 -36.85 -27.79 5.90
N ASN B 396 -35.56 -27.63 6.18
CA ASN B 396 -35.09 -27.47 7.54
C ASN B 396 -33.80 -26.66 7.52
N GLN B 397 -33.64 -25.80 8.51
CA GLN B 397 -32.45 -24.95 8.62
C GLN B 397 -31.97 -24.95 10.05
N GLY B 398 -30.75 -25.44 10.27
CA GLY B 398 -30.12 -25.30 11.55
C GLY B 398 -29.71 -23.86 11.79
N ILE B 399 -29.08 -23.65 12.94
CA ILE B 399 -28.64 -22.31 13.30
C ILE B 399 -27.68 -21.76 12.26
N LEU B 400 -27.84 -20.46 11.97
CA LEU B 400 -26.88 -19.67 11.21
C LEU B 400 -26.50 -18.46 12.04
N PRO B 401 -25.31 -17.91 11.84
CA PRO B 401 -24.97 -16.66 12.50
C PRO B 401 -25.92 -15.55 12.06
N GLY B 402 -26.27 -14.67 13.00
CA GLY B 402 -27.17 -13.58 12.71
C GLY B 402 -28.63 -13.90 12.90
N MET B 403 -28.98 -15.10 13.34
CA MET B 403 -30.36 -15.45 13.59
C MET B 403 -30.83 -14.89 14.93
N VAL B 404 -32.13 -14.65 15.02
CA VAL B 404 -32.80 -14.34 16.27
C VAL B 404 -34.11 -15.10 16.30
N TRP B 405 -34.55 -15.48 17.49
CA TRP B 405 -35.78 -16.26 17.62
C TRP B 405 -36.36 -16.02 19.00
N GLN B 406 -37.64 -16.39 19.14
CA GLN B 406 -38.33 -16.41 20.41
C GLN B 406 -38.40 -17.84 20.93
N ASP B 407 -38.32 -17.98 22.25
CA ASP B 407 -38.57 -19.27 22.88
C ASP B 407 -40.07 -19.56 22.85
N ARG B 408 -40.44 -20.72 23.37
CA ARG B 408 -41.85 -21.10 23.36
C ARG B 408 -42.59 -20.42 24.51
N ASP B 409 -43.84 -20.08 24.25
CA ASP B 409 -44.69 -19.45 25.25
C ASP B 409 -45.03 -20.45 26.36
N VAL B 410 -45.21 -19.93 27.57
CA VAL B 410 -45.50 -20.77 28.72
C VAL B 410 -47.01 -20.90 28.92
N VAL C 19 -26.92 35.67 21.56
CA VAL C 19 -27.34 36.09 20.23
C VAL C 19 -26.12 36.49 19.40
N GLY C 20 -25.17 37.14 20.06
CA GLY C 20 -23.94 37.56 19.42
C GLY C 20 -22.72 36.75 19.79
N SER C 21 -22.89 35.63 20.47
CA SER C 21 -21.77 34.79 20.90
C SER C 21 -21.96 33.38 20.37
N SER C 22 -20.87 32.75 19.98
CA SER C 22 -20.90 31.39 19.45
C SER C 22 -20.99 30.38 20.58
N SER C 23 -21.85 29.39 20.41
CA SER C 23 -22.05 28.35 21.41
C SER C 23 -21.21 27.11 21.19
N GLY C 24 -20.34 27.12 20.17
CA GLY C 24 -19.47 25.98 19.92
C GLY C 24 -18.49 26.30 18.82
N ASN C 25 -17.46 25.47 18.72
CA ASN C 25 -16.41 25.64 17.73
C ASN C 25 -16.40 24.46 16.76
N TRP C 26 -15.51 24.56 15.78
CA TRP C 26 -15.39 23.56 14.72
C TRP C 26 -14.25 22.62 15.09
N HIS C 27 -14.58 21.36 15.37
CA HIS C 27 -13.58 20.35 15.70
C HIS C 27 -13.62 19.25 14.64
N CYS C 28 -12.57 19.17 13.84
CA CYS C 28 -12.31 18.01 13.00
C CYS C 28 -10.85 17.67 13.10
N ASP C 29 -10.53 16.47 13.56
CA ASP C 29 -9.18 15.93 13.48
C ASP C 29 -9.24 14.45 13.81
N SER C 30 -8.05 13.85 13.91
CA SER C 30 -7.90 12.51 14.45
C SER C 30 -6.64 12.49 15.28
N GLN C 31 -6.73 11.98 16.50
CA GLN C 31 -5.58 11.85 17.38
C GLN C 31 -5.26 10.37 17.52
N TRP C 32 -4.11 9.97 17.00
CA TRP C 32 -3.63 8.60 17.08
C TRP C 32 -2.73 8.52 18.30
N LEU C 33 -3.20 7.82 19.33
CA LEU C 33 -2.48 7.72 20.60
C LEU C 33 -2.38 6.26 20.99
N GLY C 34 -1.18 5.70 20.92
CA GLY C 34 -0.98 4.36 21.44
C GLY C 34 -1.95 3.38 20.83
N ASP C 35 -2.71 2.73 21.71
CA ASP C 35 -3.67 1.69 21.36
C ASP C 35 -5.08 2.22 21.12
N ARG C 36 -5.26 3.53 21.09
CA ARG C 36 -6.58 4.10 20.89
C ARG C 36 -6.55 5.18 19.81
N VAL C 37 -7.71 5.40 19.19
CA VAL C 37 -7.88 6.41 18.15
C VAL C 37 -9.03 7.31 18.58
N ILE C 38 -8.89 8.61 18.34
CA ILE C 38 -9.92 9.58 18.65
C ILE C 38 -10.20 10.40 17.40
N THR C 39 -11.39 10.23 16.84
CA THR C 39 -11.78 10.91 15.62
C THR C 39 -12.88 11.92 15.94
N THR C 40 -12.73 13.15 15.45
CA THR C 40 -13.71 14.19 15.65
C THR C 40 -14.14 14.72 14.29
N SER C 41 -15.43 14.99 14.15
CA SER C 41 -16.00 15.47 12.90
C SER C 41 -17.05 16.51 13.18
N THR C 42 -16.98 17.64 12.49
CA THR C 42 -18.01 18.68 12.60
C THR C 42 -18.57 18.95 11.21
N ARG C 43 -19.89 19.05 11.12
CA ARG C 43 -20.56 19.30 9.86
C ARG C 43 -21.57 20.43 10.04
N THR C 44 -22.01 20.99 8.92
CA THR C 44 -23.10 21.95 8.88
C THR C 44 -24.33 21.24 8.33
N TRP C 45 -25.49 21.51 8.92
CA TRP C 45 -26.72 20.83 8.55
C TRP C 45 -27.84 21.83 8.31
N ALA C 46 -28.92 21.34 7.70
CA ALA C 46 -30.14 22.10 7.49
C ALA C 46 -31.33 21.20 7.78
N LEU C 47 -32.20 21.64 8.68
CA LEU C 47 -33.38 20.86 9.04
C LEU C 47 -34.63 21.59 8.57
N PRO C 48 -35.28 21.12 7.50
CA PRO C 48 -36.58 21.68 7.12
C PRO C 48 -37.73 21.16 7.96
N THR C 49 -38.89 21.80 7.84
CA THR C 49 -40.09 21.38 8.55
C THR C 49 -40.74 20.24 7.80
N TYR C 50 -40.48 19.01 8.26
CA TYR C 50 -41.04 17.82 7.64
C TYR C 50 -42.49 17.59 7.98
N ASN C 51 -43.29 17.27 6.96
CA ASN C 51 -44.72 16.94 7.05
C ASN C 51 -45.63 18.04 7.59
N ASN C 52 -45.20 19.31 7.49
CA ASN C 52 -45.95 20.46 8.00
C ASN C 52 -46.32 20.29 9.48
N HIS C 53 -45.36 19.81 10.28
CA HIS C 53 -45.51 19.53 11.71
C HIS C 53 -46.63 18.52 12.00
N LEU C 54 -46.78 17.53 11.13
CA LEU C 54 -47.84 16.54 11.30
C LEU C 54 -47.40 15.10 11.26
N TYR C 55 -48.18 14.26 11.93
CA TYR C 55 -47.96 12.82 11.95
C TYR C 55 -48.92 12.15 10.99
N LYS C 56 -48.40 11.58 9.91
CA LYS C 56 -49.24 10.99 8.88
C LYS C 56 -48.98 9.51 8.78
N GLN C 57 -50.04 8.71 8.90
CA GLN C 57 -49.98 7.29 8.62
C GLN C 57 -49.55 7.06 7.17
N ILE C 58 -48.69 6.07 6.95
CA ILE C 58 -48.25 5.68 5.62
C ILE C 58 -48.37 4.17 5.49
N SER C 59 -48.64 3.71 4.28
CA SER C 59 -48.74 2.30 3.95
C SER C 59 -48.53 2.14 2.46
N ASN C 60 -48.30 0.90 2.03
CA ASN C 60 -48.14 0.62 0.61
C ASN C 60 -49.34 1.10 -0.21
N SER C 61 -50.52 1.16 0.42
CA SER C 61 -51.70 1.66 -0.27
C SER C 61 -51.50 3.10 -0.74
N THR C 62 -50.87 3.93 0.08
CA THR C 62 -50.55 5.30 -0.34
C THR C 62 -49.61 5.29 -1.54
N SER C 63 -48.77 4.26 -1.64
CA SER C 63 -47.94 4.06 -2.83
C SER C 63 -48.54 3.06 -3.81
N GLY C 64 -49.74 2.55 -3.53
CA GLY C 64 -50.45 1.67 -4.43
C GLY C 64 -50.45 0.20 -4.04
N GLY C 65 -49.47 -0.26 -3.26
CA GLY C 65 -49.49 -1.61 -2.73
C GLY C 65 -49.49 -2.71 -3.78
N SER C 66 -48.48 -2.72 -4.65
CA SER C 66 -48.51 -3.61 -5.80
C SER C 66 -48.28 -5.07 -5.42
N SER C 67 -47.51 -5.32 -4.36
CA SER C 67 -47.10 -6.67 -4.03
C SER C 67 -47.29 -6.96 -2.54
N ASN C 68 -47.39 -8.25 -2.22
CA ASN C 68 -47.50 -8.67 -0.83
C ASN C 68 -46.12 -8.68 -0.16
N ASP C 69 -45.08 -8.93 -0.94
CA ASP C 69 -43.73 -8.91 -0.39
C ASP C 69 -43.30 -7.49 -0.05
N ASN C 70 -43.85 -6.50 -0.75
CA ASN C 70 -43.45 -5.11 -0.52
C ASN C 70 -44.38 -4.40 0.45
N ALA C 71 -45.33 -5.12 1.04
CA ALA C 71 -46.31 -4.50 1.93
C ALA C 71 -45.63 -3.86 3.13
N TYR C 72 -46.20 -2.75 3.60
CA TYR C 72 -45.69 -2.11 4.81
C TYR C 72 -46.79 -1.27 5.45
N PHE C 73 -46.63 -1.01 6.73
CA PHE C 73 -47.49 -0.11 7.49
C PHE C 73 -46.65 0.63 8.52
N GLY C 74 -46.89 1.93 8.64
CA GLY C 74 -46.14 2.70 9.62
C GLY C 74 -46.60 4.14 9.64
N TYR C 75 -45.76 4.98 10.23
CA TYR C 75 -46.06 6.39 10.38
C TYR C 75 -44.86 7.23 10.01
N SER C 76 -45.11 8.42 9.45
CA SER C 76 -44.09 9.41 9.21
C SER C 76 -44.28 10.56 10.18
N THR C 77 -43.17 11.04 10.75
CA THR C 77 -43.19 12.02 11.82
C THR C 77 -42.51 13.32 11.38
N PRO C 78 -42.85 14.45 12.01
CA PRO C 78 -42.15 15.70 11.68
C PRO C 78 -40.69 15.71 12.12
N TRP C 79 -40.27 14.79 12.96
CA TRP C 79 -38.92 14.75 13.50
C TRP C 79 -37.91 14.33 12.44
N GLY C 80 -36.73 14.96 12.49
CA GLY C 80 -35.56 14.49 11.79
C GLY C 80 -34.61 13.82 12.76
N TYR C 81 -33.56 13.20 12.22
CA TYR C 81 -32.63 12.50 13.07
C TYR C 81 -31.23 12.55 12.46
N PHE C 82 -30.23 12.49 13.34
CA PHE C 82 -28.85 12.53 12.93
C PHE C 82 -28.29 11.13 12.78
N ASP C 83 -27.70 10.87 11.63
CA ASP C 83 -27.12 9.55 11.39
C ASP C 83 -25.65 9.64 11.06
N PHE C 84 -24.83 8.94 11.84
CA PHE C 84 -23.41 8.87 11.60
C PHE C 84 -23.04 7.42 11.81
N ASN C 85 -23.69 6.54 11.07
CA ASN C 85 -23.50 5.11 11.20
C ASN C 85 -22.59 4.53 10.13
N ARG C 86 -21.91 5.39 9.39
CA ARG C 86 -21.00 4.94 8.35
C ARG C 86 -19.58 5.33 8.73
N PHE C 87 -18.63 4.46 8.45
CA PHE C 87 -17.25 4.74 8.80
C PHE C 87 -16.69 6.02 8.19
N HIS C 88 -17.16 6.42 7.02
CA HIS C 88 -16.65 7.66 6.43
C HIS C 88 -16.95 8.96 7.18
N CYS C 89 -17.98 8.96 8.02
CA CYS C 89 -18.30 10.14 8.81
C CYS C 89 -17.21 10.41 9.82
N HIS C 90 -16.52 9.38 10.28
CA HIS C 90 -15.50 9.58 11.30
C HIS C 90 -14.07 9.48 10.78
N PHE C 91 -13.84 8.93 9.59
CA PHE C 91 -12.51 8.65 9.10
C PHE C 91 -12.31 9.27 7.73
N SER C 92 -11.21 9.99 7.56
CA SER C 92 -10.78 10.40 6.25
C SER C 92 -10.14 9.21 5.53
N PRO C 93 -9.99 9.28 4.21
CA PRO C 93 -9.32 8.19 3.50
C PRO C 93 -7.89 7.94 3.98
N ARG C 94 -7.20 8.98 4.47
CA ARG C 94 -5.86 8.76 5.01
C ARG C 94 -5.92 8.09 6.37
N ASP C 95 -6.87 8.50 7.21
CA ASP C 95 -7.01 7.88 8.52
C ASP C 95 -7.44 6.43 8.40
N TRP C 96 -8.31 6.13 7.44
CA TRP C 96 -8.73 4.75 7.25
C TRP C 96 -7.60 3.90 6.71
N GLN C 97 -6.77 4.47 5.83
CA GLN C 97 -5.56 3.79 5.40
C GLN C 97 -4.64 3.54 6.58
N ARG C 98 -4.46 4.56 7.41
CA ARG C 98 -3.59 4.43 8.57
C ARG C 98 -4.07 3.35 9.51
N LEU C 99 -5.40 3.17 9.62
CA LEU C 99 -5.95 2.15 10.49
C LEU C 99 -5.75 0.75 9.94
N ILE C 100 -6.20 0.51 8.71
CA ILE C 100 -6.29 -0.85 8.20
C ILE C 100 -4.92 -1.45 7.88
N ASN C 101 -3.93 -0.61 7.61
CA ASN C 101 -2.59 -1.11 7.31
C ASN C 101 -1.81 -1.49 8.56
N ASN C 102 -2.02 -0.81 9.67
CA ASN C 102 -1.21 -0.96 10.87
C ASN C 102 -1.81 -1.82 11.97
N ASN C 103 -3.04 -2.30 11.83
CA ASN C 103 -3.74 -2.85 12.98
C ASN C 103 -4.42 -4.17 12.65
N TRP C 104 -4.52 -5.03 13.66
CA TRP C 104 -5.26 -6.28 13.57
C TRP C 104 -6.71 -6.18 14.01
N GLY C 105 -7.12 -5.06 14.59
CA GLY C 105 -8.49 -4.95 15.02
C GLY C 105 -8.78 -3.61 15.65
N PHE C 106 -10.07 -3.29 15.71
CA PHE C 106 -10.52 -2.04 16.29
C PHE C 106 -11.95 -2.23 16.75
N ARG C 107 -12.42 -1.26 17.53
CA ARG C 107 -13.79 -1.27 18.05
C ARG C 107 -14.05 0.04 18.79
N PRO C 108 -15.28 0.54 18.76
CA PRO C 108 -15.57 1.80 19.44
C PRO C 108 -15.67 1.63 20.94
N LYS C 109 -15.24 2.67 21.65
CA LYS C 109 -15.28 2.70 23.11
C LYS C 109 -16.24 3.75 23.63
N ARG C 110 -15.99 5.02 23.33
CA ARG C 110 -16.77 6.13 23.84
C ARG C 110 -17.33 6.94 22.68
N LEU C 111 -18.35 7.74 22.98
CA LEU C 111 -19.03 8.56 21.99
C LEU C 111 -19.39 9.89 22.63
N ASN C 112 -19.28 10.96 21.86
CA ASN C 112 -19.67 12.29 22.33
C ASN C 112 -20.30 13.04 21.17
N PHE C 113 -21.41 13.72 21.43
CA PHE C 113 -22.20 14.38 20.41
C PHE C 113 -22.49 15.79 20.87
N LYS C 114 -22.41 16.76 19.95
CA LYS C 114 -22.71 18.15 20.26
C LYS C 114 -23.47 18.78 19.12
N LEU C 115 -24.47 19.58 19.50
CA LEU C 115 -25.35 20.25 18.55
C LEU C 115 -25.44 21.71 18.97
N PHE C 116 -24.98 22.61 18.10
CA PHE C 116 -24.75 23.98 18.53
C PHE C 116 -24.83 24.92 17.32
N ASN C 117 -24.69 26.21 17.61
CA ASN C 117 -24.80 27.27 16.61
C ASN C 117 -26.13 27.22 15.88
N ILE C 118 -27.21 27.17 16.65
CA ILE C 118 -28.55 27.08 16.07
C ILE C 118 -28.91 28.41 15.41
N GLN C 119 -29.37 28.33 14.16
CA GLN C 119 -29.81 29.49 13.41
C GLN C 119 -31.15 29.16 12.78
N VAL C 120 -32.19 29.87 13.18
CA VAL C 120 -33.54 29.66 12.67
C VAL C 120 -33.82 30.73 11.62
N LYS C 121 -34.45 30.31 10.53
CA LYS C 121 -34.77 31.20 9.42
C LYS C 121 -36.26 31.18 9.17
N GLU C 122 -36.74 32.21 8.46
CA GLU C 122 -38.11 32.26 7.99
C GLU C 122 -38.16 32.79 6.57
N VAL C 123 -38.88 32.07 5.71
CA VAL C 123 -38.95 32.42 4.29
C VAL C 123 -40.16 33.32 4.04
N ILE C 132 -35.86 35.78 2.94
CA ILE C 132 -35.36 34.99 4.05
C ILE C 132 -34.80 35.88 5.15
N ALA C 133 -35.33 35.74 6.36
CA ALA C 133 -34.90 36.51 7.51
C ALA C 133 -34.74 35.59 8.71
N ASN C 134 -34.09 36.12 9.75
CA ASN C 134 -33.87 35.34 10.96
C ASN C 134 -35.08 35.38 11.86
N ASN C 135 -35.32 34.28 12.57
CA ASN C 135 -36.24 34.24 13.70
C ASN C 135 -35.41 33.94 14.94
N LEU C 136 -35.28 34.93 15.82
CA LEU C 136 -34.45 34.79 17.00
C LEU C 136 -35.14 34.03 18.13
N THR C 137 -36.46 34.09 18.21
CA THR C 137 -37.20 33.56 19.35
C THR C 137 -37.70 32.14 19.13
N SER C 138 -37.41 31.54 17.98
CA SER C 138 -37.82 30.17 17.73
C SER C 138 -36.86 29.19 18.40
N THR C 139 -37.37 27.98 18.66
CA THR C 139 -36.63 26.95 19.34
C THR C 139 -36.54 25.69 18.47
N VAL C 140 -35.59 24.82 18.83
CA VAL C 140 -35.40 23.54 18.17
C VAL C 140 -35.36 22.46 19.24
N GLN C 141 -36.31 21.53 19.18
CA GLN C 141 -36.42 20.44 20.15
C GLN C 141 -35.51 19.30 19.74
N VAL C 142 -34.66 18.87 20.68
CA VAL C 142 -33.75 17.76 20.46
C VAL C 142 -33.75 16.87 21.70
N PHE C 143 -33.75 15.56 21.48
CA PHE C 143 -33.62 14.62 22.58
C PHE C 143 -32.98 13.35 22.06
N THR C 144 -32.49 12.52 22.98
CA THR C 144 -32.00 11.20 22.66
C THR C 144 -32.86 10.15 23.35
N ASP C 145 -33.02 9.01 22.71
CA ASP C 145 -33.75 7.90 23.32
C ASP C 145 -32.69 6.95 23.85
N SER C 146 -32.47 6.98 25.16
CA SER C 146 -31.50 6.11 25.79
C SER C 146 -32.15 4.88 26.43
N ASP C 147 -33.46 4.80 26.44
CA ASP C 147 -34.17 3.60 26.85
C ASP C 147 -34.57 2.73 25.67
N TYR C 148 -34.28 3.17 24.45
CA TYR C 148 -34.52 2.40 23.24
C TYR C 148 -36.00 2.06 23.11
N GLN C 149 -36.86 3.02 23.46
CA GLN C 149 -38.30 2.83 23.42
C GLN C 149 -38.90 3.11 22.06
N LEU C 150 -38.19 3.82 21.19
CA LEU C 150 -38.62 4.05 19.82
C LEU C 150 -38.07 2.97 18.89
N PRO C 151 -38.70 2.80 17.73
CA PRO C 151 -38.12 1.93 16.71
C PRO C 151 -36.76 2.43 16.24
N TYR C 152 -35.79 1.54 16.20
CA TYR C 152 -34.41 1.90 15.91
C TYR C 152 -34.18 1.74 14.41
N VAL C 153 -34.08 2.87 13.70
CA VAL C 153 -33.93 2.87 12.25
C VAL C 153 -32.49 3.07 11.80
N LEU C 154 -31.55 3.14 12.75
CA LEU C 154 -30.17 3.45 12.40
C LEU C 154 -29.35 2.25 11.97
N GLY C 155 -29.94 1.05 11.95
CA GLY C 155 -29.18 -0.12 11.59
C GLY C 155 -29.52 -0.71 10.23
N SER C 156 -30.35 0.00 9.46
CA SER C 156 -30.85 -0.51 8.20
C SER C 156 -30.08 -0.01 6.98
N ALA C 157 -28.94 0.64 7.21
CA ALA C 157 -28.08 1.21 6.15
C ALA C 157 -28.76 2.23 5.25
N HIS C 158 -29.51 3.13 5.87
CA HIS C 158 -30.21 4.20 5.15
C HIS C 158 -29.32 5.36 4.76
N GLU C 159 -29.83 6.16 3.83
CA GLU C 159 -29.17 7.36 3.35
C GLU C 159 -29.35 8.52 4.34
N GLY C 160 -28.66 9.63 4.13
CA GLY C 160 -28.80 10.77 5.02
C GLY C 160 -27.75 10.94 6.09
N CYS C 161 -26.67 10.19 5.98
CA CYS C 161 -25.54 10.21 6.90
C CYS C 161 -24.74 11.50 6.78
N LEU C 162 -23.96 11.83 7.81
CA LEU C 162 -23.10 13.00 7.74
C LEU C 162 -22.12 12.74 6.60
N PRO C 163 -21.92 13.75 5.73
CA PRO C 163 -21.07 13.65 4.54
C PRO C 163 -19.61 13.24 4.77
N PRO C 164 -19.05 12.45 3.85
CA PRO C 164 -17.64 12.09 3.97
C PRO C 164 -16.72 13.30 4.00
N PHE C 165 -17.10 14.35 3.28
CA PHE C 165 -16.21 15.48 3.07
C PHE C 165 -16.65 16.65 3.94
N PRO C 166 -15.77 17.20 4.78
CA PRO C 166 -16.22 18.15 5.81
C PRO C 166 -16.84 19.43 5.28
N ALA C 167 -16.63 19.78 4.01
CA ALA C 167 -17.13 21.05 3.51
C ALA C 167 -18.53 20.92 2.94
N ASP C 168 -19.12 19.73 3.04
CA ASP C 168 -20.48 19.53 2.53
C ASP C 168 -21.51 19.85 3.60
N VAL C 169 -22.48 20.69 3.24
CA VAL C 169 -23.63 20.98 4.07
C VAL C 169 -24.72 20.00 3.71
N PHE C 170 -25.24 19.28 4.72
CA PHE C 170 -26.12 18.16 4.44
C PHE C 170 -27.48 18.42 5.03
N MET C 171 -28.46 17.68 4.52
CA MET C 171 -29.84 17.78 4.94
C MET C 171 -30.19 16.61 5.83
N ILE C 172 -30.94 16.88 6.89
CA ILE C 172 -31.24 15.86 7.90
C ILE C 172 -32.36 14.97 7.38
N PRO C 173 -32.22 13.65 7.47
CA PRO C 173 -33.29 12.76 7.01
C PRO C 173 -34.47 12.75 7.96
N GLN C 174 -35.65 12.54 7.40
CA GLN C 174 -36.88 12.52 8.17
C GLN C 174 -37.01 11.19 8.90
N TYR C 175 -37.59 11.24 10.10
CA TYR C 175 -37.82 10.04 10.87
C TYR C 175 -39.18 9.44 10.57
N GLY C 176 -39.20 8.14 10.30
CA GLY C 176 -40.42 7.38 10.16
C GLY C 176 -40.13 5.95 10.53
N TYR C 177 -41.18 5.24 10.93
CA TYR C 177 -40.99 3.87 11.36
C TYR C 177 -42.14 3.02 10.84
N LEU C 178 -41.97 1.70 11.00
CA LEU C 178 -42.96 0.72 10.59
C LEU C 178 -43.37 -0.12 11.79
N THR C 179 -44.48 -0.83 11.64
CA THR C 179 -44.96 -1.74 12.67
C THR C 179 -45.75 -2.86 12.01
N LEU C 180 -46.45 -3.67 12.81
CA LEU C 180 -47.17 -4.82 12.27
C LEU C 180 -48.18 -4.41 11.21
N ASN C 181 -48.24 -5.20 10.13
CA ASN C 181 -49.19 -4.96 9.06
C ASN C 181 -49.80 -6.27 8.61
N ASP C 182 -51.00 -6.18 8.04
CA ASP C 182 -51.61 -7.25 7.26
C ASP C 182 -52.04 -6.62 5.94
N GLY C 183 -51.39 -6.99 4.85
CA GLY C 183 -51.55 -6.23 3.63
C GLY C 183 -51.17 -4.78 3.88
N SER C 184 -52.07 -3.86 3.54
CA SER C 184 -51.91 -2.47 3.93
C SER C 184 -52.58 -2.15 5.26
N GLN C 185 -53.39 -3.06 5.79
CA GLN C 185 -54.14 -2.82 7.01
C GLN C 185 -53.26 -3.00 8.24
N ALA C 186 -53.68 -2.39 9.34
CA ALA C 186 -53.02 -2.56 10.63
C ALA C 186 -53.67 -3.72 11.39
N VAL C 187 -53.13 -4.00 12.57
CA VAL C 187 -53.67 -5.02 13.46
C VAL C 187 -53.74 -4.44 14.86
N GLY C 188 -54.48 -5.14 15.73
CA GLY C 188 -54.64 -4.68 17.09
C GLY C 188 -53.35 -4.55 17.86
N ARG C 189 -52.40 -5.45 17.63
CA ARG C 189 -51.14 -5.43 18.36
C ARG C 189 -50.21 -4.30 17.93
N SER C 190 -50.47 -3.69 16.77
CA SER C 190 -49.64 -2.60 16.30
C SER C 190 -49.57 -1.47 17.32
N SER C 191 -48.37 -0.98 17.56
CA SER C 191 -48.13 0.10 18.51
C SER C 191 -47.97 1.42 17.77
N PHE C 192 -48.47 2.49 18.37
CA PHE C 192 -48.34 3.83 17.83
C PHE C 192 -47.48 4.66 18.77
N TYR C 193 -46.53 5.38 18.21
CA TYR C 193 -45.56 6.15 18.99
C TYR C 193 -45.64 7.61 18.62
N CYS C 194 -45.96 8.44 19.61
CA CYS C 194 -45.87 9.90 19.48
C CYS C 194 -44.54 10.33 20.11
N LEU C 195 -43.73 11.04 19.32
CA LEU C 195 -42.42 11.45 19.82
C LEU C 195 -42.49 12.74 20.63
N GLU C 196 -43.60 13.49 20.53
CA GLU C 196 -43.83 14.62 21.42
C GLU C 196 -44.14 14.16 22.84
N TYR C 197 -44.31 12.86 23.05
CA TYR C 197 -44.65 12.29 24.34
C TYR C 197 -43.42 11.99 25.19
N PHE C 198 -42.22 12.22 24.64
CA PHE C 198 -40.94 12.21 25.33
C PHE C 198 -40.60 13.61 25.83
N PRO C 199 -39.82 13.72 26.90
CA PRO C 199 -39.21 15.01 27.24
C PRO C 199 -38.11 15.35 26.26
N SER C 200 -38.02 16.63 25.91
CA SER C 200 -37.03 17.07 24.93
C SER C 200 -36.55 18.47 25.27
N GLN C 201 -35.25 18.67 25.08
CA GLN C 201 -34.60 19.95 25.32
C GLN C 201 -34.92 20.92 24.18
N MET C 202 -35.16 22.18 24.53
CA MET C 202 -35.52 23.21 23.56
C MET C 202 -34.39 24.22 23.46
N LEU C 203 -34.06 24.63 22.24
CA LEU C 203 -32.85 25.40 21.97
C LEU C 203 -33.16 26.62 21.12
N ARG C 204 -32.92 27.80 21.66
CA ARG C 204 -32.86 29.01 20.85
C ARG C 204 -31.46 29.16 20.27
N THR C 205 -31.21 30.32 19.65
CA THR C 205 -29.99 30.49 18.86
C THR C 205 -28.73 30.46 19.70
N GLY C 206 -28.83 30.63 21.01
CA GLY C 206 -27.66 30.60 21.87
C GLY C 206 -27.43 29.31 22.63
N ASN C 207 -28.43 28.44 22.68
CA ASN C 207 -28.33 27.18 23.40
C ASN C 207 -27.63 26.11 22.56
N ASN C 208 -27.04 25.14 23.25
CA ASN C 208 -26.41 24.00 22.61
C ASN C 208 -26.79 22.71 23.31
N PHE C 209 -26.74 21.61 22.56
CA PHE C 209 -27.12 20.29 23.06
C PHE C 209 -25.94 19.35 22.95
N GLN C 210 -25.71 18.56 24.01
CA GLN C 210 -24.61 17.62 24.00
C GLN C 210 -24.94 16.44 24.90
N PHE C 211 -24.33 15.29 24.60
CA PHE C 211 -24.52 14.08 25.38
C PHE C 211 -23.38 13.08 25.14
N SER C 212 -23.13 12.21 26.12
CA SER C 212 -22.06 11.22 26.04
C SER C 212 -22.58 9.79 26.06
N TYR C 213 -21.97 8.93 25.24
CA TYR C 213 -22.37 7.54 25.16
C TYR C 213 -21.19 6.57 25.29
N GLU C 214 -21.38 5.53 26.09
CA GLU C 214 -20.39 4.49 26.35
C GLU C 214 -20.79 3.23 25.59
N PHE C 215 -20.00 2.85 24.58
CA PHE C 215 -20.25 1.61 23.87
C PHE C 215 -20.12 0.42 24.81
N GLU C 216 -21.05 -0.52 24.70
CA GLU C 216 -20.93 -1.73 25.47
C GLU C 216 -19.83 -2.62 24.87
N ASN C 217 -19.34 -3.53 25.70
CA ASN C 217 -18.19 -4.34 25.31
C ASN C 217 -18.52 -5.20 24.10
N VAL C 218 -17.72 -5.06 23.05
CA VAL C 218 -17.91 -5.84 21.82
C VAL C 218 -16.57 -6.41 21.42
N PRO C 219 -16.58 -7.49 20.64
CA PRO C 219 -15.32 -8.11 20.20
C PRO C 219 -14.64 -7.25 19.14
N PHE C 220 -13.31 -7.28 19.09
CA PHE C 220 -12.59 -6.49 18.11
C PHE C 220 -12.92 -6.96 16.71
N HIS C 221 -13.10 -6.04 15.77
CA HIS C 221 -13.35 -6.43 14.40
C HIS C 221 -12.04 -7.02 13.92
N SER C 222 -12.08 -8.12 13.20
CA SER C 222 -10.84 -8.72 12.74
C SER C 222 -10.43 -8.15 11.40
N SER C 223 -9.61 -7.12 11.41
CA SER C 223 -9.14 -6.53 10.17
C SER C 223 -7.84 -7.19 9.71
N TYR C 224 -7.93 -8.46 9.36
CA TYR C 224 -6.78 -9.21 8.89
C TYR C 224 -7.28 -10.37 8.05
N ALA C 225 -6.40 -10.91 7.23
CA ALA C 225 -6.74 -12.03 6.38
C ALA C 225 -5.82 -13.17 6.79
N HIS C 226 -6.37 -14.37 6.95
CA HIS C 226 -5.57 -15.51 7.35
C HIS C 226 -4.52 -15.89 6.31
N SER C 227 -3.34 -16.28 6.78
CA SER C 227 -2.26 -16.71 5.90
C SER C 227 -2.20 -18.22 5.81
N GLN C 228 -3.25 -18.88 6.32
CA GLN C 228 -3.38 -20.33 6.30
C GLN C 228 -4.83 -20.67 6.00
N SER C 229 -5.08 -21.87 5.51
CA SER C 229 -6.43 -22.33 5.22
C SER C 229 -6.80 -23.42 6.20
N LEU C 230 -8.11 -23.60 6.41
CA LEU C 230 -8.59 -24.52 7.43
C LEU C 230 -8.18 -25.96 7.14
N ASP C 231 -8.06 -26.32 5.87
CA ASP C 231 -7.73 -27.69 5.51
C ASP C 231 -6.23 -27.97 5.42
N ARG C 232 -5.40 -26.93 5.40
CA ARG C 232 -3.94 -27.08 5.31
C ARG C 232 -3.22 -26.95 6.64
N LEU C 233 -3.92 -26.95 7.78
CA LEU C 233 -3.30 -26.70 9.07
C LEU C 233 -2.25 -27.74 9.46
N MET C 234 -2.11 -28.82 8.71
CA MET C 234 -1.28 -29.97 9.03
C MET C 234 0.21 -29.68 8.88
N ASN C 235 1.02 -30.54 9.50
CA ASN C 235 2.46 -30.58 9.25
C ASN C 235 2.74 -31.38 7.99
N PRO C 236 3.22 -30.77 6.92
CA PRO C 236 3.34 -31.49 5.63
C PRO C 236 4.40 -32.56 5.62
N LEU C 237 5.28 -32.62 6.62
CA LEU C 237 6.41 -33.54 6.59
C LEU C 237 6.15 -34.88 7.26
N ILE C 238 5.03 -35.04 7.97
CA ILE C 238 4.85 -36.17 8.88
C ILE C 238 3.57 -36.92 8.52
N ASP C 239 3.62 -38.24 8.66
CA ASP C 239 2.44 -39.08 8.52
C ASP C 239 1.57 -38.99 9.78
N GLN C 240 0.27 -39.06 9.58
CA GLN C 240 -0.64 -39.28 10.70
C GLN C 240 -0.56 -40.71 11.18
N TYR C 241 -1.03 -40.93 12.41
CA TYR C 241 -1.23 -42.27 12.91
C TYR C 241 -2.65 -42.78 12.69
N LEU C 242 -3.47 -42.01 11.96
CA LEU C 242 -4.83 -42.43 11.67
C LEU C 242 -4.93 -43.00 10.26
N TYR C 243 -5.79 -43.98 10.10
CA TYR C 243 -5.96 -44.70 8.84
C TYR C 243 -7.31 -44.39 8.22
N TYR C 244 -7.35 -44.47 6.89
CA TYR C 244 -8.56 -44.28 6.11
C TYR C 244 -8.65 -45.46 5.15
N LEU C 245 -9.82 -45.61 4.53
CA LEU C 245 -10.10 -46.77 3.70
C LEU C 245 -9.67 -46.44 2.27
N SER C 246 -8.58 -47.04 1.81
CA SER C 246 -8.06 -46.71 0.49
C SER C 246 -8.74 -47.49 -0.64
N LYS C 247 -8.93 -48.80 -0.46
CA LYS C 247 -9.53 -49.64 -1.49
C LYS C 247 -10.69 -50.42 -0.91
N THR C 248 -11.82 -50.43 -1.62
CA THR C 248 -12.92 -51.31 -1.29
C THR C 248 -12.97 -52.57 -2.16
N ILE C 249 -12.12 -52.68 -3.18
CA ILE C 249 -12.10 -53.83 -4.07
C ILE C 249 -10.67 -54.17 -4.43
N ASN C 250 -10.42 -55.45 -4.70
CA ASN C 250 -9.10 -55.87 -5.15
C ASN C 250 -8.83 -55.42 -6.59
N GLY C 251 -9.89 -55.32 -7.39
CA GLY C 251 -9.72 -54.97 -8.79
C GLY C 251 -10.97 -55.32 -9.57
N SER C 252 -10.78 -55.54 -10.86
CA SER C 252 -11.89 -55.94 -11.72
C SER C 252 -12.17 -57.43 -11.56
N GLY C 253 -13.45 -57.77 -11.48
CA GLY C 253 -13.85 -59.15 -11.38
C GLY C 253 -15.13 -59.26 -10.57
N GLN C 254 -15.41 -60.48 -10.13
CA GLN C 254 -16.54 -60.76 -9.26
C GLN C 254 -16.04 -61.10 -7.87
N ASN C 255 -16.81 -60.68 -6.86
CA ASN C 255 -16.48 -60.92 -5.45
C ASN C 255 -15.11 -60.34 -5.10
N GLN C 256 -14.83 -59.15 -5.61
CA GLN C 256 -13.56 -58.47 -5.41
C GLN C 256 -13.53 -57.64 -4.13
N GLN C 257 -14.61 -57.64 -3.35
CA GLN C 257 -14.69 -56.78 -2.17
C GLN C 257 -13.51 -57.01 -1.23
N THR C 258 -13.01 -55.92 -0.67
CA THR C 258 -11.94 -55.98 0.32
C THR C 258 -11.95 -54.71 1.14
N LEU C 259 -11.25 -54.74 2.27
CA LEU C 259 -11.01 -53.57 3.10
C LEU C 259 -9.51 -53.34 3.18
N LYS C 260 -9.05 -52.25 2.57
CA LYS C 260 -7.63 -51.88 2.55
C LYS C 260 -7.47 -50.49 3.14
N PHE C 261 -6.64 -50.37 4.16
CA PHE C 261 -6.48 -49.10 4.89
C PHE C 261 -5.08 -48.55 4.70
N SER C 262 -4.94 -47.50 3.89
CA SER C 262 -3.72 -46.72 3.85
C SER C 262 -3.72 -45.69 4.97
N VAL C 263 -2.52 -45.27 5.37
CA VAL C 263 -2.41 -44.27 6.42
C VAL C 263 -2.40 -42.88 5.79
N ALA C 264 -3.07 -41.95 6.44
CA ALA C 264 -3.18 -40.59 5.92
C ALA C 264 -1.87 -39.84 6.17
N GLY C 265 -1.37 -39.16 5.15
CA GLY C 265 -0.08 -38.53 5.22
C GLY C 265 0.07 -37.39 4.23
N PRO C 266 1.29 -36.88 4.11
CA PRO C 266 1.55 -35.75 3.20
C PRO C 266 1.09 -35.99 1.77
N SER C 267 1.21 -37.22 1.28
CA SER C 267 0.90 -37.49 -0.12
C SER C 267 -0.55 -37.21 -0.45
N ASN C 268 -1.47 -37.59 0.43
CA ASN C 268 -2.90 -37.33 0.26
C ASN C 268 -3.39 -36.52 1.45
N MET C 269 -3.64 -35.23 1.23
CA MET C 269 -4.04 -34.35 2.33
C MET C 269 -5.55 -34.22 2.43
N ALA C 270 -6.28 -34.73 1.44
CA ALA C 270 -7.73 -34.54 1.40
C ALA C 270 -8.43 -35.44 2.42
N VAL C 271 -7.86 -36.61 2.69
CA VAL C 271 -8.51 -37.63 3.52
C VAL C 271 -8.02 -37.62 4.96
N GLN C 272 -7.15 -36.69 5.33
CA GLN C 272 -6.64 -36.72 6.70
C GLN C 272 -7.73 -36.36 7.70
N GLY C 273 -7.60 -36.87 8.92
CA GLY C 273 -8.51 -36.50 9.98
C GLY C 273 -8.24 -35.09 10.45
N ARG C 274 -9.31 -34.33 10.66
CA ARG C 274 -9.20 -32.93 11.05
C ARG C 274 -10.11 -32.64 12.23
N ASN C 275 -9.70 -31.66 13.02
CA ASN C 275 -10.43 -31.19 14.19
C ASN C 275 -11.55 -30.23 13.88
N TYR C 276 -11.35 -29.30 12.94
CA TYR C 276 -12.31 -28.22 12.74
C TYR C 276 -12.77 -28.21 11.30
N ILE C 277 -14.01 -27.76 11.10
CA ILE C 277 -14.66 -27.81 9.79
C ILE C 277 -15.08 -26.39 9.43
N PRO C 278 -15.24 -26.10 8.14
CA PRO C 278 -15.51 -24.72 7.73
C PRO C 278 -16.89 -24.25 8.18
N GLY C 279 -17.06 -22.93 8.17
CA GLY C 279 -18.27 -22.30 8.66
C GLY C 279 -19.49 -22.61 7.84
N PRO C 280 -20.65 -22.13 8.28
CA PRO C 280 -21.91 -22.51 7.63
C PRO C 280 -22.08 -21.81 6.29
N SER C 281 -23.01 -22.33 5.48
CA SER C 281 -23.24 -21.82 4.14
C SER C 281 -24.73 -21.80 3.84
N TYR C 282 -25.11 -20.90 2.94
CA TYR C 282 -26.46 -20.75 2.43
C TYR C 282 -26.18 -20.39 0.98
N ARG C 283 -26.52 -21.27 0.05
CA ARG C 283 -26.17 -21.05 -1.35
C ARG C 283 -26.78 -19.83 -2.04
N GLN C 284 -25.96 -19.20 -2.89
CA GLN C 284 -26.33 -18.01 -3.63
C GLN C 284 -26.02 -18.27 -5.10
N GLN C 285 -26.68 -17.56 -6.00
CA GLN C 285 -26.43 -17.74 -7.41
C GLN C 285 -25.21 -16.94 -7.86
N ARG C 286 -24.41 -17.50 -8.75
CA ARG C 286 -23.25 -16.79 -9.25
C ARG C 286 -23.57 -16.07 -10.55
N VAL C 287 -23.24 -14.78 -10.56
CA VAL C 287 -23.47 -13.95 -11.71
C VAL C 287 -22.13 -13.50 -12.24
N SER C 288 -21.89 -13.67 -13.52
CA SER C 288 -20.63 -13.26 -14.09
C SER C 288 -20.67 -11.78 -14.42
N THR C 289 -19.54 -11.11 -14.26
CA THR C 289 -19.44 -9.70 -14.58
C THR C 289 -19.28 -9.50 -16.08
N THR C 290 -18.96 -10.56 -16.80
CA THR C 290 -18.97 -10.54 -18.26
C THR C 290 -20.34 -10.97 -18.74
N VAL C 291 -21.09 -10.02 -19.34
CA VAL C 291 -22.52 -10.22 -19.49
C VAL C 291 -22.82 -11.30 -20.51
N THR C 292 -21.85 -11.59 -21.37
CA THR C 292 -22.04 -12.59 -22.41
C THR C 292 -22.14 -13.97 -21.79
N GLN C 293 -21.43 -14.15 -20.67
CA GLN C 293 -21.44 -15.40 -19.91
C GLN C 293 -22.77 -15.76 -19.24
N ASN C 294 -23.49 -14.74 -18.76
CA ASN C 294 -24.76 -14.93 -18.07
C ASN C 294 -25.84 -15.52 -18.95
N ASN C 295 -26.74 -16.27 -18.34
CA ASN C 295 -27.84 -16.88 -19.06
C ASN C 295 -28.75 -15.80 -19.60
N ASN C 296 -29.31 -16.00 -20.79
CA ASN C 296 -30.19 -15.01 -21.38
C ASN C 296 -31.62 -15.14 -20.90
N SER C 297 -31.85 -14.81 -19.64
CA SER C 297 -33.19 -14.85 -19.05
C SER C 297 -33.23 -13.93 -17.85
N GLU C 298 -34.43 -13.57 -17.40
CA GLU C 298 -34.53 -12.68 -16.25
C GLU C 298 -34.55 -13.51 -14.98
N PHE C 299 -33.40 -13.63 -14.34
CA PHE C 299 -33.29 -14.42 -13.11
C PHE C 299 -32.95 -13.62 -11.87
N ALA C 300 -33.05 -12.31 -11.91
CA ALA C 300 -32.66 -11.52 -10.76
C ALA C 300 -33.48 -11.83 -9.51
N TRP C 301 -34.79 -11.98 -9.65
CA TRP C 301 -35.59 -12.34 -8.48
C TRP C 301 -35.91 -13.82 -8.43
N PRO C 302 -36.26 -14.40 -9.58
CA PRO C 302 -36.61 -15.81 -9.65
C PRO C 302 -35.47 -16.75 -9.25
N GLY C 303 -34.23 -16.35 -9.48
CA GLY C 303 -33.12 -17.21 -9.13
C GLY C 303 -32.45 -16.83 -7.83
N ALA C 304 -33.01 -15.87 -7.11
CA ALA C 304 -32.39 -15.36 -5.89
C ALA C 304 -32.66 -16.28 -4.71
N SER C 305 -31.75 -16.26 -3.74
CA SER C 305 -31.91 -16.98 -2.50
C SER C 305 -32.65 -16.12 -1.49
N SER C 306 -33.65 -16.70 -0.82
CA SER C 306 -34.50 -15.89 0.04
C SER C 306 -34.88 -16.69 1.28
N TRP C 307 -35.39 -15.98 2.27
CA TRP C 307 -36.05 -16.55 3.43
C TRP C 307 -37.44 -15.95 3.55
N ALA C 308 -38.36 -16.72 4.09
CA ALA C 308 -39.77 -16.34 4.16
C ALA C 308 -40.20 -16.17 5.60
N LEU C 309 -40.97 -15.10 5.86
CA LEU C 309 -41.45 -14.79 7.19
C LEU C 309 -42.90 -14.38 7.10
N ASN C 310 -43.78 -15.15 7.74
CA ASN C 310 -45.22 -14.90 7.76
C ASN C 310 -45.77 -14.66 6.36
N GLY C 311 -45.49 -15.58 5.44
CA GLY C 311 -46.04 -15.53 4.11
C GLY C 311 -45.32 -14.60 3.15
N ARG C 312 -44.46 -13.73 3.63
CA ARG C 312 -43.70 -12.82 2.77
C ARG C 312 -42.27 -13.34 2.59
N ASN C 313 -41.80 -13.26 1.36
CA ASN C 313 -40.46 -13.73 1.00
C ASN C 313 -39.52 -12.55 0.89
N SER C 314 -38.57 -12.47 1.81
CA SER C 314 -37.55 -11.43 1.80
C SER C 314 -36.29 -12.00 1.17
N LEU C 315 -35.69 -11.24 0.26
CA LEU C 315 -34.42 -11.63 -0.33
C LEU C 315 -33.38 -11.78 0.77
N MET C 316 -32.46 -12.73 0.58
CA MET C 316 -31.40 -12.95 1.56
C MET C 316 -30.25 -12.02 1.16
N ASN C 317 -30.12 -10.93 1.91
CA ASN C 317 -29.14 -9.91 1.57
C ASN C 317 -28.53 -9.34 2.83
N PRO C 318 -27.21 -9.22 2.88
CA PRO C 318 -26.27 -9.98 2.05
C PRO C 318 -26.24 -11.46 2.43
N GLY C 319 -26.73 -11.78 3.64
CA GLY C 319 -26.77 -13.14 4.10
C GLY C 319 -25.57 -13.52 4.92
N PRO C 320 -25.42 -14.81 5.20
CA PRO C 320 -24.25 -15.28 5.97
C PRO C 320 -22.95 -14.92 5.26
N ALA C 321 -21.87 -14.87 6.04
CA ALA C 321 -20.57 -14.50 5.50
C ALA C 321 -19.95 -15.69 4.79
N MET C 322 -19.70 -15.53 3.50
CA MET C 322 -19.11 -16.57 2.68
C MET C 322 -18.25 -15.91 1.61
N ALA C 323 -17.24 -16.62 1.13
CA ALA C 323 -16.38 -16.08 0.10
C ALA C 323 -17.18 -15.76 -1.15
N SER C 324 -16.83 -14.66 -1.80
CA SER C 324 -17.52 -14.25 -3.01
C SER C 324 -17.26 -15.19 -4.17
N HIS C 325 -16.03 -15.66 -4.28
CA HIS C 325 -15.69 -16.55 -5.38
C HIS C 325 -14.49 -17.42 -5.10
N LYS C 326 -14.32 -18.45 -5.91
CA LYS C 326 -13.18 -19.36 -5.80
C LYS C 326 -11.93 -18.71 -6.37
N GLU C 327 -10.77 -19.26 -6.04
CA GLU C 327 -9.54 -18.70 -6.54
C GLU C 327 -9.54 -18.75 -8.06
N GLY C 328 -9.10 -17.67 -8.68
CA GLY C 328 -9.04 -17.59 -10.13
C GLY C 328 -10.34 -17.24 -10.85
N GLU C 329 -11.35 -16.84 -10.08
CA GLU C 329 -12.64 -16.48 -10.66
C GLU C 329 -13.18 -15.15 -10.14
N ASP C 330 -12.37 -14.10 -10.16
CA ASP C 330 -12.84 -12.81 -9.67
C ASP C 330 -13.96 -12.16 -10.50
N ARG C 331 -14.17 -12.62 -11.71
CA ARG C 331 -15.24 -12.08 -12.52
C ARG C 331 -16.63 -12.31 -11.96
N PHE C 332 -16.86 -13.46 -11.36
CA PHE C 332 -18.16 -13.78 -10.78
C PHE C 332 -18.39 -13.22 -9.39
N PHE C 333 -19.66 -13.03 -9.04
CA PHE C 333 -20.05 -12.54 -7.73
C PHE C 333 -21.40 -13.15 -7.36
N PRO C 334 -21.67 -13.38 -6.08
CA PRO C 334 -22.97 -13.89 -5.69
C PRO C 334 -24.06 -12.86 -5.98
N LEU C 335 -25.25 -13.37 -6.33
CA LEU C 335 -26.35 -12.50 -6.74
C LEU C 335 -26.63 -11.44 -5.68
N SER C 336 -27.15 -11.85 -4.53
CA SER C 336 -27.41 -10.93 -3.42
C SER C 336 -26.33 -10.96 -2.34
N GLY C 337 -25.26 -11.75 -2.52
CA GLY C 337 -24.40 -12.06 -1.39
C GLY C 337 -23.38 -10.99 -1.09
N SER C 338 -23.34 -9.93 -1.89
CA SER C 338 -22.35 -8.88 -1.75
C SER C 338 -23.02 -7.55 -1.42
N LEU C 339 -22.25 -6.68 -0.80
CA LEU C 339 -22.69 -5.30 -0.61
C LEU C 339 -22.25 -4.48 -1.82
N ILE C 340 -23.20 -3.79 -2.43
CA ILE C 340 -22.97 -3.05 -3.66
C ILE C 340 -23.25 -1.58 -3.38
N PHE C 341 -22.25 -0.74 -3.55
CA PHE C 341 -22.43 0.70 -3.37
C PHE C 341 -22.61 1.36 -4.73
N GLY C 342 -22.88 2.66 -4.70
CA GLY C 342 -22.98 3.45 -5.91
C GLY C 342 -21.77 4.35 -6.07
N LYS C 343 -21.63 4.93 -7.25
CA LYS C 343 -20.63 5.93 -7.47
C LYS C 343 -21.27 7.32 -7.41
N GLN C 344 -20.44 8.35 -7.51
CA GLN C 344 -20.94 9.71 -7.39
C GLN C 344 -21.84 10.05 -8.56
N GLY C 345 -23.04 10.52 -8.25
CA GLY C 345 -24.00 10.90 -9.27
C GLY C 345 -24.73 9.74 -9.92
N THR C 346 -24.82 8.59 -9.24
CA THR C 346 -25.48 7.44 -9.83
C THR C 346 -26.98 7.48 -9.52
N GLY C 347 -27.78 7.12 -10.52
CA GLY C 347 -29.22 7.24 -10.38
C GLY C 347 -29.81 6.23 -9.41
N ARG C 348 -31.11 6.37 -9.19
CA ARG C 348 -31.80 5.52 -8.22
C ARG C 348 -32.19 4.18 -8.82
N ASP C 349 -32.55 4.14 -10.09
CA ASP C 349 -33.21 2.96 -10.67
C ASP C 349 -32.59 2.56 -12.00
N ASN C 350 -32.30 1.27 -12.13
CA ASN C 350 -31.79 0.66 -13.37
C ASN C 350 -30.58 1.40 -13.93
N VAL C 351 -29.56 1.58 -13.09
CA VAL C 351 -28.32 2.18 -13.56
C VAL C 351 -27.46 1.12 -14.25
N ASP C 352 -26.59 1.58 -15.14
CA ASP C 352 -25.69 0.68 -15.87
C ASP C 352 -24.65 0.08 -14.94
N ALA C 353 -24.03 -1.01 -15.42
CA ALA C 353 -23.17 -1.82 -14.57
C ALA C 353 -21.88 -1.11 -14.21
N ASP C 354 -21.49 -0.11 -14.99
CA ASP C 354 -20.25 0.60 -14.69
C ASP C 354 -20.43 1.64 -13.60
N LYS C 355 -21.68 1.86 -13.17
CA LYS C 355 -21.95 2.85 -12.13
C LYS C 355 -21.76 2.30 -10.73
N VAL C 356 -21.99 1.00 -10.52
CA VAL C 356 -21.95 0.41 -9.19
C VAL C 356 -20.53 0.07 -8.78
N MET C 357 -20.31 -0.07 -7.48
CA MET C 357 -19.08 -0.60 -6.92
C MET C 357 -19.40 -1.86 -6.12
N ILE C 358 -18.91 -3.00 -6.59
CA ILE C 358 -19.21 -4.30 -5.99
C ILE C 358 -18.04 -4.72 -5.11
N THR C 359 -18.33 -5.12 -3.89
CA THR C 359 -17.29 -5.56 -2.98
C THR C 359 -17.16 -7.08 -2.99
N ASN C 360 -15.93 -7.55 -2.96
CA ASN C 360 -15.69 -8.97 -2.92
C ASN C 360 -15.25 -9.32 -1.52
N GLU C 361 -15.68 -10.49 -1.06
CA GLU C 361 -15.37 -10.94 0.27
C GLU C 361 -14.43 -12.12 0.20
N GLU C 362 -13.51 -12.12 -0.76
CA GLU C 362 -12.59 -13.23 -0.92
C GLU C 362 -11.70 -13.52 0.28
N GLU C 363 -11.24 -12.49 0.98
CA GLU C 363 -10.36 -12.66 2.15
C GLU C 363 -10.78 -13.76 3.14
N ILE C 364 -12.07 -13.91 3.40
CA ILE C 364 -12.53 -14.94 4.34
C ILE C 364 -12.55 -16.32 3.71
N LYS C 365 -12.02 -16.44 2.50
CA LYS C 365 -12.12 -17.67 1.73
C LYS C 365 -11.39 -18.84 2.40
N THR C 366 -10.56 -18.55 3.41
CA THR C 366 -9.80 -19.62 4.05
C THR C 366 -10.62 -20.41 5.05
N THR C 367 -11.40 -19.73 5.89
CA THR C 367 -12.26 -20.42 6.85
C THR C 367 -13.71 -20.54 6.41
N ASN C 368 -14.09 -19.98 5.30
CA ASN C 368 -15.49 -19.96 4.97
C ASN C 368 -15.73 -20.58 3.60
N PRO C 369 -16.84 -21.30 3.45
CA PRO C 369 -17.18 -21.84 2.13
C PRO C 369 -17.53 -20.74 1.16
N VAL C 370 -17.37 -21.03 -0.13
CA VAL C 370 -17.71 -20.06 -1.16
C VAL C 370 -19.21 -19.85 -1.16
N ALA C 371 -19.65 -18.61 -1.39
CA ALA C 371 -21.07 -18.31 -1.41
C ALA C 371 -21.79 -19.11 -2.48
N THR C 372 -21.18 -19.28 -3.65
CA THR C 372 -21.83 -19.86 -4.81
C THR C 372 -21.57 -21.36 -4.96
N GLU C 373 -20.94 -21.98 -3.96
CA GLU C 373 -20.62 -23.40 -3.96
C GLU C 373 -21.41 -24.13 -2.89
N SER C 374 -21.60 -25.43 -3.09
CA SER C 374 -22.18 -26.27 -2.07
C SER C 374 -21.21 -26.45 -0.91
N TYR C 375 -21.78 -26.82 0.24
CA TYR C 375 -20.94 -27.02 1.42
C TYR C 375 -20.14 -28.30 1.29
N GLY C 376 -20.74 -29.34 0.75
CA GLY C 376 -20.09 -30.64 0.69
C GLY C 376 -21.09 -31.69 0.27
N GLN C 377 -20.81 -32.94 0.68
CA GLN C 377 -21.62 -34.08 0.30
C GLN C 377 -21.91 -34.94 1.52
N VAL C 378 -23.00 -35.70 1.44
CA VAL C 378 -23.43 -36.63 2.47
C VAL C 378 -23.94 -37.90 1.82
N ALA C 379 -23.80 -39.02 2.53
CA ALA C 379 -24.38 -40.27 2.08
C ALA C 379 -25.89 -40.17 2.14
N THR C 380 -26.57 -40.55 1.06
CA THR C 380 -28.02 -40.58 1.04
C THR C 380 -28.63 -41.97 1.20
N ASN C 381 -27.82 -43.02 1.39
CA ASN C 381 -28.40 -44.36 1.46
C ASN C 381 -27.49 -45.27 2.29
N HIS C 382 -27.91 -46.52 2.45
CA HIS C 382 -27.07 -47.60 2.92
C HIS C 382 -26.63 -48.44 1.72
N GLN C 383 -25.33 -48.61 1.55
CA GLN C 383 -24.84 -49.51 0.52
C GLN C 383 -25.06 -50.96 0.95
N SER C 384 -25.03 -51.84 -0.03
CA SER C 384 -25.13 -53.28 0.19
C SER C 384 -24.59 -53.94 -1.07
N ALA C 385 -24.68 -55.27 -1.11
CA ALA C 385 -24.30 -55.98 -2.32
C ALA C 385 -25.18 -55.59 -3.50
N GLN C 386 -26.42 -55.17 -3.22
CA GLN C 386 -27.36 -54.77 -4.25
C GLN C 386 -27.42 -53.27 -4.48
N ALA C 387 -26.71 -52.46 -3.69
CA ALA C 387 -26.90 -51.02 -3.71
C ALA C 387 -25.57 -50.29 -3.83
N GLN C 388 -25.47 -49.41 -4.81
CA GLN C 388 -24.30 -48.56 -4.96
C GLN C 388 -24.40 -47.35 -4.03
N ALA C 389 -23.23 -46.87 -3.59
CA ALA C 389 -23.18 -45.73 -2.70
C ALA C 389 -23.69 -44.48 -3.40
N GLN C 390 -24.61 -43.77 -2.75
CA GLN C 390 -25.21 -42.55 -3.27
C GLN C 390 -24.80 -41.40 -2.36
N THR C 391 -24.54 -40.23 -2.94
CA THR C 391 -24.21 -39.04 -2.19
C THR C 391 -24.91 -37.82 -2.80
N GLY C 392 -25.63 -37.10 -1.96
CA GLY C 392 -26.29 -35.87 -2.37
C GLY C 392 -25.50 -34.65 -1.95
N TRP C 393 -25.77 -33.53 -2.62
CA TRP C 393 -25.08 -32.28 -2.32
C TRP C 393 -25.74 -31.57 -1.14
N VAL C 394 -24.94 -30.88 -0.35
CA VAL C 394 -25.44 -30.07 0.76
C VAL C 394 -25.46 -28.63 0.29
N GLN C 395 -26.66 -28.08 0.09
CA GLN C 395 -26.75 -26.72 -0.42
C GLN C 395 -26.62 -25.70 0.70
N ASN C 396 -27.24 -25.97 1.85
CA ASN C 396 -27.09 -25.13 3.03
C ASN C 396 -26.74 -26.00 4.23
N GLN C 397 -25.83 -25.54 5.06
CA GLN C 397 -25.40 -26.28 6.23
C GLN C 397 -25.37 -25.36 7.43
N GLY C 398 -26.24 -25.63 8.41
CA GLY C 398 -26.26 -24.82 9.61
C GLY C 398 -25.10 -25.11 10.53
N ILE C 399 -25.14 -24.52 11.72
CA ILE C 399 -24.04 -24.65 12.66
C ILE C 399 -23.91 -26.10 13.10
N LEU C 400 -22.68 -26.57 13.18
CA LEU C 400 -22.22 -27.86 13.68
C LEU C 400 -21.11 -27.66 14.70
N PRO C 401 -21.06 -28.47 15.76
CA PRO C 401 -19.95 -28.37 16.70
C PRO C 401 -18.62 -28.55 16.00
N GLY C 402 -17.70 -27.62 16.22
CA GLY C 402 -16.42 -27.65 15.57
C GLY C 402 -16.29 -26.78 14.33
N MET C 403 -17.30 -25.98 14.01
CA MET C 403 -17.15 -25.00 12.94
C MET C 403 -16.40 -23.77 13.41
N VAL C 404 -15.73 -23.11 12.46
CA VAL C 404 -15.12 -21.81 12.68
C VAL C 404 -15.38 -20.97 11.43
N TRP C 405 -15.51 -19.66 11.62
CA TRP C 405 -15.85 -18.79 10.49
C TRP C 405 -15.36 -17.37 10.76
N GLN C 406 -15.34 -16.58 9.69
CA GLN C 406 -15.02 -15.16 9.74
C GLN C 406 -16.26 -14.32 9.43
N ASP C 407 -16.44 -13.25 10.19
CA ASP C 407 -17.53 -12.32 9.95
C ASP C 407 -17.23 -11.46 8.72
N ARG C 408 -18.27 -10.83 8.20
CA ARG C 408 -18.12 -9.97 7.04
C ARG C 408 -17.27 -8.76 7.37
N ASP C 409 -16.51 -8.30 6.38
CA ASP C 409 -15.60 -7.18 6.55
C ASP C 409 -16.39 -5.87 6.59
N VAL C 410 -15.77 -4.84 7.17
CA VAL C 410 -16.37 -3.51 7.25
C VAL C 410 -15.66 -2.61 6.24
N TYR C 411 -16.39 -1.64 5.71
CA TYR C 411 -15.85 -0.79 4.65
C TYR C 411 -15.93 0.68 5.05
N LEU C 412 -15.11 1.50 4.39
CA LEU C 412 -15.13 2.94 4.64
C LEU C 412 -16.49 3.53 4.30
N GLN C 413 -17.21 2.91 3.37
CA GLN C 413 -18.53 3.42 2.99
C GLN C 413 -19.63 2.71 3.76
N GLY C 414 -19.28 1.75 4.59
CA GLY C 414 -20.25 0.87 5.19
C GLY C 414 -20.61 1.21 6.61
N PRO C 415 -21.60 0.51 7.17
CA PRO C 415 -22.12 0.88 8.49
C PRO C 415 -21.19 0.47 9.61
N ILE C 416 -21.41 1.06 10.78
CA ILE C 416 -20.55 0.79 11.93
C ILE C 416 -21.18 -0.25 12.85
N TRP C 417 -22.34 0.07 13.41
CA TRP C 417 -22.97 -0.78 14.42
C TRP C 417 -24.37 -1.14 13.96
N ALA C 418 -24.94 -2.15 14.62
CA ALA C 418 -26.34 -2.48 14.49
C ALA C 418 -26.90 -2.75 15.87
N LYS C 419 -28.23 -2.67 15.98
CA LYS C 419 -28.92 -3.01 17.22
C LYS C 419 -29.30 -4.49 17.17
N ILE C 420 -28.89 -5.23 18.20
CA ILE C 420 -29.31 -6.62 18.30
C ILE C 420 -30.80 -6.65 18.64
N PRO C 421 -31.64 -7.30 17.83
CA PRO C 421 -33.07 -7.37 18.17
C PRO C 421 -33.26 -8.01 19.53
N HIS C 422 -34.18 -7.46 20.31
CA HIS C 422 -34.44 -7.98 21.65
C HIS C 422 -35.30 -9.22 21.52
N THR C 423 -34.75 -10.36 21.89
CA THR C 423 -35.37 -11.66 21.62
C THR C 423 -34.94 -12.64 22.71
N ASP C 424 -35.66 -13.75 22.79
CA ASP C 424 -35.32 -14.78 23.76
C ASP C 424 -33.95 -15.38 23.47
N GLY C 425 -33.58 -15.49 22.19
CA GLY C 425 -32.30 -16.05 21.85
C GLY C 425 -31.79 -15.54 20.52
N ASN C 426 -30.47 -15.57 20.39
CA ASN C 426 -29.79 -15.28 19.14
C ASN C 426 -28.56 -16.15 19.04
N PHE C 427 -27.98 -16.22 17.85
CA PHE C 427 -26.68 -16.84 17.70
C PHE C 427 -25.76 -15.90 16.94
N HIS C 428 -24.58 -15.67 17.49
CA HIS C 428 -23.53 -14.84 16.92
C HIS C 428 -24.15 -13.54 16.44
N PRO C 429 -24.57 -12.68 17.36
CA PRO C 429 -25.39 -11.52 16.99
C PRO C 429 -24.75 -10.53 16.02
N SER C 430 -23.46 -10.69 15.73
CA SER C 430 -22.79 -9.79 14.80
C SER C 430 -23.63 -9.60 13.54
N PRO C 431 -23.88 -8.36 13.11
CA PRO C 431 -24.81 -8.14 12.01
C PRO C 431 -24.25 -8.58 10.67
N LEU C 432 -25.17 -8.89 9.75
CA LEU C 432 -24.79 -9.53 8.50
C LEU C 432 -24.29 -8.54 7.46
N MET C 433 -24.58 -7.25 7.61
CA MET C 433 -23.98 -6.25 6.73
C MET C 433 -22.62 -5.80 7.22
N GLY C 434 -22.12 -6.32 8.33
CA GLY C 434 -20.84 -5.95 8.87
C GLY C 434 -20.99 -4.96 10.02
N GLY C 435 -20.01 -4.98 10.91
CA GLY C 435 -20.03 -4.11 12.05
C GLY C 435 -20.36 -4.78 13.35
N PHE C 436 -20.61 -3.96 14.37
CA PHE C 436 -20.67 -4.37 15.76
C PHE C 436 -22.12 -4.49 16.20
N GLY C 437 -22.57 -5.71 16.45
CA GLY C 437 -23.89 -5.92 17.02
C GLY C 437 -23.89 -5.53 18.50
N MET C 438 -24.84 -4.66 18.85
CA MET C 438 -24.93 -4.16 20.21
C MET C 438 -26.39 -4.19 20.66
N LYS C 439 -26.62 -4.76 21.85
CA LYS C 439 -27.95 -4.66 22.45
C LYS C 439 -28.33 -3.23 22.74
N HIS C 440 -27.39 -2.40 23.17
CA HIS C 440 -27.62 -0.99 23.45
C HIS C 440 -26.68 -0.17 22.59
N PRO C 441 -26.99 -0.02 21.31
CA PRO C 441 -26.13 0.75 20.41
C PRO C 441 -26.24 2.23 20.72
N PRO C 442 -25.47 3.08 20.01
CA PRO C 442 -25.63 4.52 20.18
C PRO C 442 -27.09 4.93 20.01
N PRO C 443 -27.61 5.75 20.91
CA PRO C 443 -29.04 6.07 20.88
C PRO C 443 -29.39 6.97 19.71
N GLN C 444 -30.65 6.88 19.29
CA GLN C 444 -31.15 7.77 18.25
C GLN C 444 -31.23 9.20 18.76
N ILE C 445 -30.91 10.14 17.88
CA ILE C 445 -30.91 11.56 18.21
C ILE C 445 -32.00 12.22 17.37
N LEU C 446 -33.07 12.65 18.03
CA LEU C 446 -34.22 13.21 17.34
C LEU C 446 -34.19 14.72 17.44
N ILE C 447 -34.53 15.38 16.33
CA ILE C 447 -34.50 16.83 16.25
C ILE C 447 -35.65 17.29 15.37
N LYS C 448 -36.26 18.41 15.74
CA LYS C 448 -37.28 19.04 14.89
C LYS C 448 -37.32 20.53 15.21
N ASN C 449 -37.90 21.27 14.27
CA ASN C 449 -38.18 22.69 14.50
C ASN C 449 -39.48 22.82 15.29
N THR C 450 -39.52 23.82 16.16
CA THR C 450 -40.73 24.06 16.94
C THR C 450 -41.77 24.75 16.05
N PRO C 451 -43.01 24.27 16.02
CA PRO C 451 -44.04 24.94 15.22
C PRO C 451 -44.35 26.32 15.77
N VAL C 452 -44.41 27.30 14.87
CA VAL C 452 -44.69 28.67 15.25
C VAL C 452 -45.85 29.21 14.41
N PHE C 468 -49.07 27.91 9.79
CA PHE C 468 -47.77 28.04 10.41
C PHE C 468 -46.87 28.95 9.59
N ILE C 469 -45.80 29.44 10.21
CA ILE C 469 -44.84 30.30 9.52
C ILE C 469 -43.83 29.43 8.80
N THR C 470 -43.48 29.81 7.58
CA THR C 470 -42.49 29.04 6.82
C THR C 470 -41.13 29.19 7.46
N GLN C 471 -40.53 28.06 7.83
CA GLN C 471 -39.43 28.11 8.78
C GLN C 471 -38.48 26.94 8.53
N TYR C 472 -37.19 27.20 8.69
CA TYR C 472 -36.18 26.15 8.67
C TYR C 472 -35.00 26.61 9.51
N SER C 473 -34.16 25.65 9.88
CA SER C 473 -33.04 25.93 10.77
C SER C 473 -31.78 25.26 10.25
N THR C 474 -30.65 25.88 10.57
CA THR C 474 -29.34 25.35 10.24
C THR C 474 -28.47 25.43 11.49
N GLY C 475 -27.31 24.79 11.43
CA GLY C 475 -26.43 24.77 12.57
C GLY C 475 -25.27 23.84 12.36
N GLN C 476 -24.69 23.39 13.46
CA GLN C 476 -23.47 22.61 13.45
C GLN C 476 -23.68 21.32 14.26
N VAL C 477 -22.95 20.27 13.88
CA VAL C 477 -22.96 19.00 14.59
C VAL C 477 -21.54 18.47 14.67
N SER C 478 -21.10 18.15 15.89
CA SER C 478 -19.82 17.51 16.09
C SER C 478 -20.01 16.17 16.79
N VAL C 479 -19.39 15.13 16.26
CA VAL C 479 -19.46 13.80 16.82
C VAL C 479 -18.04 13.27 16.99
N GLU C 480 -17.76 12.68 18.14
CA GLU C 480 -16.43 12.23 18.49
C GLU C 480 -16.49 10.83 19.06
N ILE C 481 -15.77 9.90 18.44
CA ILE C 481 -15.74 8.51 18.88
C ILE C 481 -14.31 8.16 19.26
N GLU C 482 -14.15 7.47 20.40
CA GLU C 482 -12.88 6.91 20.78
C GLU C 482 -12.84 5.44 20.40
N TRP C 483 -11.80 5.04 19.70
CA TRP C 483 -11.67 3.70 19.15
C TRP C 483 -10.56 2.98 19.89
N GLU C 484 -10.67 1.67 20.03
CA GLU C 484 -9.62 0.87 20.62
C GLU C 484 -8.92 0.07 19.53
N LEU C 485 -7.61 -0.11 19.66
CA LEU C 485 -6.83 -0.78 18.63
C LEU C 485 -6.17 -2.04 19.17
N GLN C 486 -5.99 -3.01 18.27
CA GLN C 486 -5.25 -4.22 18.57
C GLN C 486 -4.07 -4.31 17.61
N LYS C 487 -2.87 -4.17 18.13
CA LYS C 487 -1.66 -4.17 17.32
C LYS C 487 -1.28 -5.59 16.92
N GLU C 488 -0.48 -5.68 15.85
CA GLU C 488 0.01 -6.94 15.34
C GLU C 488 1.44 -7.18 15.83
N ASN C 489 1.65 -8.33 16.48
CA ASN C 489 2.98 -8.76 16.89
C ASN C 489 3.62 -9.72 15.90
N SER C 490 3.02 -9.87 14.72
CA SER C 490 3.35 -10.96 13.79
C SER C 490 4.84 -11.07 13.50
N LYS C 491 5.29 -12.32 13.36
CA LYS C 491 6.67 -12.67 13.06
C LYS C 491 6.91 -12.93 11.58
N ARG C 492 5.92 -12.69 10.72
CA ARG C 492 6.05 -12.91 9.29
C ARG C 492 7.29 -12.24 8.72
N TRP C 493 8.07 -13.00 7.95
CA TRP C 493 9.32 -12.48 7.43
C TRP C 493 9.11 -11.58 6.22
N ASN C 494 8.32 -12.04 5.25
CA ASN C 494 8.14 -11.29 4.02
C ASN C 494 7.12 -10.16 4.20
N PRO C 495 7.20 -9.13 3.37
CA PRO C 495 6.32 -7.97 3.57
C PRO C 495 4.85 -8.27 3.27
N GLU C 496 3.98 -7.58 3.98
CA GLU C 496 2.53 -7.71 3.90
C GLU C 496 1.99 -7.13 2.59
N ILE C 497 0.68 -7.19 2.46
CA ILE C 497 -0.05 -6.42 1.46
C ILE C 497 -0.62 -5.18 2.15
N GLN C 498 -0.50 -4.04 1.49
CA GLN C 498 -0.93 -2.77 2.06
C GLN C 498 -1.89 -2.10 1.10
N TYR C 499 -2.69 -1.18 1.62
CA TYR C 499 -3.59 -0.43 0.77
C TYR C 499 -2.78 0.77 0.31
N THR C 500 -2.71 0.99 -0.99
CA THR C 500 -1.93 2.11 -1.49
C THR C 500 -2.61 2.90 -2.59
N SER C 501 -2.30 4.19 -2.65
CA SER C 501 -2.81 5.06 -3.69
C SER C 501 -2.16 4.70 -5.01
N ASN C 502 -2.87 4.83 -6.12
CA ASN C 502 -2.29 4.48 -7.41
C ASN C 502 -1.11 5.37 -7.76
N TYR C 503 -0.02 4.77 -8.22
CA TYR C 503 1.20 5.47 -8.61
C TYR C 503 1.09 6.40 -9.82
N TYR C 504 0.36 5.96 -10.83
CA TYR C 504 0.21 6.65 -12.10
C TYR C 504 -0.60 7.94 -12.15
N LYS C 505 -0.26 8.80 -13.12
CA LYS C 505 -0.93 10.08 -13.33
C LYS C 505 -2.39 9.94 -13.75
N SER C 506 -3.18 10.97 -13.49
CA SER C 506 -4.60 10.93 -13.82
C SER C 506 -5.14 12.35 -13.87
N ASN C 507 -6.31 12.49 -14.49
CA ASN C 507 -6.94 13.81 -14.56
C ASN C 507 -7.25 14.35 -13.18
N ASN C 508 -7.69 13.49 -12.28
CA ASN C 508 -8.02 13.86 -10.91
C ASN C 508 -7.17 13.02 -9.98
N VAL C 509 -7.09 13.43 -8.72
CA VAL C 509 -6.53 12.53 -7.72
C VAL C 509 -7.68 11.92 -6.92
N GLU C 510 -7.52 10.66 -6.54
CA GLU C 510 -8.59 9.90 -5.91
C GLU C 510 -8.91 10.44 -4.53
N PHE C 511 -10.19 10.36 -4.16
CA PHE C 511 -10.70 10.89 -2.89
C PHE C 511 -10.43 12.37 -2.76
N ALA C 512 -10.82 13.12 -3.78
CA ALA C 512 -10.64 14.56 -3.82
C ALA C 512 -11.66 15.16 -4.78
N VAL C 513 -11.81 16.49 -4.69
CA VAL C 513 -12.78 17.18 -5.51
C VAL C 513 -12.27 17.30 -6.95
N ASN C 514 -13.20 17.35 -7.90
CA ASN C 514 -12.90 17.59 -9.29
C ASN C 514 -13.02 19.08 -9.58
N THR C 515 -12.99 19.45 -10.87
CA THR C 515 -12.96 20.87 -11.24
C THR C 515 -14.26 21.57 -10.88
N GLU C 516 -15.36 20.81 -10.77
CA GLU C 516 -16.64 21.41 -10.43
C GLU C 516 -16.84 21.55 -8.93
N GLY C 517 -16.00 20.91 -8.12
CA GLY C 517 -16.17 20.92 -6.68
C GLY C 517 -16.93 19.75 -6.12
N VAL C 518 -17.05 18.66 -6.86
CA VAL C 518 -17.79 17.50 -6.40
C VAL C 518 -16.82 16.47 -5.83
N TYR C 519 -17.07 16.04 -4.60
CA TYR C 519 -16.25 15.06 -3.92
C TYR C 519 -16.80 13.67 -4.20
N SER C 520 -15.92 12.74 -4.54
CA SER C 520 -16.33 11.40 -4.92
C SER C 520 -15.36 10.38 -4.35
N GLU C 521 -15.91 9.31 -3.77
CA GLU C 521 -15.11 8.18 -3.30
C GLU C 521 -14.97 7.18 -4.43
N PRO C 522 -13.79 7.03 -5.03
CA PRO C 522 -13.69 6.26 -6.27
C PRO C 522 -13.84 4.75 -6.11
N ARG C 523 -13.57 4.22 -4.93
CA ARG C 523 -13.54 2.78 -4.71
C ARG C 523 -13.98 2.45 -3.31
N PRO C 524 -14.46 1.22 -3.08
CA PRO C 524 -14.62 0.74 -1.70
C PRO C 524 -13.28 0.33 -1.14
N ILE C 525 -13.13 0.46 0.18
CA ILE C 525 -11.91 0.06 0.86
C ILE C 525 -12.28 -0.89 1.99
N GLY C 526 -11.85 -2.15 1.87
CA GLY C 526 -12.02 -3.12 2.92
C GLY C 526 -10.96 -2.95 4.01
N THR C 527 -11.17 -3.65 5.10
CA THR C 527 -10.31 -3.50 6.27
C THR C 527 -9.21 -4.56 6.35
N ARG C 528 -9.23 -5.60 5.52
CA ARG C 528 -8.40 -6.78 5.76
C ARG C 528 -7.25 -6.86 4.75
N TYR C 529 -6.05 -6.55 5.25
CA TYR C 529 -4.81 -6.55 4.48
C TYR C 529 -3.74 -7.37 5.20
N LEU C 530 -3.45 -7.01 6.44
CA LEU C 530 -2.50 -7.75 7.26
C LEU C 530 -2.99 -9.18 7.45
N THR C 531 -2.06 -10.06 7.83
CA THR C 531 -2.37 -11.48 7.92
C THR C 531 -2.08 -12.03 9.30
N ARG C 532 -2.79 -13.11 9.64
CA ARG C 532 -2.55 -13.90 10.84
C ARG C 532 -2.48 -15.37 10.48
N ASN C 533 -2.00 -16.16 11.43
CA ASN C 533 -2.04 -17.61 11.32
C ASN C 533 -3.40 -18.13 11.75
N LEU C 534 -3.83 -19.20 11.10
CA LEU C 534 -5.13 -19.77 11.39
C LEU C 534 -5.05 -20.70 12.61
N THR D 39 5.56 48.31 16.93
CA THR D 39 4.66 48.83 15.90
C THR D 39 3.32 48.12 15.94
N THR D 40 2.24 48.89 15.75
CA THR D 40 0.89 48.36 15.77
C THR D 40 0.12 48.93 14.59
N SER D 41 -0.65 48.08 13.92
CA SER D 41 -1.43 48.48 12.76
C SER D 41 -2.80 47.84 12.82
N THR D 42 -3.83 48.62 12.52
CA THR D 42 -5.21 48.14 12.47
C THR D 42 -5.80 48.48 11.11
N ARG D 43 -6.54 47.53 10.53
CA ARG D 43 -7.17 47.74 9.24
C ARG D 43 -8.59 47.19 9.28
N THR D 44 -9.38 47.56 8.27
CA THR D 44 -10.73 47.04 8.09
C THR D 44 -10.78 46.18 6.85
N TRP D 45 -11.34 44.99 6.97
CA TRP D 45 -11.35 44.00 5.91
C TRP D 45 -12.77 43.68 5.48
N ALA D 46 -12.88 43.12 4.28
CA ALA D 46 -14.12 42.58 3.76
C ALA D 46 -13.82 41.22 3.15
N LEU D 47 -14.53 40.19 3.61
CA LEU D 47 -14.28 38.82 3.17
C LEU D 47 -15.47 38.31 2.38
N PRO D 48 -15.33 38.08 1.08
CA PRO D 48 -16.46 37.58 0.30
C PRO D 48 -16.61 36.07 0.40
N THR D 49 -17.57 35.52 -0.33
CA THR D 49 -17.70 34.07 -0.46
C THR D 49 -17.00 33.61 -1.72
N TYR D 50 -15.94 32.82 -1.55
CA TYR D 50 -15.15 32.35 -2.67
C TYR D 50 -15.62 30.98 -3.14
N ASN D 51 -15.65 30.79 -4.46
CA ASN D 51 -15.93 29.50 -5.07
C ASN D 51 -17.28 28.93 -4.66
N ASN D 52 -18.19 29.78 -4.19
CA ASN D 52 -19.48 29.33 -3.68
C ASN D 52 -19.32 28.21 -2.67
N HIS D 53 -18.33 28.35 -1.79
CA HIS D 53 -18.08 27.41 -0.70
C HIS D 53 -17.63 26.05 -1.21
N LEU D 54 -16.80 26.04 -2.25
CA LEU D 54 -16.38 24.80 -2.90
C LEU D 54 -14.88 24.75 -3.07
N TYR D 55 -14.31 23.58 -2.78
CA TYR D 55 -12.96 23.24 -3.19
C TYR D 55 -13.00 22.84 -4.65
N LYS D 56 -12.25 23.53 -5.49
CA LYS D 56 -12.28 23.27 -6.92
C LYS D 56 -10.88 23.00 -7.43
N GLN D 57 -10.72 21.86 -8.11
CA GLN D 57 -9.52 21.56 -8.86
C GLN D 57 -9.26 22.61 -9.93
N ILE D 58 -8.05 23.14 -9.95
CA ILE D 58 -7.62 24.12 -10.93
C ILE D 58 -6.38 23.55 -11.58
N SER D 59 -6.20 23.81 -12.86
CA SER D 59 -5.06 23.25 -13.57
C SER D 59 -4.68 24.10 -14.77
N ASN D 60 -3.74 23.56 -15.54
CA ASN D 60 -3.31 24.24 -16.76
C ASN D 60 -4.44 24.32 -17.78
N SER D 61 -5.24 23.25 -17.90
CA SER D 61 -6.32 23.24 -18.90
C SER D 61 -7.51 24.07 -18.44
N THR D 62 -7.62 24.34 -17.14
CA THR D 62 -8.64 25.26 -16.66
C THR D 62 -8.40 26.67 -17.20
N SER D 63 -7.13 27.06 -17.35
CA SER D 63 -6.82 28.37 -17.90
C SER D 63 -6.53 28.29 -19.39
N GLY D 64 -6.67 27.11 -19.98
CA GLY D 64 -6.44 26.91 -21.40
C GLY D 64 -5.14 26.23 -21.75
N GLY D 65 -4.15 26.31 -20.86
CA GLY D 65 -2.94 25.50 -21.02
C GLY D 65 -1.98 25.97 -22.10
N SER D 66 -1.40 24.98 -22.76
CA SER D 66 -0.58 25.06 -23.99
C SER D 66 0.89 25.39 -23.73
N SER D 67 1.33 25.64 -22.50
CA SER D 67 2.74 25.91 -22.22
C SER D 67 3.25 24.90 -21.22
N ASN D 68 4.47 24.38 -21.45
CA ASN D 68 5.03 23.37 -20.57
C ASN D 68 5.61 24.00 -19.32
N ASP D 69 6.31 25.12 -19.46
CA ASP D 69 6.87 25.79 -18.28
C ASP D 69 5.77 26.33 -17.39
N ASN D 70 4.62 26.63 -17.96
CA ASN D 70 3.52 27.27 -17.25
C ASN D 70 2.45 26.30 -16.77
N ALA D 71 2.61 25.00 -17.01
CA ALA D 71 1.59 24.05 -16.61
C ALA D 71 1.60 23.86 -15.10
N TYR D 72 0.42 23.59 -14.54
CA TYR D 72 0.30 23.43 -13.10
C TYR D 72 -0.96 22.62 -12.78
N PHE D 73 -1.01 22.13 -11.54
CA PHE D 73 -2.15 21.42 -10.99
C PHE D 73 -2.27 21.79 -9.52
N GLY D 74 -3.49 22.01 -9.06
CA GLY D 74 -3.70 22.36 -7.67
C GLY D 74 -5.15 22.52 -7.34
N TYR D 75 -5.42 23.22 -6.24
CA TYR D 75 -6.78 23.42 -5.76
C TYR D 75 -6.98 24.86 -5.32
N SER D 76 -8.20 25.35 -5.49
CA SER D 76 -8.62 26.64 -4.93
C SER D 76 -9.68 26.39 -3.88
N THR D 77 -9.60 27.12 -2.78
CA THR D 77 -10.39 26.88 -1.60
C THR D 77 -11.37 28.02 -1.36
N PRO D 78 -12.49 27.77 -0.67
CA PRO D 78 -13.36 28.87 -0.24
C PRO D 78 -12.75 29.74 0.82
N TRP D 79 -11.66 29.32 1.45
CA TRP D 79 -11.05 30.04 2.55
C TRP D 79 -10.28 31.26 2.08
N GLY D 80 -10.18 32.25 2.95
CA GLY D 80 -9.29 33.38 2.75
C GLY D 80 -8.10 33.30 3.70
N TYR D 81 -7.19 34.26 3.54
CA TYR D 81 -6.02 34.32 4.42
C TYR D 81 -5.57 35.77 4.55
N PHE D 82 -4.96 36.08 5.68
CA PHE D 82 -4.44 37.42 5.93
C PHE D 82 -2.96 37.49 5.59
N ASP D 83 -2.57 38.56 4.91
CA ASP D 83 -1.18 38.77 4.53
C ASP D 83 -0.74 40.15 5.00
N PHE D 84 0.09 40.19 6.04
CA PHE D 84 0.79 41.39 6.47
C PHE D 84 2.28 41.38 6.11
N ASN D 85 2.72 40.41 5.32
CA ASN D 85 4.14 40.12 5.08
C ASN D 85 4.93 41.24 4.41
N ARG D 86 4.30 42.32 3.96
CA ARG D 86 5.03 43.44 3.38
C ARG D 86 5.24 44.52 4.44
N PHE D 87 6.39 45.18 4.35
CA PHE D 87 6.82 46.23 5.29
C PHE D 87 5.93 47.47 5.36
N HIS D 88 5.26 47.84 4.28
CA HIS D 88 4.40 49.02 4.31
C HIS D 88 3.19 48.90 5.28
N CYS D 89 2.70 47.68 5.49
CA CYS D 89 1.60 47.42 6.40
C CYS D 89 1.99 47.80 7.83
N HIS D 90 3.23 47.52 8.21
CA HIS D 90 3.72 47.84 9.53
C HIS D 90 4.67 49.03 9.47
N GLY D 105 20.70 47.78 11.95
CA GLY D 105 19.91 46.62 11.60
C GLY D 105 18.68 46.40 12.46
N PHE D 106 17.82 45.49 12.04
CA PHE D 106 16.55 45.24 12.72
C PHE D 106 16.10 43.82 12.40
N ARG D 107 15.11 43.35 13.16
CA ARG D 107 14.56 42.02 12.98
C ARG D 107 13.35 41.83 13.89
N PRO D 108 12.37 41.03 13.48
CA PRO D 108 11.18 40.84 14.32
C PRO D 108 11.46 39.95 15.52
N LYS D 109 10.65 40.14 16.56
CA LYS D 109 10.79 39.40 17.80
C LYS D 109 9.48 38.70 18.17
N ARG D 110 8.41 39.44 18.41
CA ARG D 110 7.13 38.88 18.79
C ARG D 110 6.05 39.32 17.80
N LEU D 111 5.00 38.51 17.71
CA LEU D 111 3.85 38.77 16.88
C LEU D 111 2.60 38.61 17.71
N ASN D 112 1.68 39.55 17.60
CA ASN D 112 0.39 39.45 18.27
C ASN D 112 -0.69 39.84 17.28
N PHE D 113 -1.59 38.90 16.99
CA PHE D 113 -2.63 39.08 15.98
C PHE D 113 -3.98 39.13 16.69
N LYS D 114 -4.85 40.03 16.27
CA LYS D 114 -6.21 40.12 16.80
C LYS D 114 -7.21 40.31 15.67
N LEU D 115 -8.39 39.75 15.88
CA LEU D 115 -9.48 39.87 14.91
C LEU D 115 -10.76 40.17 15.68
N PHE D 116 -11.39 41.31 15.41
CA PHE D 116 -12.51 41.75 16.23
C PHE D 116 -13.46 42.59 15.38
N ASN D 117 -14.55 43.02 16.02
CA ASN D 117 -15.65 43.74 15.36
C ASN D 117 -16.19 42.98 14.16
N ILE D 118 -16.42 41.68 14.37
CA ILE D 118 -16.91 40.82 13.29
C ILE D 118 -18.32 41.23 12.92
N GLN D 119 -18.57 41.39 11.63
CA GLN D 119 -19.88 41.75 11.12
C GLN D 119 -20.14 40.96 9.86
N VAL D 120 -21.32 40.35 9.76
CA VAL D 120 -21.70 39.54 8.61
C VAL D 120 -22.94 40.14 7.99
N LYS D 121 -22.86 40.47 6.71
CA LYS D 121 -23.98 41.04 6.00
C LYS D 121 -24.51 40.10 4.93
N GLU D 122 -25.83 40.11 4.76
CA GLU D 122 -26.47 39.31 3.74
C GLU D 122 -26.92 40.21 2.60
N VAL D 123 -26.77 39.72 1.37
CA VAL D 123 -27.16 40.45 0.17
C VAL D 123 -28.38 39.77 -0.42
N THR D 124 -29.49 40.49 -0.50
CA THR D 124 -30.73 39.96 -1.04
C THR D 124 -31.23 40.90 -2.15
N ASP D 125 -31.68 40.30 -3.24
CA ASP D 125 -32.27 41.02 -4.36
C ASP D 125 -33.78 41.06 -4.13
N ASN D 126 -34.29 42.25 -3.81
CA ASN D 126 -35.72 42.47 -3.60
C ASN D 126 -36.24 43.22 -4.81
N ASN D 127 -37.18 42.62 -5.52
CA ASN D 127 -37.64 43.11 -6.83
C ASN D 127 -36.39 43.14 -7.70
N GLY D 128 -35.97 44.30 -8.20
CA GLY D 128 -34.80 44.37 -9.05
C GLY D 128 -33.56 44.98 -8.41
N VAL D 129 -33.64 45.33 -7.13
CA VAL D 129 -32.57 46.05 -6.45
C VAL D 129 -32.07 45.22 -5.29
N LYS D 130 -30.84 45.50 -4.85
CA LYS D 130 -30.20 44.74 -3.79
C LYS D 130 -30.40 45.41 -2.44
N THR D 131 -30.52 44.58 -1.40
CA THR D 131 -30.66 45.03 -0.03
C THR D 131 -29.62 44.35 0.84
N ILE D 132 -28.89 45.13 1.64
CA ILE D 132 -27.90 44.61 2.57
C ILE D 132 -28.45 44.77 3.98
N ALA D 133 -28.36 43.70 4.78
CA ALA D 133 -28.88 43.72 6.13
C ALA D 133 -27.92 42.99 7.07
N ASN D 134 -28.04 43.30 8.36
CA ASN D 134 -27.23 42.64 9.36
C ASN D 134 -27.77 41.24 9.64
N ASN D 135 -26.93 40.24 9.47
CA ASN D 135 -27.25 38.87 9.86
C ASN D 135 -26.50 38.60 11.15
N LEU D 136 -27.24 38.54 12.26
CA LEU D 136 -26.63 38.52 13.58
C LEU D 136 -26.14 37.13 13.99
N THR D 137 -26.85 36.07 13.61
CA THR D 137 -26.53 34.73 14.06
C THR D 137 -25.44 34.06 13.23
N SER D 138 -24.94 34.72 12.20
CA SER D 138 -23.93 34.12 11.34
C SER D 138 -22.58 34.04 12.04
N THR D 139 -21.83 33.00 11.72
CA THR D 139 -20.51 32.77 12.27
C THR D 139 -19.45 32.88 11.18
N VAL D 140 -18.22 33.18 11.61
CA VAL D 140 -17.06 33.27 10.75
C VAL D 140 -15.97 32.38 11.32
N GLN D 141 -15.48 31.46 10.50
CA GLN D 141 -14.50 30.47 10.92
C GLN D 141 -13.09 30.98 10.66
N VAL D 142 -12.23 30.86 11.65
CA VAL D 142 -10.85 31.30 11.55
C VAL D 142 -9.96 30.35 12.34
N PHE D 143 -8.81 30.02 11.79
CA PHE D 143 -7.84 29.24 12.53
C PHE D 143 -6.44 29.61 12.03
N THR D 144 -5.46 29.25 12.83
CA THR D 144 -4.07 29.35 12.44
C THR D 144 -3.54 27.95 12.15
N ASP D 145 -2.61 27.84 11.23
CA ASP D 145 -1.91 26.59 11.02
C ASP D 145 -0.59 26.75 11.74
N SER D 146 -0.52 26.22 12.96
CA SER D 146 0.67 26.37 13.79
C SER D 146 1.56 25.14 13.74
N ASP D 147 1.11 24.07 13.10
CA ASP D 147 1.95 22.93 12.82
C ASP D 147 2.51 22.97 11.40
N TYR D 148 2.16 23.99 10.63
CA TYR D 148 2.64 24.16 9.27
C TYR D 148 2.29 22.93 8.43
N GLN D 149 1.06 22.47 8.59
CA GLN D 149 0.57 21.28 7.90
C GLN D 149 -0.02 21.60 6.53
N LEU D 150 -0.34 22.85 6.26
CA LEU D 150 -0.82 23.27 4.95
C LEU D 150 0.32 23.76 4.08
N PRO D 151 0.12 23.74 2.76
CA PRO D 151 1.03 24.47 1.87
C PRO D 151 1.12 25.94 2.26
N TYR D 152 2.31 26.51 2.11
CA TYR D 152 2.59 27.85 2.60
C TYR D 152 2.75 28.80 1.42
N VAL D 153 1.76 29.65 1.22
CA VAL D 153 1.71 30.56 0.08
C VAL D 153 2.16 31.98 0.42
N LEU D 154 2.51 32.25 1.68
CA LEU D 154 2.79 33.64 2.07
C LEU D 154 4.15 34.12 1.62
N GLY D 155 5.12 33.23 1.45
CA GLY D 155 6.46 33.62 1.04
C GLY D 155 6.65 33.80 -0.45
N SER D 156 5.56 33.85 -1.22
CA SER D 156 5.63 33.99 -2.67
C SER D 156 5.46 35.43 -3.13
N ALA D 157 5.32 36.38 -2.21
CA ALA D 157 5.27 37.81 -2.54
C ALA D 157 4.10 38.15 -3.47
N HIS D 158 2.89 37.79 -3.04
CA HIS D 158 1.69 38.04 -3.81
C HIS D 158 0.98 39.32 -3.40
N GLU D 159 -0.13 39.57 -4.08
CA GLU D 159 -1.03 40.70 -3.85
C GLU D 159 -1.98 40.34 -2.71
N GLY D 160 -2.77 41.31 -2.25
CA GLY D 160 -3.71 41.02 -1.18
C GLY D 160 -3.23 41.33 0.22
N CYS D 161 -2.10 42.00 0.30
CA CYS D 161 -1.51 42.42 1.57
C CYS D 161 -2.33 43.53 2.22
N LEU D 162 -2.20 43.69 3.53
CA LEU D 162 -2.90 44.76 4.22
C LEU D 162 -2.42 46.07 3.63
N PRO D 163 -3.36 47.00 3.38
CA PRO D 163 -3.03 48.29 2.76
C PRO D 163 -2.05 49.13 3.55
N PRO D 164 -1.13 49.79 2.84
CA PRO D 164 -0.09 50.64 3.41
C PRO D 164 -0.64 51.88 4.12
N PHE D 165 -1.82 52.32 3.71
CA PHE D 165 -2.42 53.51 4.30
C PHE D 165 -3.56 53.11 5.21
N PRO D 166 -3.52 53.49 6.49
CA PRO D 166 -4.42 52.87 7.48
C PRO D 166 -5.90 53.05 7.20
N ALA D 167 -6.29 53.98 6.33
CA ALA D 167 -7.70 54.24 6.10
C ALA D 167 -8.30 53.43 4.96
N ASP D 168 -7.54 52.53 4.36
CA ASP D 168 -8.01 51.78 3.20
C ASP D 168 -8.67 50.47 3.62
N VAL D 169 -9.85 50.21 3.05
CA VAL D 169 -10.55 48.94 3.20
C VAL D 169 -10.09 48.02 2.09
N PHE D 170 -9.77 46.78 2.43
CA PHE D 170 -9.15 45.86 1.49
C PHE D 170 -9.92 44.55 1.45
N MET D 171 -9.66 43.77 0.41
CA MET D 171 -10.34 42.52 0.15
C MET D 171 -9.40 41.36 0.45
N ILE D 172 -9.79 40.50 1.38
CA ILE D 172 -8.95 39.38 1.80
C ILE D 172 -8.72 38.46 0.61
N PRO D 173 -7.47 38.07 0.33
CA PRO D 173 -7.21 37.19 -0.81
C PRO D 173 -7.77 35.79 -0.60
N GLN D 174 -7.87 35.06 -1.71
CA GLN D 174 -8.35 33.69 -1.66
C GLN D 174 -7.17 32.73 -1.57
N TYR D 175 -7.34 31.67 -0.80
CA TYR D 175 -6.27 30.72 -0.57
C TYR D 175 -6.35 29.56 -1.55
N GLY D 176 -5.21 29.24 -2.15
CA GLY D 176 -5.10 28.10 -3.03
C GLY D 176 -3.71 27.53 -2.92
N TYR D 177 -3.53 26.34 -3.45
CA TYR D 177 -2.23 25.69 -3.37
C TYR D 177 -2.01 24.82 -4.59
N LEU D 178 -0.75 24.64 -4.93
CA LEU D 178 -0.33 23.81 -6.04
C LEU D 178 0.37 22.57 -5.51
N THR D 179 0.20 21.46 -6.23
CA THR D 179 0.83 20.20 -5.87
C THR D 179 1.50 19.63 -7.11
N LEU D 180 1.99 18.40 -6.99
CA LEU D 180 2.73 17.77 -8.08
C LEU D 180 1.83 17.55 -9.29
N ASN D 181 2.34 17.87 -10.47
CA ASN D 181 1.63 17.67 -11.72
C ASN D 181 2.51 16.94 -12.70
N ASP D 182 1.88 16.26 -13.67
CA ASP D 182 2.53 15.89 -14.91
C ASP D 182 1.70 16.50 -16.04
N GLY D 183 2.26 17.49 -16.71
CA GLY D 183 1.45 18.28 -17.61
C GLY D 183 0.36 18.97 -16.82
N SER D 184 -0.89 18.77 -17.23
CA SER D 184 -2.04 19.28 -16.49
C SER D 184 -2.64 18.25 -15.55
N GLN D 185 -2.11 17.04 -15.55
CA GLN D 185 -2.65 15.94 -14.75
C GLN D 185 -1.98 15.89 -13.40
N ALA D 186 -2.42 14.93 -12.59
CA ALA D 186 -1.94 14.76 -11.23
C ALA D 186 -1.33 13.37 -11.08
N VAL D 187 -0.10 13.33 -10.58
CA VAL D 187 0.54 12.07 -10.25
C VAL D 187 -0.07 11.54 -8.96
N GLY D 188 0.11 10.25 -8.72
CA GLY D 188 -0.45 9.61 -7.55
C GLY D 188 0.08 10.14 -6.24
N ARG D 189 1.12 10.96 -6.29
CA ARG D 189 1.72 11.55 -5.10
C ARG D 189 1.13 12.93 -4.79
N SER D 190 0.23 13.43 -5.63
CA SER D 190 -0.37 14.73 -5.39
C SER D 190 -1.29 14.71 -4.18
N SER D 191 -1.12 15.70 -3.30
CA SER D 191 -1.85 15.79 -2.05
C SER D 191 -3.07 16.68 -2.20
N PHE D 192 -4.15 16.31 -1.53
CA PHE D 192 -5.34 17.12 -1.40
C PHE D 192 -5.60 17.39 0.07
N TYR D 193 -5.67 18.66 0.43
CA TYR D 193 -5.89 19.09 1.81
C TYR D 193 -7.27 19.72 1.91
N CYS D 194 -8.04 19.29 2.90
CA CYS D 194 -9.33 19.91 3.21
C CYS D 194 -9.14 20.78 4.45
N LEU D 195 -9.24 22.10 4.26
CA LEU D 195 -9.04 23.02 5.37
C LEU D 195 -10.16 22.93 6.40
N GLU D 196 -11.27 22.29 6.06
CA GLU D 196 -12.35 22.11 7.03
C GLU D 196 -11.99 21.06 8.07
N TYR D 197 -10.93 20.31 7.83
CA TYR D 197 -10.51 19.17 8.65
C TYR D 197 -9.50 19.58 9.72
N PHE D 198 -9.25 20.84 9.86
CA PHE D 198 -8.54 21.53 10.92
C PHE D 198 -9.53 22.10 11.93
N PRO D 199 -9.30 21.88 13.22
CA PRO D 199 -10.13 22.54 14.23
C PRO D 199 -9.97 24.05 14.17
N SER D 200 -11.09 24.75 14.11
CA SER D 200 -11.09 26.20 13.97
C SER D 200 -12.13 26.82 14.89
N GLN D 201 -11.90 28.07 15.24
CA GLN D 201 -12.78 28.81 16.12
C GLN D 201 -13.84 29.53 15.31
N MET D 202 -15.09 29.44 15.75
CA MET D 202 -16.22 30.05 15.07
C MET D 202 -16.64 31.30 15.83
N LEU D 203 -16.80 32.40 15.11
CA LEU D 203 -16.99 33.72 15.70
C LEU D 203 -18.29 34.33 15.20
N ARG D 204 -19.15 34.76 16.13
CA ARG D 204 -20.26 35.63 15.79
C ARG D 204 -19.83 37.09 15.95
N THR D 205 -20.81 37.99 15.87
CA THR D 205 -20.50 39.41 15.87
C THR D 205 -19.83 39.88 17.17
N GLY D 206 -20.16 39.28 18.31
CA GLY D 206 -19.55 39.66 19.56
C GLY D 206 -18.23 38.98 19.87
N ASN D 207 -17.99 37.80 19.31
CA ASN D 207 -16.78 37.06 19.59
C ASN D 207 -15.58 37.71 18.90
N ASN D 208 -14.41 37.51 19.50
CA ASN D 208 -13.16 38.00 18.95
C ASN D 208 -12.12 36.88 18.94
N PHE D 209 -11.04 37.11 18.21
CA PHE D 209 -9.99 36.12 18.00
C PHE D 209 -8.64 36.77 18.21
N GLN D 210 -7.76 36.06 18.91
CA GLN D 210 -6.40 36.56 19.11
C GLN D 210 -5.46 35.39 19.34
N PHE D 211 -4.20 35.58 18.98
CA PHE D 211 -3.16 34.57 19.16
C PHE D 211 -1.80 35.24 19.11
N SER D 212 -0.81 34.63 19.76
CA SER D 212 0.53 35.18 19.81
C SER D 212 1.57 34.25 19.22
N TYR D 213 2.44 34.79 18.37
CA TYR D 213 3.50 34.00 17.76
C TYR D 213 4.86 34.62 18.01
N GLU D 214 5.82 33.78 18.44
CA GLU D 214 7.17 34.27 18.71
C GLU D 214 8.12 33.93 17.56
N PHE D 215 8.84 34.93 17.07
CA PHE D 215 9.80 34.72 15.99
C PHE D 215 10.98 33.92 16.49
N GLU D 216 11.37 32.91 15.71
CA GLU D 216 12.59 32.19 16.02
C GLU D 216 13.80 33.07 15.73
N ASN D 217 14.93 32.74 16.36
CA ASN D 217 16.11 33.58 16.25
C ASN D 217 16.58 33.64 14.81
N VAL D 218 16.70 34.86 14.29
CA VAL D 218 17.19 35.09 12.93
C VAL D 218 18.23 36.21 13.00
N PRO D 219 19.13 36.26 12.01
CA PRO D 219 20.18 37.28 11.99
C PRO D 219 19.64 38.66 11.65
N PHE D 220 20.26 39.70 12.20
CA PHE D 220 19.82 41.06 11.94
C PHE D 220 20.00 41.41 10.47
N HIS D 221 19.01 42.07 9.88
CA HIS D 221 19.12 42.50 8.50
C HIS D 221 20.11 43.65 8.51
N SER D 222 20.98 43.72 7.53
CA SER D 222 21.94 44.81 7.49
C SER D 222 21.37 45.92 6.63
N SER D 223 21.29 47.12 7.20
CA SER D 223 20.72 48.25 6.49
C SER D 223 21.74 49.37 6.54
N TYR D 224 22.81 49.16 5.80
CA TYR D 224 23.91 50.09 5.71
C TYR D 224 24.71 49.79 4.45
N ALA D 225 25.60 50.70 4.09
CA ALA D 225 26.44 50.48 2.93
C ALA D 225 27.88 50.37 3.39
N HIS D 226 28.58 49.34 2.93
CA HIS D 226 29.97 49.16 3.32
C HIS D 226 30.82 50.38 2.98
N GLY D 273 47.72 40.15 -3.17
CA GLY D 273 47.49 39.33 -2.00
C GLY D 273 46.27 39.73 -1.21
N ARG D 274 45.20 38.93 -1.30
CA ARG D 274 43.95 39.21 -0.62
C ARG D 274 43.41 37.92 0.00
N ASN D 275 42.85 38.04 1.20
CA ASN D 275 42.38 36.88 1.94
C ASN D 275 40.94 36.49 1.66
N TYR D 276 40.17 37.33 0.97
CA TYR D 276 38.76 37.01 0.76
C TYR D 276 38.35 37.42 -0.64
N ILE D 277 37.43 36.66 -1.21
CA ILE D 277 37.00 36.86 -2.59
C ILE D 277 35.51 37.19 -2.59
N PRO D 278 35.03 37.89 -3.62
CA PRO D 278 33.62 38.29 -3.65
C PRO D 278 32.69 37.10 -3.77
N GLY D 279 31.41 37.36 -3.49
CA GLY D 279 30.39 36.35 -3.47
C GLY D 279 30.13 35.75 -4.84
N PRO D 280 29.21 34.80 -4.89
CA PRO D 280 28.96 34.07 -6.14
C PRO D 280 28.21 34.94 -7.15
N SER D 281 28.17 34.45 -8.39
CA SER D 281 27.50 35.18 -9.44
C SER D 281 26.90 34.32 -10.54
N TYR D 282 25.74 34.76 -11.06
CA TYR D 282 25.06 34.12 -12.17
C TYR D 282 24.90 35.27 -13.15
N ARG D 283 25.39 35.16 -14.37
CA ARG D 283 25.29 36.30 -15.29
C ARG D 283 23.89 36.62 -15.82
N GLN D 284 23.64 37.91 -16.01
CA GLN D 284 22.36 38.42 -16.49
C GLN D 284 22.57 39.30 -17.73
N GLN D 285 21.62 39.27 -18.65
CA GLN D 285 21.70 40.09 -19.85
C GLN D 285 21.45 41.56 -19.52
N ARG D 286 22.45 42.39 -19.75
CA ARG D 286 22.42 43.82 -19.43
C ARG D 286 21.45 44.52 -20.36
N VAL D 287 20.44 45.17 -19.79
CA VAL D 287 19.44 45.90 -20.55
C VAL D 287 19.58 47.39 -20.24
N SER D 288 19.37 48.22 -21.26
CA SER D 288 19.52 49.67 -21.13
C SER D 288 18.16 50.34 -20.97
N THR D 289 18.12 51.38 -20.15
CA THR D 289 16.90 52.18 -20.03
C THR D 289 16.73 53.15 -21.18
N THR D 290 17.79 53.43 -21.93
CA THR D 290 17.67 54.14 -23.20
C THR D 290 17.35 53.10 -24.27
N VAL D 291 16.17 53.21 -24.85
CA VAL D 291 15.71 52.25 -25.85
C VAL D 291 16.58 52.11 -27.10
N THR D 292 17.18 53.21 -27.54
CA THR D 292 18.05 53.18 -28.72
C THR D 292 19.27 52.31 -28.55
N GLN D 293 19.84 52.31 -27.35
CA GLN D 293 21.02 51.51 -27.05
C GLN D 293 20.75 50.01 -27.20
N ASN D 294 19.57 49.57 -26.80
CA ASN D 294 19.20 48.15 -26.88
C ASN D 294 19.13 47.62 -28.31
N ASN D 295 19.48 46.35 -28.47
CA ASN D 295 19.46 45.67 -29.76
C ASN D 295 18.03 45.56 -30.29
N ASN D 296 17.85 45.70 -31.60
CA ASN D 296 16.54 45.62 -32.22
C ASN D 296 16.10 44.18 -32.47
N SER D 297 15.77 43.48 -31.40
CA SER D 297 15.34 42.09 -31.49
C SER D 297 14.53 41.74 -30.26
N GLU D 298 13.79 40.64 -30.30
CA GLU D 298 13.03 40.23 -29.14
C GLU D 298 13.90 39.30 -28.31
N PHE D 299 14.33 39.76 -27.14
CA PHE D 299 15.20 38.94 -26.31
C PHE D 299 14.81 38.88 -24.84
N ALA D 300 13.61 39.34 -24.52
CA ALA D 300 13.09 39.29 -23.15
C ALA D 300 13.24 37.89 -22.54
N TRP D 301 12.53 36.92 -23.10
CA TRP D 301 12.65 35.53 -22.64
C TRP D 301 13.87 34.84 -23.24
N PRO D 302 14.13 34.87 -24.56
CA PRO D 302 15.24 34.07 -25.10
C PRO D 302 16.61 34.41 -24.54
N GLY D 303 16.83 35.64 -24.11
CA GLY D 303 18.16 36.03 -23.66
C GLY D 303 18.30 36.09 -22.16
N ALA D 304 17.43 35.39 -21.45
CA ALA D 304 17.38 35.45 -19.99
C ALA D 304 18.04 34.24 -19.36
N SER D 305 18.66 34.46 -18.20
CA SER D 305 19.20 33.38 -17.39
C SER D 305 18.07 32.60 -16.73
N SER D 306 18.19 31.28 -16.70
CA SER D 306 17.13 30.45 -16.15
C SER D 306 17.71 29.24 -15.43
N TRP D 307 16.82 28.42 -14.88
CA TRP D 307 17.16 27.16 -14.26
C TRP D 307 16.03 26.17 -14.50
N ALA D 308 16.39 24.92 -14.77
CA ALA D 308 15.44 23.89 -15.14
C ALA D 308 15.21 22.94 -13.96
N LEU D 309 13.94 22.59 -13.73
CA LEU D 309 13.58 21.64 -12.70
C LEU D 309 12.55 20.67 -13.27
N ASN D 310 12.88 19.39 -13.30
CA ASN D 310 12.03 18.35 -13.89
C ASN D 310 11.66 18.67 -15.33
N GLY D 311 12.61 19.27 -16.05
CA GLY D 311 12.38 19.58 -17.44
C GLY D 311 11.69 20.88 -17.73
N ARG D 312 11.14 21.55 -16.73
CA ARG D 312 10.50 22.85 -16.92
C ARG D 312 11.51 23.94 -16.66
N ASN D 313 11.49 24.98 -17.49
CA ASN D 313 12.33 26.15 -17.31
C ASN D 313 11.63 27.17 -16.44
N SER D 314 12.39 27.82 -15.57
CA SER D 314 11.89 28.92 -14.77
C SER D 314 12.94 30.01 -14.76
N LEU D 315 12.51 31.22 -15.08
CA LEU D 315 13.41 32.36 -15.09
C LEU D 315 14.12 32.50 -13.75
N MET D 316 15.37 32.96 -13.78
CA MET D 316 16.08 33.18 -12.53
C MET D 316 15.75 34.58 -12.07
N ASN D 317 14.86 34.68 -11.10
CA ASN D 317 14.37 35.96 -10.63
C ASN D 317 14.13 35.92 -9.13
N PRO D 318 14.61 36.92 -8.41
CA PRO D 318 15.67 37.85 -8.85
C PRO D 318 17.03 37.17 -8.92
N GLY D 319 17.15 36.02 -8.27
CA GLY D 319 18.38 35.24 -8.29
C GLY D 319 19.28 35.57 -7.14
N PRO D 320 20.55 35.17 -7.22
CA PRO D 320 21.50 35.54 -6.18
C PRO D 320 21.66 37.05 -6.09
N ALA D 321 22.06 37.52 -4.92
CA ALA D 321 22.23 38.94 -4.70
C ALA D 321 23.50 39.42 -5.40
N MET D 322 23.32 40.38 -6.32
CA MET D 322 24.41 40.88 -7.14
C MET D 322 24.16 42.34 -7.44
N ALA D 323 25.23 43.10 -7.64
CA ALA D 323 25.10 44.51 -7.96
C ALA D 323 24.44 44.69 -9.32
N SER D 324 23.59 45.70 -9.44
CA SER D 324 22.77 45.86 -10.63
C SER D 324 23.58 46.40 -11.81
N HIS D 325 24.58 47.22 -11.54
CA HIS D 325 25.30 47.90 -12.62
C HIS D 325 26.68 48.30 -12.13
N LYS D 326 27.57 48.56 -13.08
CA LYS D 326 28.87 49.14 -12.76
C LYS D 326 28.70 50.60 -12.36
N GLU D 327 29.71 51.12 -11.66
CA GLU D 327 29.68 52.50 -11.22
C GLU D 327 29.71 53.45 -12.41
N GLY D 328 28.93 54.52 -12.31
CA GLY D 328 28.84 55.51 -13.35
C GLY D 328 27.72 55.31 -14.35
N GLU D 329 27.19 54.10 -14.48
CA GLU D 329 26.07 53.82 -15.37
C GLU D 329 24.87 53.40 -14.53
N ASP D 330 23.89 54.28 -14.41
CA ASP D 330 22.61 53.93 -13.81
C ASP D 330 21.58 53.49 -14.83
N ARG D 331 21.88 53.67 -16.12
CA ARG D 331 20.92 53.39 -17.18
C ARG D 331 20.80 51.90 -17.50
N PHE D 332 21.62 51.05 -16.90
CA PHE D 332 21.55 49.62 -17.14
C PHE D 332 21.02 48.90 -15.92
N PHE D 333 20.28 47.82 -16.16
CA PHE D 333 19.75 46.97 -15.11
C PHE D 333 19.80 45.52 -15.57
N PRO D 334 20.05 44.58 -14.67
CA PRO D 334 19.99 43.17 -15.06
C PRO D 334 18.56 42.77 -15.41
N LEU D 335 18.44 41.87 -16.38
CA LEU D 335 17.13 41.57 -16.97
C LEU D 335 16.15 41.09 -15.90
N SER D 336 16.38 39.91 -15.35
CA SER D 336 15.56 39.37 -14.28
C SER D 336 16.17 39.59 -12.90
N GLY D 337 17.28 40.30 -12.79
CA GLY D 337 17.99 40.34 -11.53
C GLY D 337 17.57 41.43 -10.56
N SER D 338 16.45 42.10 -10.79
CA SER D 338 16.01 43.18 -9.93
C SER D 338 14.57 42.98 -9.51
N LEU D 339 14.18 43.65 -8.43
CA LEU D 339 12.78 43.73 -8.05
C LEU D 339 12.16 44.99 -8.61
N ILE D 340 11.23 44.81 -9.54
CA ILE D 340 10.59 45.92 -10.23
C ILE D 340 9.21 46.14 -9.62
N PHE D 341 8.98 47.33 -9.10
CA PHE D 341 7.72 47.70 -8.49
C PHE D 341 6.94 48.64 -9.42
N GLY D 342 5.63 48.53 -9.39
CA GLY D 342 4.79 49.37 -10.20
C GLY D 342 4.35 50.63 -9.48
N LYS D 343 4.09 51.68 -10.27
CA LYS D 343 3.52 52.91 -9.74
C LYS D 343 2.03 52.72 -9.47
N GLN D 344 1.50 53.57 -8.59
CA GLN D 344 0.08 53.50 -8.26
C GLN D 344 -0.79 53.66 -9.50
N GLY D 345 -1.76 52.77 -9.65
CA GLY D 345 -2.65 52.78 -10.79
C GLY D 345 -2.02 52.30 -12.08
N THR D 346 -1.07 51.38 -12.01
CA THR D 346 -0.40 50.89 -13.21
C THR D 346 -1.16 49.73 -13.82
N GLY D 347 -1.23 49.71 -15.14
CA GLY D 347 -1.88 48.62 -15.84
C GLY D 347 -1.22 47.29 -15.56
N ARG D 348 -1.95 46.23 -15.90
CA ARG D 348 -1.47 44.88 -15.65
C ARG D 348 -0.52 44.38 -16.73
N ASP D 349 -0.67 44.83 -17.98
CA ASP D 349 0.07 44.26 -19.11
C ASP D 349 0.69 45.35 -19.98
N ASN D 350 1.94 45.12 -20.39
CA ASN D 350 2.63 45.90 -21.40
C ASN D 350 2.68 47.39 -21.06
N VAL D 351 2.80 47.67 -19.78
CA VAL D 351 2.94 49.04 -19.30
C VAL D 351 4.32 49.53 -19.70
N ASP D 352 4.43 50.84 -19.90
CA ASP D 352 5.66 51.40 -20.41
C ASP D 352 6.74 51.39 -19.32
N ALA D 353 7.93 51.85 -19.69
CA ALA D 353 9.04 51.83 -18.75
C ALA D 353 8.88 52.87 -17.66
N ASP D 354 8.06 53.90 -17.89
CA ASP D 354 7.82 54.92 -16.88
C ASP D 354 6.64 54.57 -15.97
N LYS D 355 6.02 53.41 -16.15
CA LYS D 355 4.95 52.96 -15.27
C LYS D 355 5.46 52.10 -14.12
N VAL D 356 6.75 51.77 -14.08
CA VAL D 356 7.28 50.84 -13.10
C VAL D 356 8.49 51.49 -12.42
N MET D 357 8.87 50.91 -11.28
CA MET D 357 10.00 51.37 -10.48
C MET D 357 11.02 50.25 -10.39
N ILE D 358 12.19 50.47 -10.98
CA ILE D 358 13.24 49.46 -11.05
C ILE D 358 14.20 49.71 -9.90
N THR D 359 14.24 48.80 -8.94
CA THR D 359 15.15 48.92 -7.82
C THR D 359 16.56 48.53 -8.23
N ASN D 360 17.54 49.20 -7.61
CA ASN D 360 18.94 48.99 -7.93
C ASN D 360 19.70 48.55 -6.69
N GLU D 361 20.55 47.54 -6.87
CA GLU D 361 21.31 46.92 -5.80
C GLU D 361 22.70 47.52 -5.64
N GLU D 362 23.01 48.63 -6.31
CA GLU D 362 24.37 49.15 -6.35
C GLU D 362 25.00 49.32 -4.98
N GLU D 363 24.21 49.39 -3.90
CA GLU D 363 24.76 49.51 -2.57
C GLU D 363 25.68 48.35 -2.20
N ILE D 364 25.43 47.15 -2.74
CA ILE D 364 26.13 45.95 -2.30
C ILE D 364 27.32 45.64 -3.21
N LYS D 365 27.60 46.54 -4.16
CA LYS D 365 28.65 46.29 -5.14
C LYS D 365 30.04 46.19 -4.51
N THR D 366 30.19 46.52 -3.22
CA THR D 366 31.50 46.39 -2.59
C THR D 366 31.90 44.94 -2.42
N THR D 367 31.01 44.12 -1.85
CA THR D 367 31.29 42.71 -1.64
C THR D 367 30.71 41.80 -2.71
N ASN D 368 29.96 42.33 -3.68
CA ASN D 368 29.33 41.45 -4.64
C ASN D 368 29.66 41.88 -6.07
N PRO D 369 29.87 40.92 -6.97
CA PRO D 369 30.14 41.27 -8.36
C PRO D 369 28.91 41.81 -9.05
N VAL D 370 29.12 42.46 -10.19
CA VAL D 370 28.01 43.00 -10.96
C VAL D 370 27.21 41.85 -11.56
N ALA D 371 25.89 42.01 -11.59
CA ALA D 371 25.03 40.95 -12.09
C ALA D 371 25.26 40.67 -13.57
N THR D 372 25.67 41.68 -14.34
CA THR D 372 25.85 41.54 -15.77
C THR D 372 27.31 41.31 -16.18
N GLU D 373 28.22 41.22 -15.22
CA GLU D 373 29.63 40.98 -15.48
C GLU D 373 29.99 39.55 -15.11
N SER D 374 30.93 38.98 -15.85
CA SER D 374 31.45 37.66 -15.51
C SER D 374 32.18 37.70 -14.17
N TYR D 375 32.26 36.54 -13.52
CA TYR D 375 32.92 36.49 -12.22
C TYR D 375 34.41 36.78 -12.35
N GLY D 376 35.02 36.34 -13.46
CA GLY D 376 36.45 36.46 -13.60
C GLY D 376 36.93 35.58 -14.73
N GLN D 377 38.21 35.21 -14.65
CA GLN D 377 38.85 34.40 -15.68
C GLN D 377 39.55 33.20 -15.06
N VAL D 378 39.58 32.11 -15.83
CA VAL D 378 40.26 30.88 -15.45
C VAL D 378 41.23 30.50 -16.54
N ALA D 379 42.17 29.63 -16.19
CA ALA D 379 43.06 29.02 -17.16
C ALA D 379 42.34 27.86 -17.84
N THR D 380 42.33 27.84 -19.17
CA THR D 380 41.68 26.79 -19.92
C THR D 380 42.65 25.74 -20.45
N ASN D 381 43.95 25.86 -20.22
CA ASN D 381 44.90 24.91 -20.80
C ASN D 381 46.17 24.90 -19.96
N HIS D 382 47.19 24.23 -20.50
CA HIS D 382 48.57 24.31 -20.01
C HIS D 382 49.38 25.07 -21.04
N GLN D 383 50.08 26.10 -20.60
CA GLN D 383 51.01 26.78 -21.48
C GLN D 383 52.22 25.90 -21.74
N SER D 384 52.91 26.20 -22.83
CA SER D 384 54.14 25.50 -23.18
C SER D 384 54.85 26.32 -24.24
N ALA D 385 56.04 25.87 -24.62
CA ALA D 385 56.75 26.54 -25.71
C ALA D 385 55.97 26.42 -27.02
N GLN D 386 55.09 25.43 -27.12
CA GLN D 386 54.24 25.24 -28.29
C GLN D 386 52.86 25.88 -28.17
N ALA D 387 52.48 26.36 -26.99
CA ALA D 387 51.09 26.76 -26.76
C ALA D 387 51.04 28.05 -25.95
N GLN D 388 50.28 29.02 -26.46
CA GLN D 388 50.07 30.26 -25.74
C GLN D 388 49.00 30.10 -24.67
N ALA D 389 49.18 30.83 -23.57
CA ALA D 389 48.26 30.72 -22.45
C ALA D 389 46.88 31.20 -22.85
N GLN D 390 45.88 30.34 -22.63
CA GLN D 390 44.50 30.66 -22.95
C GLN D 390 43.71 30.85 -21.67
N THR D 391 42.71 31.73 -21.72
CA THR D 391 41.81 31.97 -20.61
C THR D 391 40.37 31.91 -21.11
N GLY D 392 39.44 31.88 -20.16
CA GLY D 392 38.03 31.88 -20.50
C GLY D 392 37.22 32.53 -19.42
N TRP D 393 36.07 33.06 -19.82
CA TRP D 393 35.24 33.85 -18.93
C TRP D 393 34.39 32.94 -18.07
N VAL D 394 34.35 33.24 -16.78
CA VAL D 394 33.54 32.48 -15.84
C VAL D 394 32.20 33.19 -15.73
N GLN D 395 31.15 32.59 -16.30
CA GLN D 395 29.86 33.23 -16.29
C GLN D 395 29.12 33.02 -14.99
N ASN D 396 29.34 31.88 -14.33
CA ASN D 396 28.73 31.60 -13.04
C ASN D 396 29.76 30.93 -12.14
N GLN D 397 29.61 31.14 -10.84
CA GLN D 397 30.53 30.58 -9.86
C GLN D 397 29.74 30.18 -8.64
N GLY D 398 29.97 28.96 -8.15
CA GLY D 398 29.37 28.50 -6.92
C GLY D 398 30.07 29.09 -5.72
N ILE D 399 29.84 28.45 -4.57
CA ILE D 399 30.52 28.88 -3.35
C ILE D 399 31.94 28.35 -3.35
N LEU D 400 32.86 29.19 -2.87
CA LEU D 400 34.24 28.83 -2.60
C LEU D 400 34.58 29.14 -1.16
N PRO D 401 35.54 28.44 -0.56
CA PRO D 401 35.99 28.81 0.78
C PRO D 401 36.60 30.22 0.75
N GLY D 402 36.18 31.04 1.70
CA GLY D 402 36.64 32.41 1.77
C GLY D 402 35.83 33.42 1.00
N MET D 403 34.57 33.13 0.70
CA MET D 403 33.68 34.11 0.09
C MET D 403 32.87 34.84 1.16
N VAL D 404 32.70 36.14 0.94
CA VAL D 404 31.81 36.96 1.75
C VAL D 404 30.86 37.70 0.81
N TRP D 405 29.61 37.87 1.26
CA TRP D 405 28.60 38.48 0.39
C TRP D 405 27.52 39.12 1.24
N GLN D 406 26.75 40.00 0.60
CA GLN D 406 25.64 40.70 1.23
C GLN D 406 24.32 40.24 0.62
N ASP D 407 23.32 40.08 1.48
CA ASP D 407 22.02 39.64 1.02
C ASP D 407 21.33 40.76 0.25
N ARG D 408 20.12 40.49 -0.22
CA ARG D 408 19.37 41.49 -0.95
C ARG D 408 18.73 42.48 0.02
N ASP D 409 18.76 43.76 -0.36
CA ASP D 409 18.21 44.81 0.46
C ASP D 409 16.69 44.69 0.54
N VAL D 410 16.13 45.14 1.65
CA VAL D 410 14.69 45.10 1.85
C VAL D 410 14.13 46.51 1.67
N TYR D 411 12.91 46.58 1.16
CA TYR D 411 12.28 47.85 0.85
C TYR D 411 10.98 47.99 1.65
N LEU D 412 10.54 49.23 1.78
CA LEU D 412 9.26 49.50 2.43
C LEU D 412 8.13 48.71 1.78
N GLN D 413 8.22 48.53 0.47
CA GLN D 413 7.21 47.79 -0.29
C GLN D 413 7.50 46.29 -0.35
N GLY D 414 8.64 45.84 0.16
CA GLY D 414 9.08 44.48 -0.04
C GLY D 414 8.62 43.52 1.03
N PRO D 415 8.82 42.23 0.78
CA PRO D 415 8.39 41.21 1.75
C PRO D 415 9.27 41.19 2.98
N ILE D 416 8.76 40.54 4.02
CA ILE D 416 9.49 40.45 5.29
C ILE D 416 10.09 39.05 5.46
N TRP D 417 9.26 38.02 5.51
CA TRP D 417 9.74 36.68 5.79
C TRP D 417 9.36 35.71 4.69
N ALA D 418 10.01 34.55 4.71
CA ALA D 418 9.66 33.41 3.86
C ALA D 418 9.92 32.13 4.62
N LYS D 419 9.17 31.09 4.29
CA LYS D 419 9.35 29.80 4.94
C LYS D 419 10.50 29.06 4.27
N ILE D 420 11.45 28.61 5.08
CA ILE D 420 12.50 27.74 4.58
C ILE D 420 11.90 26.39 4.22
N PRO D 421 11.99 25.94 2.97
CA PRO D 421 11.46 24.62 2.63
C PRO D 421 12.06 23.55 3.52
N HIS D 422 11.27 22.52 3.81
CA HIS D 422 11.71 21.50 4.74
C HIS D 422 12.44 20.45 3.92
N THR D 423 13.76 20.41 4.07
CA THR D 423 14.61 19.64 3.17
C THR D 423 15.76 19.06 3.97
N ASP D 424 16.47 18.12 3.34
CA ASP D 424 17.65 17.53 3.95
C ASP D 424 18.75 18.57 4.11
N GLY D 425 18.86 19.49 3.15
CA GLY D 425 19.91 20.48 3.21
C GLY D 425 19.55 21.76 2.46
N ASN D 426 20.19 22.84 2.89
CA ASN D 426 20.07 24.14 2.26
C ASN D 426 21.31 24.94 2.58
N PHE D 427 21.53 26.00 1.82
CA PHE D 427 22.66 26.89 2.06
C PHE D 427 22.18 28.32 2.12
N HIS D 428 22.62 29.05 3.14
CA HIS D 428 22.33 30.46 3.40
C HIS D 428 20.85 30.71 3.13
N PRO D 429 19.98 30.23 4.02
CA PRO D 429 18.54 30.18 3.73
C PRO D 429 17.86 31.51 3.45
N SER D 430 18.54 32.63 3.66
CA SER D 430 17.94 33.94 3.45
C SER D 430 17.24 33.98 2.10
N PRO D 431 15.97 34.40 2.05
CA PRO D 431 15.23 34.35 0.80
C PRO D 431 15.78 35.31 -0.24
N LEU D 432 15.69 34.89 -1.50
CA LEU D 432 16.37 35.62 -2.56
C LEU D 432 15.67 36.93 -2.91
N MET D 433 14.42 37.11 -2.49
CA MET D 433 13.76 38.40 -2.69
C MET D 433 13.95 39.34 -1.51
N GLY D 434 14.72 38.94 -0.51
CA GLY D 434 14.97 39.76 0.66
C GLY D 434 14.15 39.32 1.86
N GLY D 435 14.64 39.68 3.03
CA GLY D 435 13.96 39.36 4.26
C GLY D 435 14.52 38.16 5.00
N PHE D 436 13.69 37.62 5.88
CA PHE D 436 14.12 36.69 6.92
C PHE D 436 13.64 35.29 6.61
N GLY D 437 14.58 34.40 6.28
CA GLY D 437 14.27 32.99 6.11
C GLY D 437 14.02 32.32 7.45
N MET D 438 12.91 31.59 7.53
CA MET D 438 12.51 30.96 8.78
C MET D 438 11.97 29.58 8.52
N LYS D 439 12.44 28.60 9.28
CA LYS D 439 11.83 27.28 9.25
C LYS D 439 10.41 27.30 9.80
N HIS D 440 10.13 28.16 10.76
CA HIS D 440 8.80 28.32 11.35
C HIS D 440 8.42 29.79 11.25
N PRO D 441 7.95 30.23 10.09
CA PRO D 441 7.56 31.62 9.94
C PRO D 441 6.23 31.88 10.63
N PRO D 442 5.74 33.11 10.64
CA PRO D 442 4.41 33.39 11.18
C PRO D 442 3.36 32.52 10.51
N PRO D 443 2.50 31.87 11.28
CA PRO D 443 1.59 30.88 10.70
C PRO D 443 0.58 31.51 9.78
N GLN D 444 0.01 30.69 8.91
CA GLN D 444 -1.07 31.14 8.07
C GLN D 444 -2.36 31.23 8.87
N ILE D 445 -3.07 32.32 8.68
CA ILE D 445 -4.35 32.56 9.35
C ILE D 445 -5.42 32.42 8.28
N LEU D 446 -6.19 31.36 8.36
CA LEU D 446 -7.20 31.06 7.34
C LEU D 446 -8.56 31.48 7.86
N ILE D 447 -9.40 31.98 6.96
CA ILE D 447 -10.70 32.50 7.36
C ILE D 447 -11.71 32.22 6.25
N LYS D 448 -12.95 31.93 6.64
CA LYS D 448 -14.04 31.84 5.68
C LYS D 448 -15.34 32.14 6.41
N ASN D 449 -16.38 32.40 5.62
CA ASN D 449 -17.72 32.55 6.16
C ASN D 449 -18.37 31.18 6.25
N THR D 450 -19.00 30.89 7.37
CA THR D 450 -19.70 29.63 7.51
C THR D 450 -20.89 29.60 6.56
N PRO D 451 -20.97 28.63 5.66
CA PRO D 451 -22.07 28.60 4.69
C PRO D 451 -23.42 28.48 5.40
N VAL D 452 -24.34 29.36 5.03
CA VAL D 452 -25.69 29.36 5.57
C VAL D 452 -26.64 28.93 4.46
N PRO D 453 -27.19 27.73 4.49
CA PRO D 453 -27.99 27.25 3.37
C PRO D 453 -29.35 27.93 3.33
N ALA D 454 -29.89 28.05 2.12
CA ALA D 454 -31.21 28.60 1.90
C ALA D 454 -32.26 27.54 2.22
N ASP D 455 -33.52 27.85 1.91
CA ASP D 455 -34.61 26.98 2.30
C ASP D 455 -34.47 25.62 1.64
N PRO D 456 -34.50 24.53 2.41
CA PRO D 456 -34.28 23.20 1.85
C PRO D 456 -35.47 22.74 1.03
N PRO D 457 -35.38 21.58 0.37
CA PRO D 457 -36.47 21.15 -0.51
C PRO D 457 -37.76 20.75 0.21
N THR D 458 -37.71 20.49 1.51
CA THR D 458 -38.80 20.06 2.40
C THR D 458 -39.06 18.57 2.24
N ALA D 459 -38.57 17.93 1.18
CA ALA D 459 -38.56 16.48 1.08
C ALA D 459 -37.10 16.04 1.02
N PHE D 460 -36.74 15.06 1.83
CA PHE D 460 -35.32 14.74 2.00
C PHE D 460 -34.66 14.39 0.68
N ASN D 461 -33.55 15.07 0.39
CA ASN D 461 -32.74 14.79 -0.78
C ASN D 461 -31.34 14.38 -0.33
N LYS D 462 -30.80 13.37 -0.99
CA LYS D 462 -29.50 12.83 -0.61
C LYS D 462 -28.38 13.84 -0.84
N ASP D 463 -28.42 14.54 -1.96
CA ASP D 463 -27.26 15.31 -2.41
C ASP D 463 -26.99 16.49 -1.48
N LYS D 464 -25.75 16.98 -1.52
CA LYS D 464 -25.38 18.13 -0.71
C LYS D 464 -26.09 19.38 -1.21
N LEU D 465 -26.31 20.32 -0.30
CA LEU D 465 -27.08 21.51 -0.62
C LEU D 465 -26.22 22.52 -1.38
N ASN D 466 -26.68 22.90 -2.56
CA ASN D 466 -25.95 23.85 -3.41
C ASN D 466 -26.47 25.28 -3.35
N SER D 467 -27.55 25.57 -2.62
CA SER D 467 -28.17 26.88 -2.63
C SER D 467 -28.01 27.55 -1.28
N PHE D 468 -27.22 28.63 -1.25
CA PHE D 468 -26.86 29.31 -0.01
C PHE D 468 -27.28 30.77 -0.08
N ILE D 469 -27.33 31.42 1.07
CA ILE D 469 -27.63 32.84 1.13
C ILE D 469 -26.39 33.63 0.70
N THR D 470 -26.60 34.62 -0.16
CA THR D 470 -25.48 35.46 -0.57
C THR D 470 -25.03 36.32 0.60
N GLN D 471 -23.78 36.17 1.01
CA GLN D 471 -23.38 36.62 2.32
C GLN D 471 -21.90 36.92 2.31
N TYR D 472 -21.50 37.91 3.12
CA TYR D 472 -20.10 38.28 3.23
C TYR D 472 -19.89 38.85 4.63
N SER D 473 -18.64 38.96 5.05
CA SER D 473 -18.32 39.46 6.38
C SER D 473 -17.32 40.60 6.30
N THR D 474 -17.22 41.35 7.39
CA THR D 474 -16.29 42.45 7.51
C THR D 474 -15.92 42.62 8.98
N GLY D 475 -14.82 43.32 9.22
CA GLY D 475 -14.35 43.49 10.58
C GLY D 475 -13.03 44.21 10.62
N GLN D 476 -12.35 44.11 11.76
CA GLN D 476 -11.09 44.78 12.00
C GLN D 476 -9.98 43.75 12.22
N VAL D 477 -8.77 44.12 11.81
CA VAL D 477 -7.58 43.32 12.05
C VAL D 477 -6.49 44.22 12.60
N SER D 478 -5.95 43.84 13.74
CA SER D 478 -4.78 44.49 14.30
C SER D 478 -3.63 43.50 14.36
N VAL D 479 -2.47 43.91 13.86
CA VAL D 479 -1.26 43.10 13.88
C VAL D 479 -0.16 43.89 14.58
N GLU D 480 0.49 43.27 15.55
CA GLU D 480 1.47 43.94 16.38
C GLU D 480 2.77 43.15 16.38
N ILE D 481 3.84 43.78 15.90
CA ILE D 481 5.13 43.13 15.84
C ILE D 481 6.16 43.90 16.66
N VAL E 218 38.02 29.43 17.60
CA VAL E 218 38.48 28.92 16.30
C VAL E 218 38.98 27.49 16.44
N PRO E 219 38.78 26.69 15.38
CA PRO E 219 39.32 25.33 15.38
C PRO E 219 40.84 25.34 15.27
N PHE E 220 41.43 24.21 15.63
CA PHE E 220 42.89 24.08 15.53
C PHE E 220 43.33 24.19 14.09
N HIS E 221 44.57 24.58 13.87
CA HIS E 221 45.08 24.60 12.52
C HIS E 221 45.56 23.17 12.30
N SER E 222 44.94 22.44 11.39
CA SER E 222 45.37 21.07 11.19
C SER E 222 46.79 21.07 10.70
N SER E 223 47.66 20.30 11.36
CA SER E 223 49.05 20.25 10.98
C SER E 223 49.48 18.80 10.86
N TYR E 224 48.95 18.14 9.83
CA TYR E 224 49.27 16.77 9.55
C TYR E 224 49.03 16.55 8.07
N ALA E 225 49.70 15.57 7.50
CA ALA E 225 49.52 15.27 6.10
C ALA E 225 48.81 13.94 6.09
N HIS E 226 47.73 13.82 5.34
CA HIS E 226 47.01 12.57 5.33
C HIS E 226 47.86 11.44 4.77
N SER E 227 47.74 10.28 5.40
CA SER E 227 48.48 9.09 5.00
C SER E 227 47.65 8.22 4.06
N GLN E 228 46.48 8.72 3.69
CA GLN E 228 45.61 8.01 2.79
C GLN E 228 45.10 8.97 1.76
N SER E 229 44.52 8.42 0.71
CA SER E 229 43.99 9.25 -0.35
C SER E 229 42.49 9.08 -0.38
N LEU E 230 41.81 10.12 -0.86
CA LEU E 230 40.36 10.12 -0.95
C LEU E 230 39.86 9.02 -1.88
N ASP E 231 40.57 8.78 -2.97
CA ASP E 231 40.19 7.73 -3.91
C ASP E 231 40.72 6.34 -3.52
N ARG E 232 41.39 6.21 -2.37
CA ARG E 232 41.89 4.90 -1.95
C ARG E 232 41.32 4.40 -0.62
N LEU E 233 40.31 5.05 -0.05
CA LEU E 233 39.82 4.70 1.28
C LEU E 233 39.34 3.26 1.41
N MET E 234 39.19 2.54 0.31
CA MET E 234 38.61 1.21 0.26
C MET E 234 39.49 0.15 0.91
N ASN E 235 38.89 -0.99 1.19
CA ASN E 235 39.61 -2.21 1.53
C ASN E 235 40.06 -2.89 0.23
N PRO E 236 41.37 -3.04 0.00
CA PRO E 236 41.84 -3.59 -1.27
C PRO E 236 41.55 -5.06 -1.47
N LEU E 237 41.18 -5.80 -0.43
CA LEU E 237 41.02 -7.24 -0.52
C LEU E 237 39.62 -7.70 -0.85
N ILE E 238 38.64 -6.80 -0.86
CA ILE E 238 37.23 -7.18 -0.91
C ILE E 238 36.56 -6.51 -2.11
N ASP E 239 35.52 -7.16 -2.61
CA ASP E 239 34.68 -6.60 -3.66
C ASP E 239 33.55 -5.76 -3.05
N GLN E 240 33.19 -4.69 -3.75
CA GLN E 240 31.95 -4.00 -3.47
C GLN E 240 30.76 -4.80 -3.97
N TYR E 241 29.60 -4.53 -3.39
CA TYR E 241 28.36 -5.11 -3.91
C TYR E 241 27.71 -4.21 -4.95
N LEU E 242 28.40 -3.14 -5.33
CA LEU E 242 27.86 -2.24 -6.33
C LEU E 242 28.46 -2.51 -7.70
N TYR E 243 27.64 -2.37 -8.73
CA TYR E 243 27.99 -2.66 -10.11
C TYR E 243 28.12 -1.36 -10.90
N TYR E 244 28.97 -1.40 -11.91
CA TYR E 244 29.18 -0.27 -12.81
C TYR E 244 29.03 -0.74 -14.25
N LEU E 245 28.95 0.22 -15.17
CA LEU E 245 28.73 -0.10 -16.58
C LEU E 245 30.08 -0.21 -17.26
N SER E 246 30.47 -1.42 -17.62
CA SER E 246 31.76 -1.61 -18.27
C SER E 246 31.71 -1.59 -19.80
N LYS E 247 30.84 -2.38 -20.39
CA LYS E 247 30.76 -2.46 -21.84
C LYS E 247 29.49 -1.91 -22.43
N THR E 248 29.60 -0.99 -23.40
CA THR E 248 28.43 -0.46 -24.06
C THR E 248 28.20 -1.08 -25.44
N ILE E 249 29.17 -1.85 -25.93
CA ILE E 249 29.07 -2.52 -27.23
C ILE E 249 29.74 -3.88 -27.22
N ASN E 250 29.10 -4.87 -27.84
CA ASN E 250 29.66 -6.22 -27.91
C ASN E 250 31.00 -6.23 -28.61
N GLY E 251 31.09 -5.57 -29.75
CA GLY E 251 32.31 -5.58 -30.55
C GLY E 251 32.21 -4.55 -31.64
N SER E 252 33.11 -4.67 -32.61
CA SER E 252 33.12 -3.71 -33.72
C SER E 252 32.26 -4.21 -34.87
N GLY E 253 31.38 -3.35 -35.34
CA GLY E 253 30.45 -3.64 -36.41
C GLY E 253 29.28 -2.68 -36.35
N GLN E 254 28.18 -3.06 -37.00
CA GLN E 254 26.97 -2.27 -37.01
C GLN E 254 25.95 -2.87 -36.06
N ASN E 255 25.28 -1.99 -35.32
CA ASN E 255 24.20 -2.38 -34.41
C ASN E 255 24.70 -3.29 -33.30
N GLN E 256 25.84 -2.93 -32.72
CA GLN E 256 26.49 -3.73 -31.68
C GLN E 256 26.14 -3.27 -30.26
N GLN E 257 25.25 -2.30 -30.14
CA GLN E 257 24.85 -1.74 -28.85
C GLN E 257 24.50 -2.80 -27.81
N THR E 258 25.03 -2.63 -26.61
CA THR E 258 24.77 -3.55 -25.50
C THR E 258 25.03 -2.88 -24.15
N LEU E 259 24.51 -3.48 -23.08
CA LEU E 259 24.74 -2.97 -21.74
C LEU E 259 25.31 -4.09 -20.88
N LYS E 260 26.51 -3.90 -20.34
CA LYS E 260 27.12 -4.92 -19.51
C LYS E 260 27.56 -4.31 -18.20
N PHE E 261 27.30 -5.01 -17.10
CA PHE E 261 27.69 -4.52 -15.79
C PHE E 261 28.71 -5.46 -15.17
N SER E 262 29.49 -4.94 -14.25
CA SER E 262 30.55 -5.68 -13.58
C SER E 262 30.67 -5.24 -12.14
N VAL E 263 31.18 -6.13 -11.30
CA VAL E 263 31.44 -5.79 -9.91
C VAL E 263 32.59 -4.80 -9.83
N ALA E 264 32.37 -3.69 -9.14
CA ALA E 264 33.47 -2.82 -8.76
C ALA E 264 34.29 -3.51 -7.68
N GLY E 265 35.58 -3.68 -7.95
CA GLY E 265 36.42 -4.47 -7.09
C GLY E 265 37.87 -4.03 -7.11
N PRO E 266 38.72 -4.77 -6.41
CA PRO E 266 40.14 -4.37 -6.31
C PRO E 266 40.83 -4.19 -7.65
N SER E 267 40.49 -5.02 -8.63
CA SER E 267 41.17 -4.95 -9.92
C SER E 267 41.00 -3.57 -10.56
N ASN E 268 39.78 -3.07 -10.59
CA ASN E 268 39.50 -1.74 -11.14
C ASN E 268 39.00 -0.86 -9.99
N MET E 269 39.86 0.05 -9.50
CA MET E 269 39.49 0.85 -8.34
C MET E 269 39.00 2.23 -8.74
N ALA E 270 39.08 2.57 -10.02
CA ALA E 270 38.67 3.91 -10.44
C ALA E 270 37.16 4.04 -10.53
N VAL E 271 36.46 2.93 -10.77
CA VAL E 271 35.04 3.00 -11.08
C VAL E 271 34.19 2.73 -9.85
N GLN E 272 34.81 2.51 -8.70
CA GLN E 272 34.04 2.18 -7.50
C GLN E 272 33.26 3.40 -7.01
N GLY E 273 32.16 3.12 -6.30
CA GLY E 273 31.39 4.19 -5.70
C GLY E 273 32.08 4.70 -4.45
N ARG E 274 32.02 6.02 -4.25
CA ARG E 274 32.67 6.67 -3.14
C ARG E 274 31.70 7.63 -2.47
N ASN E 275 31.92 7.85 -1.17
CA ASN E 275 31.06 8.70 -0.37
C ASN E 275 31.47 10.16 -0.34
N TYR E 276 32.68 10.49 -0.79
CA TYR E 276 33.17 11.85 -0.67
C TYR E 276 34.07 12.18 -1.85
N ILE E 277 34.03 13.44 -2.25
CA ILE E 277 34.71 13.91 -3.47
C ILE E 277 35.62 15.06 -3.08
N PRO E 278 36.62 15.38 -3.90
CA PRO E 278 37.61 16.39 -3.50
C PRO E 278 37.05 17.80 -3.55
N GLY E 279 37.77 18.71 -2.90
CA GLY E 279 37.33 20.06 -2.69
C GLY E 279 37.25 20.90 -3.96
N PRO E 280 36.90 22.17 -3.80
CA PRO E 280 36.68 23.03 -4.97
C PRO E 280 37.98 23.45 -5.64
N SER E 281 37.85 23.95 -6.86
CA SER E 281 39.00 24.30 -7.68
C SER E 281 38.69 25.51 -8.54
N TYR E 282 39.68 26.37 -8.71
CA TYR E 282 39.64 27.50 -9.63
C TYR E 282 40.97 27.50 -10.36
N ARG E 283 40.98 27.20 -11.66
CA ARG E 283 42.23 26.77 -12.29
C ARG E 283 43.23 27.91 -12.43
N GLN E 284 44.45 27.66 -11.95
CA GLN E 284 45.60 28.52 -12.16
C GLN E 284 46.41 28.03 -13.36
N GLN E 285 47.00 28.97 -14.09
CA GLN E 285 47.89 28.63 -15.19
C GLN E 285 49.23 28.13 -14.68
N ARG E 286 49.72 27.05 -15.29
CA ARG E 286 50.91 26.34 -14.83
C ARG E 286 52.16 26.99 -15.40
N VAL E 287 53.21 27.07 -14.58
CA VAL E 287 54.48 27.66 -14.97
C VAL E 287 55.61 26.72 -14.54
N ALA E 304 46.59 35.30 -16.35
CA ALA E 304 46.36 34.96 -14.95
C ALA E 304 44.88 34.81 -14.64
N SER E 305 44.57 34.49 -13.38
CA SER E 305 43.19 34.33 -12.94
C SER E 305 42.83 35.49 -12.03
N SER E 306 41.73 36.17 -12.33
CA SER E 306 41.31 37.32 -11.56
C SER E 306 39.79 37.41 -11.38
N TRP E 307 39.37 38.11 -10.34
CA TRP E 307 37.95 38.33 -10.09
C TRP E 307 37.67 39.83 -10.25
N ALA E 308 36.62 40.14 -11.01
CA ALA E 308 36.26 41.53 -11.31
C ALA E 308 35.28 42.05 -10.26
N LEU E 309 35.55 43.27 -9.78
CA LEU E 309 34.69 43.91 -8.79
C LEU E 309 34.48 45.36 -9.18
N ASN E 310 33.23 45.73 -9.43
CA ASN E 310 32.86 47.10 -9.81
C ASN E 310 33.64 47.56 -11.04
N GLY E 311 33.83 46.63 -11.98
CA GLY E 311 34.52 46.92 -13.21
C GLY E 311 36.04 46.91 -13.11
N ARG E 312 36.58 46.57 -11.95
CA ARG E 312 38.03 46.53 -11.76
C ARG E 312 38.49 45.09 -11.53
N ASN E 313 39.26 44.57 -12.47
CA ASN E 313 39.78 43.22 -12.41
C ASN E 313 40.97 43.17 -11.47
N SER E 314 40.86 42.35 -10.43
CA SER E 314 41.93 42.12 -9.48
C SER E 314 42.45 40.69 -9.61
N LEU E 315 43.74 40.51 -9.39
CA LEU E 315 44.34 39.18 -9.50
C LEU E 315 43.79 38.26 -8.42
N MET E 316 43.72 36.97 -8.72
CA MET E 316 43.33 35.97 -7.73
C MET E 316 44.60 35.45 -7.07
N ASN E 317 44.84 35.88 -5.83
CA ASN E 317 46.02 35.44 -5.10
C ASN E 317 45.70 35.35 -3.61
N PRO E 318 46.19 34.30 -2.93
CA PRO E 318 46.73 33.07 -3.51
C PRO E 318 45.64 32.20 -4.12
N GLY E 319 44.40 32.41 -3.70
CA GLY E 319 43.28 31.66 -4.22
C GLY E 319 42.89 30.53 -3.30
N PRO E 320 42.02 29.64 -3.78
CA PRO E 320 41.62 28.48 -2.97
C PRO E 320 42.81 27.58 -2.69
N ALA E 321 42.66 26.73 -1.67
CA ALA E 321 43.70 25.78 -1.32
C ALA E 321 43.62 24.58 -2.25
N MET E 322 44.70 24.34 -3.00
CA MET E 322 44.76 23.27 -3.99
C MET E 322 46.17 22.73 -4.04
N ALA E 323 46.31 21.51 -4.56
CA ALA E 323 47.63 20.94 -4.78
C ALA E 323 48.39 21.77 -5.80
N SER E 324 49.59 22.20 -5.42
CA SER E 324 50.40 23.04 -6.30
C SER E 324 50.83 22.27 -7.55
N HIS E 325 51.13 20.99 -7.40
CA HIS E 325 51.62 20.19 -8.51
C HIS E 325 51.29 18.73 -8.27
N LYS E 326 51.15 17.98 -9.36
CA LYS E 326 50.90 16.55 -9.26
C LYS E 326 52.12 15.83 -8.70
N GLU E 327 51.88 14.63 -8.19
CA GLU E 327 52.97 13.78 -7.73
C GLU E 327 53.97 13.52 -8.85
N GLY E 328 55.25 13.73 -8.55
CA GLY E 328 56.31 13.53 -9.50
C GLY E 328 56.83 14.79 -10.16
N GLU E 329 56.06 15.87 -10.17
CA GLU E 329 56.48 17.12 -10.75
C GLU E 329 56.72 18.11 -9.62
N ASP E 330 58.00 18.35 -9.31
CA ASP E 330 58.36 19.34 -8.30
C ASP E 330 58.83 20.67 -8.89
N ARG E 331 58.89 20.79 -10.22
CA ARG E 331 59.41 21.99 -10.84
C ARG E 331 58.34 22.98 -11.26
N PHE E 332 57.07 22.67 -10.99
CA PHE E 332 55.97 23.52 -11.43
C PHE E 332 55.31 24.21 -10.24
N PHE E 333 54.80 25.41 -10.47
CA PHE E 333 54.04 26.16 -9.50
C PHE E 333 52.93 26.91 -10.22
N PRO E 334 51.76 27.05 -9.59
CA PRO E 334 50.69 27.85 -10.20
C PRO E 334 51.09 29.32 -10.32
N LEU E 335 50.58 29.96 -11.36
CA LEU E 335 50.98 31.31 -11.75
C LEU E 335 50.93 32.28 -10.58
N SER E 336 49.73 32.56 -10.08
CA SER E 336 49.58 33.41 -8.90
C SER E 336 49.86 32.62 -7.63
N THR E 359 55.89 29.03 -2.62
CA THR E 359 55.81 27.77 -1.90
C THR E 359 55.07 26.69 -2.69
N ASN E 360 54.86 25.54 -2.06
CA ASN E 360 54.17 24.43 -2.69
C ASN E 360 53.24 23.76 -1.68
N GLU E 361 52.19 23.12 -2.18
CA GLU E 361 51.26 22.42 -1.29
C GLU E 361 51.02 21.00 -1.77
N GLU E 362 52.08 20.20 -1.75
CA GLU E 362 52.00 18.80 -2.14
C GLU E 362 51.18 17.99 -1.15
N GLU E 363 51.34 18.30 0.13
CA GLU E 363 50.66 17.56 1.19
C GLU E 363 49.15 17.55 1.11
N ILE E 364 48.54 18.61 0.59
CA ILE E 364 47.08 18.61 0.59
C ILE E 364 46.54 17.97 -0.68
N LYS E 365 47.42 17.41 -1.51
CA LYS E 365 47.00 16.81 -2.76
C LYS E 365 46.10 15.61 -2.57
N THR E 366 45.94 15.12 -1.34
CA THR E 366 45.09 13.95 -1.11
C THR E 366 43.61 14.31 -1.26
N THR E 367 43.15 15.33 -0.53
CA THR E 367 41.76 15.75 -0.61
C THR E 367 41.52 16.89 -1.58
N ASN E 368 42.56 17.58 -2.05
CA ASN E 368 42.41 18.78 -2.86
C ASN E 368 42.84 18.55 -4.30
N PRO E 369 42.00 18.89 -5.28
CA PRO E 369 42.43 18.81 -6.67
C PRO E 369 43.61 19.75 -6.95
N VAL E 370 44.33 19.47 -8.02
CA VAL E 370 45.53 20.24 -8.35
C VAL E 370 45.11 21.58 -8.95
N ALA E 371 45.90 22.62 -8.67
CA ALA E 371 45.57 23.98 -9.09
C ALA E 371 45.59 24.13 -10.60
N THR E 372 46.50 23.43 -11.27
CA THR E 372 46.72 23.59 -12.70
C THR E 372 45.94 22.58 -13.53
N GLU E 373 45.12 21.74 -12.91
CA GLU E 373 44.35 20.72 -13.58
C GLU E 373 42.87 21.03 -13.49
N SER E 374 42.12 20.60 -14.49
CA SER E 374 40.66 20.69 -14.41
C SER E 374 40.16 19.88 -13.23
N TYR E 375 39.04 20.31 -12.65
CA TYR E 375 38.45 19.54 -11.57
C TYR E 375 38.05 18.15 -12.06
N GLY E 376 37.50 18.07 -13.25
CA GLY E 376 37.01 16.81 -13.78
C GLY E 376 36.47 17.02 -15.17
N GLN E 377 35.61 16.08 -15.59
CA GLN E 377 34.87 16.23 -16.83
C GLN E 377 33.38 16.08 -16.59
N VAL E 378 32.60 16.58 -17.53
CA VAL E 378 31.14 16.62 -17.46
C VAL E 378 30.59 16.38 -18.85
N ALA E 379 29.54 15.57 -18.94
CA ALA E 379 28.85 15.32 -20.19
C ALA E 379 28.25 16.65 -20.68
N THR E 380 28.52 17.01 -21.94
CA THR E 380 28.00 18.26 -22.46
C THR E 380 26.77 18.06 -23.33
N ASN E 381 26.31 16.83 -23.51
CA ASN E 381 25.16 16.59 -24.37
C ASN E 381 24.44 15.30 -23.98
N HIS E 382 23.41 14.97 -24.74
CA HIS E 382 22.75 13.68 -24.69
C HIS E 382 23.22 12.84 -25.88
N GLN E 383 23.70 11.65 -25.61
CA GLN E 383 24.03 10.73 -26.68
C GLN E 383 22.74 10.18 -27.30
N SER E 384 22.88 9.66 -28.51
CA SER E 384 21.82 8.93 -29.19
C SER E 384 22.45 8.18 -30.34
N ALA E 385 21.61 7.44 -31.08
CA ALA E 385 22.12 6.71 -32.23
C ALA E 385 22.83 7.64 -33.21
N GLN E 386 22.39 8.90 -33.29
CA GLN E 386 23.00 9.84 -34.22
C GLN E 386 24.27 10.46 -33.66
N ALA E 387 24.29 10.84 -32.39
CA ALA E 387 25.33 11.71 -31.84
C ALA E 387 26.16 10.99 -30.79
N GLN E 388 27.47 11.20 -30.84
CA GLN E 388 28.37 10.57 -29.88
C GLN E 388 28.32 11.26 -28.53
N ALA E 389 28.70 10.51 -27.49
CA ALA E 389 28.75 11.07 -26.15
C ALA E 389 29.89 12.06 -26.03
N GLN E 390 29.57 13.29 -25.66
CA GLN E 390 30.55 14.36 -25.58
C GLN E 390 30.75 14.77 -24.14
N THR E 391 31.96 15.23 -23.84
CA THR E 391 32.31 15.73 -22.52
C THR E 391 33.02 17.06 -22.67
N GLY E 392 33.21 17.73 -21.55
CA GLY E 392 33.93 18.99 -21.53
C GLY E 392 34.60 19.20 -20.19
N TRP E 393 35.68 19.98 -20.21
CA TRP E 393 36.48 20.16 -19.01
C TRP E 393 35.85 21.18 -18.09
N VAL E 394 35.94 20.94 -16.78
CA VAL E 394 35.42 21.85 -15.79
C VAL E 394 36.58 22.66 -15.23
N GLN E 395 36.64 23.95 -15.58
CA GLN E 395 37.80 24.74 -15.20
C GLN E 395 37.70 25.21 -13.75
N ASN E 396 36.48 25.38 -13.25
CA ASN E 396 36.25 25.76 -11.88
C ASN E 396 34.98 25.10 -11.37
N GLN E 397 34.99 24.69 -10.10
CA GLN E 397 33.85 24.02 -9.50
C GLN E 397 33.63 24.58 -8.10
N GLY E 398 32.45 25.14 -7.87
CA GLY E 398 32.07 25.56 -6.53
C GLY E 398 31.74 24.38 -5.65
N ILE E 399 31.35 24.70 -4.41
CA ILE E 399 31.09 23.65 -3.42
C ILE E 399 29.98 22.73 -3.89
N LEU E 400 30.10 21.45 -3.54
CA LEU E 400 29.09 20.42 -3.72
C LEU E 400 28.97 19.65 -2.42
N PRO E 401 27.78 19.17 -2.08
CA PRO E 401 27.63 18.34 -0.87
C PRO E 401 28.48 17.08 -0.98
N GLY E 402 29.28 16.84 0.05
CA GLY E 402 30.20 15.72 0.05
C GLY E 402 31.65 16.09 -0.17
N MET E 403 31.94 17.28 -0.69
CA MET E 403 33.31 17.73 -0.82
C MET E 403 33.98 17.83 0.54
N VAL E 404 35.24 17.42 0.59
CA VAL E 404 36.12 17.68 1.73
C VAL E 404 37.39 18.31 1.20
N TRP E 405 38.04 19.11 2.03
CA TRP E 405 39.23 19.81 1.58
C TRP E 405 40.11 20.13 2.77
N GLN E 406 41.36 20.47 2.47
CA GLN E 406 42.31 20.98 3.44
C GLN E 406 42.56 22.46 3.17
N ASP E 407 42.68 23.24 4.24
CA ASP E 407 42.96 24.65 4.10
C ASP E 407 44.43 24.85 3.71
N ARG E 408 44.80 26.10 3.47
CA ARG E 408 46.19 26.40 3.13
C ARG E 408 47.05 26.40 4.38
N ASP E 409 48.24 25.82 4.27
CA ASP E 409 49.12 25.68 5.40
C ASP E 409 49.66 27.03 5.85
N VAL E 410 50.02 27.11 7.13
CA VAL E 410 50.43 28.37 7.74
C VAL E 410 51.88 28.72 7.43
N VAL F 19 33.40 -24.38 29.13
CA VAL F 19 33.62 -25.37 28.09
C VAL F 19 32.32 -26.08 27.74
N GLY F 20 31.68 -26.67 28.74
CA GLY F 20 30.39 -27.30 28.57
C GLY F 20 29.21 -26.43 28.93
N SER F 21 29.40 -25.12 29.08
CA SER F 21 28.34 -24.21 29.43
C SER F 21 28.23 -23.11 28.38
N SER F 22 27.00 -22.78 28.00
CA SER F 22 26.77 -21.81 26.95
C SER F 22 27.09 -20.40 27.42
N SER F 23 27.78 -19.64 26.56
CA SER F 23 28.18 -18.28 26.86
C SER F 23 27.20 -17.24 26.34
N GLY F 24 26.08 -17.66 25.77
CA GLY F 24 25.07 -16.73 25.29
C GLY F 24 23.92 -17.47 24.65
N ASN F 25 22.84 -16.74 24.43
CA ASN F 25 21.63 -17.29 23.82
C ASN F 25 21.38 -16.62 22.47
N TRP F 26 20.32 -17.08 21.81
CA TRP F 26 20.01 -16.64 20.46
C TRP F 26 18.93 -15.57 20.52
N HIS F 27 19.29 -14.34 20.16
CA HIS F 27 18.35 -13.23 20.19
C HIS F 27 18.18 -12.65 18.79
N CYS F 28 17.00 -12.85 18.21
CA CYS F 28 16.58 -12.11 17.02
C CYS F 28 15.13 -11.73 17.23
N ASP F 29 14.83 -10.45 17.07
CA ASP F 29 13.46 -9.94 17.17
C ASP F 29 13.46 -8.44 16.92
N SER F 30 12.29 -7.85 16.83
CA SER F 30 12.16 -6.40 16.73
C SER F 30 11.04 -5.93 17.64
N GLN F 31 11.41 -5.11 18.61
CA GLN F 31 10.46 -4.51 19.54
C GLN F 31 10.12 -3.13 19.03
N TRP F 32 8.84 -2.92 18.69
CA TRP F 32 8.37 -1.64 18.20
C TRP F 32 7.68 -0.93 19.36
N LEU F 33 8.34 0.09 19.90
CA LEU F 33 7.94 0.73 21.15
C LEU F 33 7.83 2.23 20.91
N GLY F 34 6.59 2.74 20.92
CA GLY F 34 6.40 4.18 20.78
C GLY F 34 7.08 4.74 19.56
N ASP F 35 7.97 5.71 19.77
CA ASP F 35 8.76 6.34 18.74
C ASP F 35 10.11 5.67 18.53
N ARG F 36 10.36 4.51 19.14
CA ARG F 36 11.62 3.83 18.98
C ARG F 36 11.42 2.40 18.48
N VAL F 37 12.49 1.84 17.93
CA VAL F 37 12.54 0.44 17.50
C VAL F 37 13.83 -0.15 18.02
N ILE F 38 13.81 -1.43 18.35
CA ILE F 38 15.02 -2.15 18.75
C ILE F 38 15.11 -3.39 17.88
N THR F 39 16.14 -3.43 17.03
CA THR F 39 16.37 -4.58 16.16
C THR F 39 17.56 -5.39 16.66
N THR F 40 17.31 -6.66 16.94
CA THR F 40 18.35 -7.57 17.37
C THR F 40 18.49 -8.66 16.31
N SER F 41 19.74 -9.01 16.00
CA SER F 41 20.04 -10.02 14.99
C SER F 41 21.18 -10.88 15.47
N THR F 42 20.99 -12.19 15.46
CA THR F 42 22.03 -13.15 15.78
C THR F 42 22.35 -13.97 14.55
N ARG F 43 23.63 -14.20 14.31
CA ARG F 43 24.10 -14.97 13.16
C ARG F 43 25.17 -15.95 13.62
N THR F 44 25.52 -16.88 12.74
CA THR F 44 26.61 -17.80 12.96
C THR F 44 27.70 -17.51 11.93
N TRP F 45 28.93 -17.40 12.42
CA TRP F 45 30.07 -16.98 11.60
C TRP F 45 31.13 -18.08 11.59
N ALA F 46 32.00 -18.02 10.59
CA ALA F 46 33.18 -18.86 10.53
C ALA F 46 34.37 -18.01 10.09
N LEU F 47 35.39 -17.98 10.93
CA LEU F 47 36.60 -17.20 10.66
C LEU F 47 37.75 -18.14 10.36
N PRO F 48 38.25 -18.19 9.13
CA PRO F 48 39.44 -18.99 8.84
C PRO F 48 40.71 -18.21 9.19
N THR F 49 41.84 -18.79 8.81
CA THR F 49 43.13 -18.13 8.95
C THR F 49 43.50 -17.48 7.63
N TYR F 50 43.85 -16.19 7.68
CA TYR F 50 44.21 -15.44 6.49
C TYR F 50 45.70 -15.17 6.44
N ASN F 51 46.26 -15.22 5.24
CA ASN F 51 47.66 -14.88 4.96
C ASN F 51 48.66 -15.72 5.75
N ASN F 52 48.26 -16.91 6.19
CA ASN F 52 49.15 -17.81 6.94
C ASN F 52 49.80 -17.09 8.13
N HIS F 53 48.99 -16.35 8.87
CA HIS F 53 49.41 -15.61 10.07
C HIS F 53 50.45 -14.54 9.76
N LEU F 54 50.43 -13.97 8.56
CA LEU F 54 51.45 -13.01 8.14
C LEU F 54 50.83 -11.72 7.64
N TYR F 55 51.63 -10.66 7.66
CA TYR F 55 51.31 -9.44 6.94
C TYR F 55 52.05 -9.43 5.62
N LYS F 56 51.36 -9.04 4.55
CA LYS F 56 51.98 -9.05 3.23
C LYS F 56 51.66 -7.77 2.49
N GLN F 57 52.70 -7.06 2.07
CA GLN F 57 52.56 -5.93 1.18
C GLN F 57 51.83 -6.33 -0.09
N ILE F 58 50.95 -5.46 -0.58
CA ILE F 58 50.27 -5.65 -1.84
C ILE F 58 50.38 -4.36 -2.64
N SER F 59 50.22 -4.49 -3.95
CA SER F 59 50.31 -3.35 -4.85
C SER F 59 49.71 -3.75 -6.19
N ASN F 60 49.74 -2.81 -7.13
CA ASN F 60 49.21 -3.09 -8.47
C ASN F 60 50.21 -3.87 -9.31
N SER F 61 51.50 -3.70 -9.00
CA SER F 61 52.55 -4.37 -9.77
C SER F 61 52.45 -5.89 -9.64
N THR F 62 52.15 -6.39 -8.44
CA THR F 62 51.94 -7.82 -8.28
C THR F 62 50.72 -8.29 -9.06
N SER F 63 49.72 -7.43 -9.23
CA SER F 63 48.55 -7.74 -10.05
C SER F 63 48.66 -7.17 -11.46
N GLY F 64 49.76 -6.52 -11.80
CA GLY F 64 50.05 -6.05 -13.15
C GLY F 64 49.85 -4.56 -13.35
N GLY F 65 48.98 -3.91 -12.58
CA GLY F 65 48.88 -2.46 -12.55
C GLY F 65 48.84 -1.74 -13.87
N SER F 66 48.00 -2.20 -14.80
CA SER F 66 48.01 -1.65 -16.16
C SER F 66 47.73 -0.16 -16.20
N SER F 67 46.60 0.29 -15.65
CA SER F 67 46.15 1.66 -15.77
C SER F 67 46.67 2.47 -14.59
N ASN F 68 47.02 3.74 -14.84
CA ASN F 68 47.46 4.60 -13.76
C ASN F 68 46.32 5.00 -12.84
N ASP F 69 45.09 5.00 -13.35
CA ASP F 69 43.95 5.32 -12.51
C ASP F 69 43.75 4.27 -11.43
N ASN F 70 44.06 3.02 -11.73
CA ASN F 70 43.84 1.90 -10.83
C ASN F 70 45.05 1.56 -9.99
N ALA F 71 46.12 2.35 -10.07
CA ALA F 71 47.30 2.10 -9.27
C ALA F 71 46.98 2.19 -7.78
N TYR F 72 47.52 1.25 -7.02
CA TYR F 72 47.31 1.25 -5.58
C TYR F 72 48.50 0.62 -4.88
N PHE F 73 48.64 0.95 -3.60
CA PHE F 73 49.63 0.34 -2.72
C PHE F 73 49.05 0.22 -1.32
N GLY F 74 49.43 -0.85 -0.62
CA GLY F 74 48.92 -1.05 0.71
C GLY F 74 49.38 -2.37 1.27
N TYR F 75 48.65 -2.85 2.29
CA TYR F 75 49.02 -4.06 3.00
C TYR F 75 47.78 -4.89 3.28
N SER F 76 47.97 -6.19 3.43
CA SER F 76 46.92 -7.11 3.84
C SER F 76 47.25 -7.70 5.20
N THR F 77 46.23 -8.02 5.96
CA THR F 77 46.39 -8.43 7.35
C THR F 77 45.75 -9.81 7.57
N PRO F 78 46.26 -10.57 8.54
CA PRO F 78 45.58 -11.82 8.92
C PRO F 78 44.24 -11.61 9.61
N TRP F 79 43.96 -10.41 10.09
CA TRP F 79 42.76 -10.13 10.85
C TRP F 79 41.52 -10.09 9.95
N GLY F 80 40.40 -10.56 10.50
CA GLY F 80 39.09 -10.37 9.92
C GLY F 80 38.32 -9.30 10.68
N TYR F 81 37.18 -8.91 10.11
CA TYR F 81 36.37 -7.86 10.74
C TYR F 81 34.90 -8.14 10.48
N PHE F 82 34.07 -7.69 11.42
CA PHE F 82 32.62 -7.83 11.30
C PHE F 82 32.02 -6.59 10.66
N ASP F 83 31.13 -6.80 9.69
CA ASP F 83 30.48 -5.70 8.98
C ASP F 83 28.97 -5.92 9.04
N PHE F 84 28.28 -5.13 9.84
CA PHE F 84 26.82 -5.05 9.83
C PHE F 84 26.28 -3.79 9.16
N ASN F 85 27.14 -3.02 8.49
CA ASN F 85 26.84 -1.69 7.97
C ASN F 85 25.71 -1.64 6.91
N ARG F 86 25.14 -2.75 6.47
CA ARG F 86 24.00 -2.72 5.56
C ARG F 86 22.70 -2.87 6.34
N PHE F 87 21.67 -2.17 5.88
CA PHE F 87 20.36 -2.15 6.53
C PHE F 87 19.68 -3.50 6.67
N HIS F 88 19.93 -4.41 5.73
CA HIS F 88 19.31 -5.73 5.80
C HIS F 88 19.74 -6.63 6.97
N CYS F 89 20.91 -6.37 7.53
CA CYS F 89 21.41 -7.14 8.66
C CYS F 89 20.50 -6.99 9.87
N HIS F 90 20.00 -5.77 10.09
CA HIS F 90 19.16 -5.47 11.23
C HIS F 90 17.66 -5.53 11.05
N PHE F 91 17.19 -5.60 9.82
CA PHE F 91 15.77 -5.60 9.59
C PHE F 91 15.29 -6.70 8.67
N SER F 92 14.13 -7.28 9.01
CA SER F 92 13.44 -8.17 8.12
C SER F 92 12.72 -7.35 7.06
N PRO F 93 12.38 -7.95 5.92
CA PRO F 93 11.59 -7.22 4.93
C PRO F 93 10.26 -6.72 5.44
N ARG F 94 9.67 -7.41 6.43
CA ARG F 94 8.46 -6.92 7.05
C ARG F 94 8.75 -5.69 7.91
N ASP F 95 9.83 -5.73 8.68
CA ASP F 95 10.15 -4.61 9.56
C ASP F 95 10.59 -3.38 8.77
N TRP F 96 11.22 -3.58 7.62
CA TRP F 96 11.54 -2.44 6.77
C TRP F 96 10.28 -1.80 6.23
N GLN F 97 9.30 -2.63 5.85
CA GLN F 97 8.01 -2.12 5.40
C GLN F 97 7.29 -1.39 6.53
N ARG F 98 7.25 -2.00 7.71
CA ARG F 98 6.63 -1.35 8.86
C ARG F 98 7.28 0.00 9.14
N LEU F 99 8.57 0.13 8.82
CA LEU F 99 9.28 1.38 9.05
C LEU F 99 8.92 2.44 8.01
N ILE F 100 8.99 2.09 6.72
CA ILE F 100 8.97 3.10 5.68
C ILE F 100 7.55 3.61 5.44
N ASN F 101 6.55 2.77 5.67
CA ASN F 101 5.19 3.20 5.39
C ASN F 101 4.64 4.10 6.48
N ASN F 102 5.10 3.92 7.72
CA ASN F 102 4.50 4.58 8.87
C ASN F 102 5.23 5.81 9.34
N ASN F 103 6.39 6.15 8.77
CA ASN F 103 7.29 7.10 9.41
C ASN F 103 7.83 8.11 8.40
N TRP F 104 8.10 9.31 8.90
CA TRP F 104 8.78 10.36 8.15
C TRP F 104 10.28 10.37 8.34
N GLY F 105 10.82 9.58 9.27
CA GLY F 105 12.24 9.61 9.51
C GLY F 105 12.65 8.65 10.60
N PHE F 106 13.93 8.31 10.59
CA PHE F 106 14.49 7.39 11.57
C PHE F 106 15.99 7.65 11.65
N ARG F 107 16.60 7.11 12.70
CA ARG F 107 18.04 7.27 12.92
C ARG F 107 18.48 6.40 14.09
N PRO F 108 19.67 5.83 14.04
CA PRO F 108 20.13 4.94 15.09
C PRO F 108 20.54 5.71 16.33
N LYS F 109 20.42 5.03 17.47
CA LYS F 109 20.78 5.62 18.76
C LYS F 109 21.91 4.85 19.44
N ARG F 110 21.70 3.59 19.77
CA ARG F 110 22.66 2.81 20.55
C ARG F 110 22.98 1.49 19.85
N LEU F 111 24.18 0.99 20.14
CA LEU F 111 24.71 -0.20 19.51
C LEU F 111 25.29 -1.11 20.58
N ASN F 112 24.75 -2.32 20.68
CA ASN F 112 25.22 -3.30 21.66
C ASN F 112 25.63 -4.56 20.92
N PHE F 113 26.90 -4.94 21.08
CA PHE F 113 27.48 -6.04 20.33
C PHE F 113 27.83 -7.16 21.31
N LYS F 114 27.71 -8.40 20.87
CA LYS F 114 28.02 -9.56 21.68
C LYS F 114 28.65 -10.65 20.83
N LEU F 115 29.65 -11.31 21.39
CA LEU F 115 30.40 -12.37 20.71
C LEU F 115 30.58 -13.50 21.71
N PHE F 116 30.13 -14.70 21.34
CA PHE F 116 30.00 -15.77 22.32
C PHE F 116 29.94 -17.10 21.59
N ASN F 117 29.88 -18.17 22.39
CA ASN F 117 29.80 -19.55 21.89
C ASN F 117 30.92 -19.84 20.90
N ILE F 118 32.15 -19.52 21.30
CA ILE F 118 33.30 -19.68 20.42
C ILE F 118 33.69 -21.14 20.35
N GLN F 119 33.90 -21.64 19.12
CA GLN F 119 34.30 -23.01 18.89
C GLN F 119 35.48 -23.00 17.93
N VAL F 120 36.64 -23.45 18.40
CA VAL F 120 37.87 -23.46 17.61
C VAL F 120 38.11 -24.89 17.14
N LYS F 121 38.45 -25.04 15.87
CA LYS F 121 38.68 -26.36 15.29
C LYS F 121 40.12 -26.53 14.84
N ILE F 132 38.70 -33.36 11.29
CA ILE F 132 38.28 -32.20 12.08
C ILE F 132 37.97 -32.64 13.51
N ALA F 133 38.55 -31.91 14.48
CA ALA F 133 38.29 -32.14 15.88
C ALA F 133 38.44 -30.85 16.65
N ASN F 134 37.79 -30.79 17.81
CA ASN F 134 37.81 -29.59 18.64
C ASN F 134 39.21 -29.28 19.12
N ASN F 135 39.51 -28.00 19.29
CA ASN F 135 40.70 -27.55 20.00
C ASN F 135 40.18 -26.72 21.18
N LEU F 136 40.32 -27.25 22.39
CA LEU F 136 39.67 -26.66 23.55
C LEU F 136 40.44 -25.50 24.15
N THR F 137 41.77 -25.54 24.12
CA THR F 137 42.58 -24.53 24.80
C THR F 137 43.02 -23.40 23.88
N SER F 138 42.70 -23.46 22.59
CA SER F 138 43.09 -22.39 21.70
C SER F 138 42.22 -21.17 21.91
N THR F 139 42.76 -20.01 21.54
CA THR F 139 42.13 -18.73 21.84
C THR F 139 41.81 -17.99 20.56
N VAL F 140 40.88 -17.05 20.68
CA VAL F 140 40.53 -16.13 19.60
C VAL F 140 40.72 -14.72 20.11
N GLN F 141 41.39 -13.89 19.32
CA GLN F 141 41.69 -12.52 19.69
C GLN F 141 40.71 -11.58 19.00
N VAL F 142 40.13 -10.67 19.79
CA VAL F 142 39.17 -9.70 19.27
C VAL F 142 39.35 -8.39 20.01
N PHE F 143 39.26 -7.28 19.27
CA PHE F 143 39.27 -5.96 19.89
C PHE F 143 38.55 -4.99 18.96
N THR F 144 38.20 -3.84 19.52
CA THR F 144 37.57 -2.77 18.77
C THR F 144 38.46 -1.56 18.73
N ASP F 145 38.31 -0.75 17.68
CA ASP F 145 39.04 0.50 17.56
C ASP F 145 38.07 1.61 17.96
N SER F 146 38.23 2.12 19.18
CA SER F 146 37.40 3.20 19.66
C SER F 146 38.02 4.57 19.45
N ASP F 147 39.29 4.61 19.10
CA ASP F 147 39.97 5.86 18.79
C ASP F 147 40.02 6.12 17.29
N TYR F 148 39.51 5.20 16.48
CA TYR F 148 39.51 5.32 15.03
C TYR F 148 40.94 5.49 14.51
N GLN F 149 41.88 4.77 15.13
CA GLN F 149 43.28 4.86 14.77
C GLN F 149 43.65 4.07 13.54
N LEU F 150 42.98 2.95 13.30
CA LEU F 150 43.19 2.15 12.10
C LEU F 150 42.40 2.71 10.93
N PRO F 151 42.80 2.40 9.70
CA PRO F 151 42.03 2.82 8.54
C PRO F 151 40.60 2.27 8.61
N TYR F 152 39.65 3.06 8.12
CA TYR F 152 38.24 2.72 8.22
C TYR F 152 37.77 2.18 6.87
N VAL F 153 37.53 0.87 6.82
CA VAL F 153 37.13 0.21 5.57
C VAL F 153 35.64 -0.01 5.47
N LEU F 154 34.86 0.37 6.49
CA LEU F 154 33.46 0.00 6.54
C LEU F 154 32.54 0.96 5.80
N GLY F 155 33.09 2.01 5.19
CA GLY F 155 32.26 2.98 4.51
C GLY F 155 32.34 2.94 3.00
N SER F 156 33.01 1.94 2.45
CA SER F 156 33.19 1.82 1.00
C SER F 156 32.20 0.88 0.34
N ALA F 157 31.23 0.35 1.10
CA ALA F 157 30.19 -0.54 0.57
C ALA F 157 30.76 -1.86 0.08
N HIS F 158 31.54 -2.52 0.91
CA HIS F 158 32.11 -3.82 0.55
C HIS F 158 31.23 -4.99 0.96
N GLU F 159 31.72 -6.19 0.66
CA GLU F 159 31.03 -7.45 1.01
C GLU F 159 31.43 -7.89 2.42
N GLY F 160 30.96 -9.06 2.83
CA GLY F 160 31.26 -9.58 4.14
C GLY F 160 30.28 -9.24 5.24
N CYS F 161 29.17 -8.64 4.85
CA CYS F 161 28.10 -8.24 5.77
C CYS F 161 27.39 -9.46 6.33
N LEU F 162 26.79 -9.32 7.51
CA LEU F 162 26.03 -10.42 8.08
C LEU F 162 24.88 -10.69 7.11
N PRO F 163 24.62 -11.98 6.82
CA PRO F 163 23.56 -12.36 5.88
C PRO F 163 22.19 -11.76 6.20
N PRO F 164 21.43 -11.36 5.17
CA PRO F 164 20.11 -10.80 5.46
C PRO F 164 19.16 -11.79 6.12
N PHE F 165 19.40 -13.08 5.92
CA PHE F 165 18.51 -14.14 6.35
C PHE F 165 19.10 -14.86 7.56
N PRO F 166 18.34 -14.97 8.67
CA PRO F 166 18.96 -15.36 9.94
C PRO F 166 19.59 -16.73 9.95
N ALA F 167 19.22 -17.63 9.05
CA ALA F 167 19.75 -18.98 9.11
C ALA F 167 21.03 -19.19 8.32
N ASP F 168 21.45 -18.20 7.52
CA ASP F 168 22.66 -18.37 6.73
C ASP F 168 23.91 -18.23 7.60
N VAL F 169 24.83 -19.18 7.43
CA VAL F 169 26.14 -19.13 8.05
C VAL F 169 27.07 -18.39 7.10
N PHE F 170 27.77 -17.39 7.61
CA PHE F 170 28.54 -16.50 6.75
C PHE F 170 30.00 -16.53 7.16
N MET F 171 30.85 -16.04 6.26
CA MET F 171 32.28 -16.02 6.44
C MET F 171 32.75 -14.60 6.73
N ILE F 172 33.72 -14.48 7.62
CA ILE F 172 34.20 -13.15 8.03
C ILE F 172 35.21 -12.66 7.00
N PRO F 173 35.10 -11.42 6.52
CA PRO F 173 36.01 -10.93 5.49
C PRO F 173 37.36 -10.55 6.05
N GLN F 174 38.35 -10.58 5.17
CA GLN F 174 39.73 -10.26 5.54
C GLN F 174 39.92 -8.75 5.56
N TYR F 175 40.77 -8.29 6.46
CA TYR F 175 41.03 -6.86 6.60
C TYR F 175 42.29 -6.47 5.83
N GLY F 176 42.22 -5.31 5.18
CA GLY F 176 43.33 -4.77 4.43
C GLY F 176 43.08 -3.30 4.19
N TYR F 177 44.17 -2.57 3.97
CA TYR F 177 44.06 -1.13 3.86
C TYR F 177 45.02 -0.62 2.80
N LEU F 178 44.80 0.62 2.39
CA LEU F 178 45.58 1.28 1.36
C LEU F 178 46.17 2.58 1.91
N THR F 179 47.22 3.07 1.23
CA THR F 179 47.91 4.27 1.65
C THR F 179 48.40 5.02 0.43
N LEU F 180 49.25 6.02 0.66
CA LEU F 180 49.79 6.82 -0.44
C LEU F 180 50.60 5.96 -1.39
N ASN F 181 50.62 6.35 -2.66
CA ASN F 181 51.38 5.63 -3.67
C ASN F 181 51.79 6.58 -4.79
N ASP F 182 52.95 6.30 -5.37
CA ASP F 182 53.36 6.82 -6.67
C ASP F 182 53.56 5.62 -7.59
N GLY F 183 52.69 5.47 -8.57
CA GLY F 183 52.64 4.21 -9.28
C GLY F 183 52.25 3.13 -8.30
N SER F 184 53.00 2.03 -8.30
CA SER F 184 52.83 0.98 -7.30
C SER F 184 53.73 1.17 -6.10
N GLN F 185 54.68 2.09 -6.17
CA GLN F 185 55.66 2.27 -5.10
C GLN F 185 55.06 3.01 -3.92
N ALA F 186 55.68 2.82 -2.76
CA ALA F 186 55.31 3.59 -1.58
C ALA F 186 56.04 4.93 -1.59
N VAL F 187 55.76 5.73 -0.56
CA VAL F 187 56.44 7.00 -0.34
C VAL F 187 56.73 7.12 1.15
N GLY F 188 57.56 8.12 1.49
CA GLY F 188 58.02 8.25 2.86
C GLY F 188 56.90 8.52 3.84
N ARG F 189 55.82 9.14 3.37
CA ARG F 189 54.73 9.51 4.27
C ARG F 189 53.76 8.36 4.50
N SER F 190 53.87 7.27 3.73
CA SER F 190 52.99 6.13 3.91
C SER F 190 53.14 5.56 5.32
N SER F 191 52.05 4.99 5.83
CA SER F 191 51.99 4.51 7.20
C SER F 191 51.83 3.00 7.21
N PHE F 192 52.29 2.37 8.29
CA PHE F 192 52.19 0.93 8.49
C PHE F 192 51.67 0.64 9.88
N TYR F 193 50.52 0.00 9.97
CA TYR F 193 49.88 -0.30 11.24
C TYR F 193 49.96 -1.79 11.51
N CYS F 194 50.32 -2.15 12.74
CA CYS F 194 50.34 -3.54 13.19
C CYS F 194 49.20 -3.75 14.17
N LEU F 195 48.21 -4.52 13.76
CA LEU F 195 47.00 -4.71 14.56
C LEU F 195 47.23 -5.55 15.81
N GLU F 196 48.43 -6.12 15.96
CA GLU F 196 48.72 -6.97 17.11
C GLU F 196 48.91 -6.15 18.38
N PHE F 198 48.05 -2.78 19.56
CA PHE F 198 46.70 -2.66 20.11
C PHE F 198 46.44 -3.74 21.15
N PRO F 199 45.99 -3.34 22.34
CA PRO F 199 45.53 -4.33 23.32
C PRO F 199 44.27 -5.01 22.82
N SER F 200 44.25 -6.34 22.93
CA SER F 200 43.14 -7.12 22.45
C SER F 200 42.68 -8.06 23.56
N GLN F 201 41.47 -8.60 23.38
CA GLN F 201 40.89 -9.49 24.37
C GLN F 201 40.81 -10.91 23.81
N MET F 202 41.44 -11.85 24.51
CA MET F 202 41.58 -13.21 24.05
C MET F 202 40.49 -14.07 24.68
N LEU F 203 39.91 -14.97 23.88
CA LEU F 203 38.74 -15.74 24.27
C LEU F 203 38.99 -17.22 23.97
N ARG F 204 38.74 -18.07 24.95
CA ARG F 204 38.65 -19.50 24.70
C ARG F 204 37.19 -19.88 24.44
N THR F 205 36.92 -21.18 24.42
CA THR F 205 35.58 -21.66 24.12
C THR F 205 34.55 -21.24 25.17
N GLY F 206 34.98 -20.81 26.36
CA GLY F 206 34.05 -20.42 27.39
C GLY F 206 33.85 -18.93 27.62
N ASN F 207 34.73 -18.09 27.08
CA ASN F 207 34.64 -16.65 27.24
C ASN F 207 33.65 -16.04 26.26
N ASN F 208 33.14 -14.86 26.61
CA ASN F 208 32.30 -14.06 25.73
C ASN F 208 32.78 -12.61 25.73
N PHE F 209 32.42 -11.89 24.66
CA PHE F 209 32.88 -10.53 24.44
C PHE F 209 31.68 -9.64 24.12
N GLN F 210 31.68 -8.42 24.66
CA GLN F 210 30.58 -7.50 24.43
C GLN F 210 30.96 -6.05 24.68
N PHE F 211 30.45 -5.15 23.83
CA PHE F 211 30.69 -3.72 23.98
C PHE F 211 29.46 -2.92 23.56
N SER F 212 29.36 -1.69 24.04
CA SER F 212 28.25 -0.80 23.72
C SER F 212 28.75 0.46 23.04
N TYR F 213 28.00 0.95 22.06
CA TYR F 213 28.37 2.16 21.34
C TYR F 213 27.19 3.13 21.22
N GLU F 214 27.46 4.42 21.43
CA GLU F 214 26.48 5.48 21.37
C GLU F 214 26.65 6.25 20.08
N PHE F 215 25.67 6.13 19.18
CA PHE F 215 25.67 6.94 17.96
C PHE F 215 25.65 8.42 18.30
N GLU F 216 26.46 9.20 17.59
CA GLU F 216 26.43 10.63 17.78
C GLU F 216 25.23 11.22 17.04
N ASN F 217 24.79 12.39 17.53
CA ASN F 217 23.60 13.01 16.99
C ASN F 217 23.72 13.25 15.49
N VAL F 218 22.78 12.70 14.73
CA VAL F 218 22.72 12.88 13.28
C VAL F 218 21.30 13.30 12.93
N PRO F 219 21.13 14.02 11.82
CA PRO F 219 19.77 14.37 11.40
C PRO F 219 19.01 13.14 10.95
N PHE F 220 17.70 13.16 11.20
CA PHE F 220 16.84 12.09 10.72
C PHE F 220 17.01 11.92 9.22
N HIS F 221 17.02 10.69 8.77
CA HIS F 221 17.02 10.45 7.34
C HIS F 221 15.58 10.75 6.95
N SER F 222 15.38 11.47 5.86
CA SER F 222 14.02 11.84 5.46
C SER F 222 13.36 10.82 4.56
N SER F 223 12.58 9.92 5.15
CA SER F 223 11.90 8.92 4.36
C SER F 223 10.54 9.39 3.87
N TYR F 224 10.54 10.38 3.01
CA TYR F 224 9.32 10.91 2.44
C TYR F 224 9.62 11.61 1.13
N ALA F 225 8.59 11.77 0.31
CA ALA F 225 8.75 12.43 -0.97
C ALA F 225 7.92 13.70 -0.89
N HIS F 226 8.47 14.81 -1.34
CA HIS F 226 7.74 16.07 -1.31
C HIS F 226 6.53 16.04 -2.22
N SER F 227 5.43 16.63 -1.77
CA SER F 227 4.20 16.68 -2.56
C SER F 227 4.10 17.97 -3.36
N GLN F 228 5.11 18.82 -3.24
CA GLN F 228 5.15 20.07 -3.97
C GLN F 228 6.49 20.20 -4.66
N SER F 229 6.54 20.97 -5.73
CA SER F 229 7.80 21.19 -6.44
C SER F 229 8.29 22.61 -6.14
N LEU F 230 9.61 22.77 -6.24
CA LEU F 230 10.22 24.02 -5.80
C LEU F 230 9.71 25.22 -6.59
N ASP F 231 9.36 25.02 -7.85
CA ASP F 231 8.92 26.12 -8.69
C ASP F 231 7.43 26.42 -8.58
N ARG F 232 6.64 25.51 -8.03
CA ARG F 232 5.19 25.65 -7.91
C ARG F 232 4.69 26.09 -6.54
N LEU F 233 5.57 26.53 -5.65
CA LEU F 233 5.18 26.87 -4.27
C LEU F 233 4.21 28.06 -4.17
N MET F 234 3.94 28.75 -5.27
CA MET F 234 3.15 29.97 -5.28
C MET F 234 1.68 29.72 -5.01
N ASN F 235 0.98 30.79 -4.64
CA ASN F 235 -0.48 30.79 -4.62
C ASN F 235 -1.01 30.93 -6.04
N PRO F 236 -1.69 29.93 -6.58
CA PRO F 236 -2.07 29.97 -8.01
C PRO F 236 -3.13 31.00 -8.34
N LEU F 237 -3.81 31.58 -7.36
CA LEU F 237 -4.95 32.45 -7.63
C LEU F 237 -4.63 33.93 -7.69
N ILE F 238 -3.43 34.35 -7.29
CA ILE F 238 -3.16 35.77 -7.06
C ILE F 238 -1.94 36.19 -7.88
N ASP F 239 -1.93 37.45 -8.30
CA ASP F 239 -0.77 38.03 -8.96
C ASP F 239 0.29 38.42 -7.94
N GLN F 240 1.54 38.41 -8.38
CA GLN F 240 2.57 39.10 -7.61
C GLN F 240 2.57 40.59 -7.92
N TYR F 241 3.04 41.37 -6.96
CA TYR F 241 3.24 42.78 -7.17
C TYR F 241 4.53 43.11 -7.92
N LEU F 242 5.35 42.10 -8.21
CA LEU F 242 6.58 42.27 -8.97
C LEU F 242 6.31 42.27 -10.47
N TYR F 243 7.22 42.89 -11.22
CA TYR F 243 7.12 43.04 -12.66
C TYR F 243 8.29 42.36 -13.36
N TYR F 244 8.09 42.05 -14.64
CA TYR F 244 9.14 41.51 -15.50
C TYR F 244 9.04 42.17 -16.86
N LEU F 245 10.08 42.01 -17.67
CA LEU F 245 10.14 42.62 -18.99
C LEU F 245 9.59 41.74 -20.09
N SER F 246 8.30 41.85 -20.35
CA SER F 246 7.62 41.07 -21.37
C SER F 246 8.02 41.31 -22.84
N LYS F 247 8.19 42.56 -23.24
CA LYS F 247 8.53 42.84 -24.64
C LYS F 247 9.71 43.77 -24.83
N THR F 248 10.60 43.42 -25.74
CA THR F 248 11.76 44.26 -26.04
C THR F 248 11.63 45.09 -27.33
N ILE F 249 10.63 44.80 -28.16
CA ILE F 249 10.40 45.54 -29.42
C ILE F 249 8.92 45.60 -29.74
N ASN F 250 8.48 46.66 -30.42
CA ASN F 250 7.08 46.80 -30.79
C ASN F 250 6.68 45.78 -31.86
N GLY F 251 7.39 45.75 -32.97
CA GLY F 251 7.03 44.86 -34.06
C GLY F 251 8.08 44.88 -35.14
N SER F 252 7.72 44.30 -36.28
CA SER F 252 8.65 44.19 -37.39
C SER F 252 8.98 45.56 -37.97
N GLY F 253 10.26 45.79 -38.23
CA GLY F 253 10.71 47.01 -38.84
C GLY F 253 12.08 47.38 -38.35
N GLN F 254 12.46 48.63 -38.59
CA GLN F 254 13.71 49.19 -38.13
C GLN F 254 13.43 50.14 -36.97
N ASN F 255 14.38 50.22 -36.03
CA ASN F 255 14.32 51.17 -34.93
C ASN F 255 13.09 50.95 -34.05
N GLN F 256 12.73 49.68 -33.85
CA GLN F 256 11.52 49.29 -33.15
C GLN F 256 11.73 49.00 -31.68
N GLN F 257 12.93 49.26 -31.14
CA GLN F 257 13.23 48.93 -29.76
C GLN F 257 12.23 49.59 -28.82
N THR F 258 11.82 48.86 -27.79
CA THR F 258 10.96 49.37 -26.74
C THR F 258 11.14 48.51 -25.51
N LEU F 259 10.66 49.02 -24.38
CA LEU F 259 10.65 48.26 -23.13
C LEU F 259 9.24 48.25 -22.56
N LYS F 260 8.65 47.06 -22.49
CA LYS F 260 7.33 46.88 -21.94
C LYS F 260 7.40 45.87 -20.80
N PHE F 261 6.65 46.14 -19.74
CA PHE F 261 6.68 45.29 -18.54
C PHE F 261 5.29 44.75 -18.27
N SER F 262 5.23 43.69 -17.48
CA SER F 262 3.98 43.01 -17.18
C SER F 262 4.05 42.37 -15.81
N VAL F 263 2.90 42.01 -15.26
CA VAL F 263 2.82 41.47 -13.91
C VAL F 263 3.01 39.96 -13.93
N ALA F 264 3.86 39.47 -13.05
CA ALA F 264 4.00 38.04 -12.84
C ALA F 264 2.77 37.50 -12.14
N GLY F 265 2.09 36.52 -12.73
CA GLY F 265 0.89 35.97 -12.13
C GLY F 265 0.71 34.51 -12.40
N PRO F 266 -0.53 34.02 -12.29
CA PRO F 266 -0.85 32.62 -12.53
C PRO F 266 -0.57 32.16 -13.96
N SER F 267 -0.85 33.00 -14.95
CA SER F 267 -0.64 32.64 -16.34
C SER F 267 0.81 32.36 -16.75
N ASN F 268 1.73 33.19 -16.26
CA ASN F 268 3.14 33.06 -16.58
C ASN F 268 3.83 32.70 -15.28
N MET F 269 3.97 31.41 -15.00
CA MET F 269 4.56 31.03 -13.72
C MET F 269 6.07 30.86 -13.84
N ALA F 270 6.59 30.88 -15.06
CA ALA F 270 8.02 30.67 -15.24
C ALA F 270 8.80 31.92 -14.88
N VAL F 271 8.17 33.08 -15.00
CA VAL F 271 8.90 34.34 -14.86
C VAL F 271 8.72 34.93 -13.48
N GLN F 272 7.98 34.25 -12.61
CA GLN F 272 7.75 34.79 -11.27
C GLN F 272 9.03 34.78 -10.44
N GLY F 273 9.08 35.65 -9.44
CA GLY F 273 10.22 35.65 -8.54
C GLY F 273 10.08 34.57 -7.49
N ARG F 274 11.21 33.99 -7.12
CA ARG F 274 11.24 32.89 -6.16
C ARG F 274 12.37 33.09 -5.18
N ASN F 275 12.15 32.63 -3.94
CA ASN F 275 13.11 32.77 -2.87
C ASN F 275 14.09 31.61 -2.77
N TYR F 276 13.85 30.51 -3.47
CA TYR F 276 14.70 29.34 -3.33
C TYR F 276 14.84 28.63 -4.66
N ILE F 277 16.02 28.09 -4.90
CA ILE F 277 16.39 27.51 -6.20
C ILE F 277 16.89 26.09 -5.97
N PRO F 278 16.79 25.23 -6.98
CA PRO F 278 17.15 23.82 -6.78
C PRO F 278 18.63 23.62 -6.50
N GLY F 279 18.96 22.45 -5.97
CA GLY F 279 20.27 22.16 -5.48
C GLY F 279 21.32 22.07 -6.57
N PRO F 280 22.55 21.76 -6.18
CA PRO F 280 23.65 21.78 -7.15
C PRO F 280 23.56 20.63 -8.14
N SER F 281 24.28 20.76 -9.24
CA SER F 281 24.27 19.79 -10.32
C SER F 281 25.68 19.56 -10.83
N TYR F 282 26.00 18.29 -11.10
CA TYR F 282 27.20 17.91 -11.84
C TYR F 282 26.76 16.87 -12.86
N ARG F 283 26.81 17.22 -14.15
CA ARG F 283 26.01 16.52 -15.13
C ARG F 283 26.56 15.12 -15.43
N GLN F 284 25.65 14.19 -15.72
CA GLN F 284 25.95 12.81 -16.05
C GLN F 284 25.53 12.54 -17.49
N GLN F 285 26.14 11.52 -18.09
CA GLN F 285 25.74 11.10 -19.42
C GLN F 285 24.50 10.22 -19.34
N ARG F 286 23.59 10.39 -20.30
CA ARG F 286 22.28 9.76 -20.25
C ARG F 286 22.33 8.43 -21.02
N VAL F 287 21.95 7.36 -20.36
CA VAL F 287 21.98 6.02 -20.94
C VAL F 287 20.60 5.41 -20.90
N SER F 288 20.14 4.91 -22.04
CA SER F 288 18.83 4.30 -22.16
C SER F 288 18.93 2.80 -21.95
N THR F 289 17.90 2.24 -21.31
CA THR F 289 17.85 0.80 -21.12
C THR F 289 17.53 0.08 -22.42
N THR F 290 17.03 0.81 -23.42
CA THR F 290 16.82 0.27 -24.75
C THR F 290 18.10 0.47 -25.55
N VAL F 291 18.74 -0.63 -25.95
CA VAL F 291 20.10 -0.56 -26.46
C VAL F 291 20.14 0.16 -27.81
N THR F 292 19.07 0.05 -28.59
CA THR F 292 19.09 0.62 -29.94
C THR F 292 19.05 2.14 -29.91
N GLN F 293 18.71 2.71 -28.75
CA GLN F 293 18.69 4.16 -28.65
C GLN F 293 20.04 4.71 -28.23
N ASN F 294 20.95 3.84 -27.82
CA ASN F 294 22.28 4.27 -27.41
C ASN F 294 23.15 4.45 -28.64
N ASN F 295 24.21 5.21 -28.50
CA ASN F 295 25.14 5.43 -29.59
C ASN F 295 25.92 4.13 -29.81
N ASN F 296 26.23 3.82 -31.06
CA ASN F 296 26.97 2.59 -31.37
C ASN F 296 28.48 2.77 -31.23
N SER F 297 28.94 2.95 -30.00
CA SER F 297 30.34 3.15 -29.72
C SER F 297 30.61 2.80 -28.26
N GLU F 298 31.88 2.68 -27.90
CA GLU F 298 32.24 2.35 -26.54
C GLU F 298 32.44 3.63 -25.74
N PHE F 299 31.36 4.14 -25.16
CA PHE F 299 31.42 5.38 -24.40
C PHE F 299 31.32 5.22 -22.89
N ALA F 300 31.45 4.01 -22.37
CA ALA F 300 31.30 3.81 -20.94
C ALA F 300 32.32 4.57 -20.11
N TRP F 301 33.59 4.59 -20.53
CA TRP F 301 34.58 5.34 -19.78
C TRP F 301 34.89 6.70 -20.42
N PRO F 302 34.96 6.75 -21.75
CA PRO F 302 35.22 8.00 -22.46
C PRO F 302 34.15 9.05 -22.23
N GLY F 303 32.89 8.62 -22.18
CA GLY F 303 31.78 9.52 -21.96
C GLY F 303 31.41 9.73 -20.50
N ALA F 304 32.09 9.05 -19.60
CA ALA F 304 31.83 9.14 -18.17
C ALA F 304 32.26 10.44 -17.48
N SER F 305 31.53 10.81 -16.43
CA SER F 305 31.87 11.97 -15.62
C SER F 305 33.00 11.52 -14.72
N SER F 306 33.88 12.43 -14.33
CA SER F 306 35.01 12.04 -13.51
C SER F 306 35.42 13.20 -12.62
N TRP F 307 36.30 12.89 -11.66
CA TRP F 307 37.01 13.91 -10.92
C TRP F 307 38.48 13.52 -10.81
N ALA F 308 39.34 14.42 -11.25
CA ALA F 308 40.77 14.20 -11.31
C ALA F 308 41.42 14.59 -10.00
N LEU F 309 42.07 13.63 -9.36
CA LEU F 309 42.75 13.86 -8.09
C LEU F 309 44.18 13.35 -8.19
N ASN F 310 45.15 14.27 -8.12
CA ASN F 310 46.57 13.92 -8.16
C ASN F 310 46.93 13.22 -9.47
N GLY F 311 46.19 13.53 -10.53
CA GLY F 311 46.41 12.93 -11.82
C GLY F 311 45.61 11.67 -12.10
N ARG F 312 45.15 10.98 -11.07
CA ARG F 312 44.27 9.83 -11.23
C ARG F 312 42.84 10.28 -11.42
N ASN F 313 42.21 9.77 -12.48
CA ASN F 313 40.82 10.08 -12.77
C ASN F 313 39.93 9.00 -12.19
N SER F 314 39.14 9.37 -11.19
CA SER F 314 38.15 8.48 -10.60
C SER F 314 36.80 8.80 -11.22
N LEU F 315 36.00 7.77 -11.43
CA LEU F 315 34.64 7.98 -11.90
C LEU F 315 33.86 8.75 -10.85
N MET F 316 32.88 9.53 -11.29
CA MET F 316 32.01 10.23 -10.34
C MET F 316 30.87 9.29 -10.05
N ASN F 317 30.91 8.67 -8.88
CA ASN F 317 29.96 7.64 -8.51
C ASN F 317 29.72 7.74 -7.03
N PRO F 318 28.46 7.63 -6.60
CA PRO F 318 27.26 7.83 -7.42
C PRO F 318 27.11 9.30 -7.77
N GLY F 319 27.79 10.17 -7.02
CA GLY F 319 27.79 11.58 -7.29
C GLY F 319 26.85 12.35 -6.39
N PRO F 320 26.65 13.63 -6.68
CA PRO F 320 25.64 14.39 -5.94
C PRO F 320 24.26 13.81 -6.15
N ALA F 321 23.35 14.15 -5.24
CA ALA F 321 21.98 13.65 -5.33
C ALA F 321 21.22 14.44 -6.38
N MET F 322 20.75 13.76 -7.41
CA MET F 322 19.99 14.37 -8.48
C MET F 322 18.97 13.36 -9.00
N ALA F 323 17.83 13.87 -9.43
CA ALA F 323 16.81 13.00 -9.99
C ALA F 323 17.36 12.25 -11.19
N SER F 324 17.10 10.94 -11.24
CA SER F 324 17.69 10.12 -12.28
C SER F 324 17.10 10.45 -13.65
N HIS F 325 15.83 10.84 -13.70
CA HIS F 325 15.19 11.07 -14.98
C HIS F 325 14.01 12.02 -14.84
N LYS F 326 13.64 12.61 -15.97
CA LYS F 326 12.48 13.48 -16.12
C LYS F 326 11.18 12.67 -16.11
N GLU F 327 10.07 13.40 -15.97
CA GLU F 327 8.75 12.81 -16.02
C GLU F 327 8.59 11.89 -17.23
N GLY F 328 8.05 10.70 -16.97
CA GLY F 328 7.80 9.72 -18.01
C GLY F 328 8.99 9.00 -18.61
N GLU F 329 10.18 9.57 -18.48
CA GLU F 329 11.38 8.96 -19.04
C GLU F 329 12.02 7.93 -18.13
N ASP F 330 11.31 6.83 -17.92
CA ASP F 330 11.77 5.72 -17.08
C ASP F 330 13.00 5.05 -17.66
N ARG F 331 13.07 4.98 -18.98
CA ARG F 331 14.15 4.27 -19.67
C ARG F 331 15.57 4.74 -19.40
N PHE F 332 15.80 6.04 -19.23
CA PHE F 332 17.16 6.52 -18.99
C PHE F 332 17.61 6.58 -17.54
N PHE F 333 18.90 6.32 -17.34
CA PHE F 333 19.52 6.45 -16.03
C PHE F 333 20.87 7.12 -16.21
N PRO F 334 21.29 7.92 -15.25
CA PRO F 334 22.62 8.53 -15.35
C PRO F 334 23.70 7.46 -15.39
N LEU F 335 24.70 7.69 -16.23
CA LEU F 335 25.72 6.67 -16.50
C LEU F 335 26.31 6.14 -15.20
N SER F 336 27.01 6.98 -14.45
CA SER F 336 27.58 6.58 -13.17
C SER F 336 26.72 7.03 -12.00
N GLY F 337 25.56 7.62 -12.26
CA GLY F 337 24.84 8.35 -11.23
C GLY F 337 23.90 7.58 -10.33
N SER F 338 23.83 6.26 -10.44
CA SER F 338 22.90 5.47 -9.66
C SER F 338 23.64 4.39 -8.88
N LEU F 339 22.95 3.83 -7.88
CA LEU F 339 23.43 2.64 -7.21
C LEU F 339 22.86 1.41 -7.91
N ILE F 340 23.71 0.41 -8.14
CA ILE F 340 23.32 -0.79 -8.87
C ILE F 340 23.65 -2.00 -8.00
N PHE F 341 22.61 -2.75 -7.64
CA PHE F 341 22.75 -3.96 -6.84
C PHE F 341 22.56 -5.19 -7.72
N GLY F 342 23.33 -6.23 -7.43
CA GLY F 342 23.22 -7.50 -8.14
C GLY F 342 22.10 -8.35 -7.57
N LYS F 343 21.41 -9.06 -8.45
CA LYS F 343 20.43 -10.04 -8.01
C LYS F 343 21.14 -11.28 -7.47
N GLN F 344 20.40 -12.08 -6.71
CA GLN F 344 20.96 -13.31 -6.17
C GLN F 344 21.49 -14.19 -7.28
N GLY F 345 22.75 -14.60 -7.15
CA GLY F 345 23.37 -15.49 -8.10
C GLY F 345 24.00 -14.81 -9.29
N THR F 346 24.02 -13.48 -9.28
CA THR F 346 24.53 -12.69 -10.40
C THR F 346 26.04 -12.85 -10.48
N GLY F 347 26.55 -12.93 -11.71
CA GLY F 347 27.97 -13.16 -11.89
C GLY F 347 28.78 -11.92 -11.59
N ARG F 348 30.10 -12.09 -11.62
CA ARG F 348 31.01 -10.98 -11.33
C ARG F 348 31.24 -10.09 -12.56
N ASP F 349 31.42 -10.68 -13.73
CA ASP F 349 31.94 -9.97 -14.89
C ASP F 349 30.92 -9.90 -16.02
N ASN F 350 30.66 -8.68 -16.49
CA ASN F 350 29.91 -8.42 -17.72
C ASN F 350 28.55 -9.11 -17.74
N VAL F 351 27.81 -9.00 -16.64
CA VAL F 351 26.48 -9.59 -16.60
C VAL F 351 25.50 -8.74 -17.39
N ASP F 352 24.40 -9.36 -17.80
CA ASP F 352 23.36 -8.66 -18.55
C ASP F 352 22.69 -7.60 -17.69
N ALA F 353 22.00 -6.68 -18.36
CA ALA F 353 21.30 -5.61 -17.65
C ALA F 353 20.16 -6.15 -16.81
N ASP F 354 19.72 -7.38 -17.08
CA ASP F 354 18.62 -7.95 -16.30
C ASP F 354 19.14 -8.79 -15.15
N LYS F 355 20.47 -8.84 -14.96
CA LYS F 355 21.03 -9.51 -13.79
C LYS F 355 21.22 -8.54 -12.64
N VAL F 356 21.02 -7.25 -12.88
CA VAL F 356 21.31 -6.21 -11.90
C VAL F 356 20.05 -5.42 -11.60
N MET F 357 20.09 -4.70 -10.48
CA MET F 357 18.99 -3.85 -10.04
C MET F 357 19.48 -2.42 -9.96
N ILE F 358 18.98 -1.56 -10.85
CA ILE F 358 19.37 -0.15 -10.90
C ILE F 358 18.37 0.65 -10.09
N THR F 359 18.87 1.49 -9.20
CA THR F 359 18.04 2.30 -8.32
C THR F 359 17.91 3.71 -8.90
N ASN F 360 16.68 4.18 -9.02
CA ASN F 360 16.40 5.52 -9.51
C ASN F 360 15.95 6.41 -8.36
N GLU F 361 16.33 7.68 -8.42
CA GLU F 361 15.96 8.65 -7.40
C GLU F 361 14.93 9.62 -7.94
N GLU F 362 13.77 9.12 -8.36
CA GLU F 362 12.73 9.99 -8.89
C GLU F 362 12.14 11.00 -7.88
N GLU F 363 11.96 10.57 -6.63
CA GLU F 363 11.38 11.40 -5.58
C GLU F 363 11.99 12.78 -5.33
N ILE F 364 13.27 12.96 -5.63
CA ILE F 364 13.98 14.21 -5.39
C ILE F 364 13.92 15.15 -6.58
N LYS F 365 13.20 14.79 -7.63
CA LYS F 365 13.04 15.70 -8.77
C LYS F 365 12.30 16.96 -8.37
N THR F 366 11.69 16.99 -7.19
CA THR F 366 11.00 18.18 -6.74
C THR F 366 11.97 19.29 -6.38
N THR F 367 12.99 18.99 -5.57
CA THR F 367 14.00 19.97 -5.22
C THR F 367 15.32 19.85 -5.99
N ASN F 368 15.49 18.83 -6.82
CA ASN F 368 16.82 18.64 -7.40
C ASN F 368 16.77 18.62 -8.91
N PRO F 369 17.80 19.15 -9.58
CA PRO F 369 17.86 19.07 -11.03
C PRO F 369 18.16 17.65 -11.50
N VAL F 370 17.70 17.34 -12.71
CA VAL F 370 17.95 16.02 -13.27
C VAL F 370 19.44 15.85 -13.53
N ALA F 371 19.94 14.64 -13.30
CA ALA F 371 21.38 14.39 -13.40
C ALA F 371 21.88 14.52 -14.83
N THR F 372 21.04 14.21 -15.82
CA THR F 372 21.44 14.19 -17.21
C THR F 372 21.17 15.49 -17.94
N GLU F 373 20.74 16.54 -17.22
CA GLU F 373 20.34 17.80 -17.81
C GLU F 373 21.26 18.91 -17.34
N SER F 374 21.25 20.01 -18.08
CA SER F 374 21.95 21.22 -17.66
C SER F 374 21.20 21.90 -16.52
N TYR F 375 21.95 22.59 -15.68
CA TYR F 375 21.32 23.32 -14.58
C TYR F 375 20.46 24.45 -15.10
N GLY F 376 20.90 25.11 -16.17
CA GLY F 376 20.18 26.24 -16.70
C GLY F 376 21.00 26.95 -17.75
N GLN F 377 20.70 28.22 -17.94
CA GLN F 377 21.42 29.06 -18.89
C GLN F 377 21.86 30.34 -18.20
N VAL F 378 22.94 30.92 -18.73
CA VAL F 378 23.44 32.23 -18.30
C VAL F 378 23.71 33.05 -19.54
N ALA F 379 23.81 34.37 -19.34
CA ALA F 379 24.16 35.28 -20.42
C ALA F 379 25.67 35.28 -20.62
N THR F 380 26.11 35.17 -21.86
CA THR F 380 27.53 35.11 -22.18
C THR F 380 28.13 36.43 -22.66
N ASN F 381 27.32 37.47 -22.83
CA ASN F 381 27.86 38.70 -23.40
C ASN F 381 27.04 39.89 -22.92
N HIS F 382 27.46 41.08 -23.32
CA HIS F 382 26.65 42.28 -23.23
C HIS F 382 25.97 42.46 -24.58
N GLN F 383 24.64 42.60 -24.56
CA GLN F 383 23.97 42.99 -25.78
C GLN F 383 24.37 44.42 -26.16
N SER F 384 24.14 44.75 -27.41
CA SER F 384 24.31 46.12 -27.88
C SER F 384 23.45 46.27 -29.13
N ALA F 385 23.51 47.45 -29.74
CA ALA F 385 22.74 47.66 -30.96
C ALA F 385 23.23 46.76 -32.08
N GLN F 386 24.51 46.41 -32.08
CA GLN F 386 25.10 45.55 -33.09
C GLN F 386 25.26 44.10 -32.66
N ALA F 387 24.89 43.76 -31.42
CA ALA F 387 25.14 42.42 -30.90
C ALA F 387 23.87 41.83 -30.33
N GLN F 388 23.56 40.60 -30.74
CA GLN F 388 22.41 39.90 -30.21
C GLN F 388 22.75 39.24 -28.87
N ALA F 389 21.74 39.18 -28.01
CA ALA F 389 21.93 38.55 -26.70
C ALA F 389 22.30 37.08 -26.86
N GLN F 390 23.42 36.71 -26.24
CA GLN F 390 23.93 35.35 -26.37
C GLN F 390 23.89 34.68 -25.00
N THR F 391 23.66 33.37 -24.99
CA THR F 391 23.60 32.59 -23.77
C THR F 391 24.44 31.34 -23.92
N GLY F 392 24.64 30.65 -22.81
CA GLY F 392 25.37 29.40 -22.81
C GLY F 392 24.88 28.52 -21.68
N TRP F 393 25.06 27.23 -21.86
CA TRP F 393 24.52 26.25 -20.93
C TRP F 393 25.44 26.08 -19.74
N VAL F 394 24.84 25.94 -18.56
CA VAL F 394 25.58 25.60 -17.35
C VAL F 394 25.56 24.10 -17.21
N GLN F 395 26.72 23.47 -17.40
CA GLN F 395 26.75 22.00 -17.32
C GLN F 395 26.96 21.52 -15.89
N ASN F 396 27.45 22.38 -15.01
CA ASN F 396 27.56 22.06 -13.60
C ASN F 396 27.49 23.34 -12.77
N GLN F 397 26.85 23.26 -11.62
CA GLN F 397 26.65 24.43 -10.78
C GLN F 397 26.90 24.05 -9.33
N GLY F 398 27.81 24.78 -8.69
CA GLY F 398 28.08 24.57 -7.28
C GLY F 398 27.01 25.21 -6.42
N ILE F 399 27.36 25.41 -5.14
CA ILE F 399 26.40 25.95 -4.20
C ILE F 399 26.21 27.44 -4.45
N LEU F 400 24.96 27.88 -4.37
CA LEU F 400 24.55 29.27 -4.38
C LEU F 400 23.69 29.55 -3.16
N PRO F 401 23.74 30.76 -2.61
CA PRO F 401 22.87 31.08 -1.47
C PRO F 401 21.40 30.97 -1.89
N GLY F 402 20.64 30.25 -1.10
CA GLY F 402 19.23 30.04 -1.39
C GLY F 402 18.90 28.73 -2.04
N MET F 403 19.88 27.85 -2.26
CA MET F 403 19.59 26.52 -2.76
C MET F 403 19.04 25.63 -1.66
N VAL F 404 18.19 24.69 -2.05
CA VAL F 404 17.73 23.61 -1.18
C VAL F 404 17.79 22.31 -1.99
N TRP F 405 18.02 21.20 -1.29
CA TRP F 405 18.13 19.93 -1.98
C TRP F 405 17.81 18.80 -1.01
N GLN F 406 17.51 17.63 -1.58
CA GLN F 406 17.32 16.39 -0.84
C GLN F 406 18.53 15.48 -0.99
N ASP F 407 18.83 14.74 0.06
CA ASP F 407 19.93 13.80 0.02
C ASP F 407 19.49 12.51 -0.66
N ARG F 408 20.43 11.59 -0.82
CA ARG F 408 20.15 10.35 -1.53
C ARG F 408 19.40 9.38 -0.62
N ASP F 409 18.46 8.65 -1.23
CA ASP F 409 17.63 7.69 -0.53
C ASP F 409 18.47 6.52 -0.03
N VAL F 410 17.97 5.84 1.00
CA VAL F 410 18.63 4.66 1.57
C VAL F 410 17.78 3.45 1.25
N TYR F 411 18.43 2.29 1.14
CA TYR F 411 17.77 1.07 0.70
C TYR F 411 17.97 -0.03 1.72
N LEU F 412 17.08 -1.03 1.65
CA LEU F 412 17.22 -2.21 2.50
C LEU F 412 18.58 -2.88 2.29
N GLN F 413 19.04 -2.92 1.05
CA GLN F 413 20.30 -3.53 0.69
C GLN F 413 21.49 -2.61 0.88
N GLY F 414 21.27 -1.31 1.05
CA GLY F 414 22.33 -0.33 1.00
C GLY F 414 22.95 -0.05 2.35
N PRO F 415 23.98 0.78 2.35
CA PRO F 415 24.76 1.00 3.59
C PRO F 415 24.01 1.89 4.58
N ILE F 416 24.40 1.75 5.85
CA ILE F 416 23.76 2.51 6.91
C ILE F 416 24.50 3.82 7.14
N TRP F 417 25.75 3.74 7.54
CA TRP F 417 26.53 4.91 7.90
C TRP F 417 27.79 4.99 7.05
N ALA F 418 28.40 6.17 7.06
CA ALA F 418 29.74 6.36 6.56
C ALA F 418 30.53 7.15 7.58
N LYS F 419 31.85 7.10 7.48
CA LYS F 419 32.71 7.87 8.35
C LYS F 419 33.09 9.17 7.64
N ILE F 420 32.72 10.29 8.25
CA ILE F 420 33.15 11.59 7.72
C ILE F 420 34.68 11.67 7.80
N PRO F 421 35.39 11.86 6.70
CA PRO F 421 36.85 11.96 6.78
C PRO F 421 37.24 13.12 7.68
N HIS F 422 38.42 12.98 8.29
CA HIS F 422 38.89 13.99 9.24
C HIS F 422 39.66 15.03 8.45
N THR F 423 39.08 16.21 8.31
CA THR F 423 39.55 17.22 7.37
C THR F 423 39.34 18.60 7.97
N ASP F 424 39.95 19.61 7.34
CA ASP F 424 39.77 20.98 7.77
C ASP F 424 38.31 21.40 7.64
N GLY F 425 37.69 21.12 6.50
CA GLY F 425 36.33 21.54 6.26
C GLY F 425 35.64 20.66 5.26
N ASN F 426 34.30 20.68 5.32
CA ASN F 426 33.47 19.87 4.46
C ASN F 426 32.09 20.51 4.41
N PHE F 427 31.32 20.15 3.40
CA PHE F 427 30.00 20.74 3.23
C PHE F 427 28.94 19.65 3.11
N HIS F 428 28.00 19.68 4.05
CA HIS F 428 26.86 18.77 4.10
C HIS F 428 27.40 17.35 4.12
N PRO F 429 28.02 16.94 5.23
CA PRO F 429 28.82 15.71 5.25
C PRO F 429 28.08 14.43 4.92
N SER F 430 26.75 14.47 4.78
CA SER F 430 26.00 13.26 4.44
C SER F 430 26.65 12.53 3.28
N PRO F 431 26.89 11.22 3.39
CA PRO F 431 27.64 10.51 2.35
C PRO F 431 26.85 10.39 1.06
N LEU F 432 27.60 10.30 -0.04
CA LEU F 432 26.99 10.34 -1.35
C LEU F 432 26.31 9.04 -1.74
N MET F 433 26.69 7.92 -1.12
CA MET F 433 25.96 6.69 -1.38
C MET F 433 24.72 6.53 -0.53
N GLY F 434 24.42 7.49 0.34
CA GLY F 434 23.28 7.41 1.20
C GLY F 434 23.64 6.94 2.60
N GLY F 435 22.81 7.31 3.56
CA GLY F 435 23.05 6.98 4.93
C GLY F 435 23.51 8.14 5.79
N PHE F 436 23.99 7.81 6.98
CA PHE F 436 24.26 8.76 8.05
C PHE F 436 25.76 9.00 8.14
N GLY F 437 26.19 10.20 7.75
CA GLY F 437 27.58 10.59 7.91
C GLY F 437 27.90 10.86 9.38
N MET F 438 28.99 10.27 9.84
CA MET F 438 29.37 10.36 11.25
C MET F 438 30.87 10.56 11.35
N LYS F 439 31.28 11.59 12.11
CA LYS F 439 32.70 11.74 12.41
C LYS F 439 33.20 10.68 13.38
N HIS F 440 32.30 10.01 14.07
CA HIS F 440 32.63 8.88 14.94
C HIS F 440 31.59 7.80 14.71
N PRO F 441 31.67 7.09 13.60
CA PRO F 441 30.71 6.02 13.32
C PRO F 441 30.96 4.84 14.24
N PRO F 442 30.14 3.78 14.16
CA PRO F 442 30.40 2.59 14.98
C PRO F 442 31.81 2.08 14.77
N PRO F 443 32.48 1.66 15.84
CA PRO F 443 33.87 1.24 15.73
C PRO F 443 34.00 -0.04 14.94
N GLN F 444 35.20 -0.26 14.40
CA GLN F 444 35.52 -1.53 13.76
C GLN F 444 35.73 -2.60 14.82
N ILE F 445 35.52 -3.85 14.42
CA ILE F 445 35.70 -5.00 15.30
C ILE F 445 36.67 -5.94 14.60
N LEU F 446 37.85 -6.10 15.18
CA LEU F 446 38.93 -6.87 14.57
C LEU F 446 39.06 -8.21 15.27
N ILE F 447 39.11 -9.28 14.48
CA ILE F 447 39.12 -10.64 15.02
C ILE F 447 40.07 -11.49 14.18
N LYS F 448 40.84 -12.33 14.87
CA LYS F 448 41.71 -13.30 14.21
C LYS F 448 41.83 -14.52 15.11
N ASN F 449 42.29 -15.61 14.51
CA ASN F 449 42.62 -16.82 15.27
C ASN F 449 44.05 -16.71 15.77
N THR F 450 44.24 -17.01 17.05
CA THR F 450 45.58 -16.94 17.64
C THR F 450 46.50 -17.93 16.94
N PRO F 451 47.68 -17.51 16.49
CA PRO F 451 48.61 -18.46 15.86
C PRO F 451 49.17 -19.43 16.89
N VAL F 452 49.20 -20.71 16.51
CA VAL F 452 49.68 -21.75 17.40
C VAL F 452 50.71 -22.61 16.68
N PHE F 468 52.58 -23.80 10.92
CA PHE F 468 51.54 -23.69 11.94
C PHE F 468 50.50 -24.80 11.76
N ILE F 469 49.62 -24.93 12.75
CA ILE F 469 48.55 -25.92 12.70
C ILE F 469 47.38 -25.36 11.92
N THR F 470 46.72 -26.21 11.14
CA THR F 470 45.54 -25.78 10.41
C THR F 470 44.37 -25.62 11.38
N GLN F 471 43.82 -24.42 11.42
CA GLN F 471 42.92 -24.04 12.50
C GLN F 471 41.91 -23.02 12.00
N TYR F 472 40.68 -23.14 12.47
CA TYR F 472 39.65 -22.14 12.19
C TYR F 472 38.67 -22.14 13.35
N SER F 473 37.87 -21.10 13.41
CA SER F 473 36.94 -20.90 14.52
C SER F 473 35.55 -20.59 14.00
N THR F 474 34.58 -20.72 14.91
CA THR F 474 33.19 -20.44 14.61
C THR F 474 32.49 -20.08 15.91
N GLY F 475 31.29 -19.53 15.78
CA GLY F 475 30.57 -19.07 16.94
C GLY F 475 29.34 -18.30 16.54
N GLN F 476 28.89 -17.44 17.45
CA GLN F 476 27.68 -16.66 17.26
C GLN F 476 27.97 -15.19 17.46
N VAL F 477 27.24 -14.34 16.74
CA VAL F 477 27.33 -12.90 16.88
C VAL F 477 25.92 -12.33 16.95
N SER F 478 25.68 -11.47 17.94
CA SER F 478 24.43 -10.75 18.06
C SER F 478 24.71 -9.26 18.11
N VAL F 479 23.94 -8.50 17.34
CA VAL F 479 24.06 -7.04 17.30
C VAL F 479 22.68 -6.44 17.47
N GLU F 480 22.56 -5.52 18.42
CA GLU F 480 21.29 -4.91 18.79
C GLU F 480 21.41 -3.40 18.64
N ILE F 481 20.52 -2.81 17.84
CA ILE F 481 20.54 -1.38 17.56
C ILE F 481 19.19 -0.79 17.89
N GLU F 482 19.20 0.32 18.62
CA GLU F 482 17.99 1.07 18.95
C GLU F 482 17.84 2.22 17.96
N TRP F 483 16.68 2.29 17.32
CA TRP F 483 16.42 3.28 16.29
C TRP F 483 15.36 4.25 16.80
N GLU F 484 15.50 5.52 16.46
CA GLU F 484 14.54 6.53 16.86
C GLU F 484 13.69 6.95 15.67
N LEU F 485 12.38 6.97 15.85
CA LEU F 485 11.43 7.19 14.77
C LEU F 485 10.86 8.59 14.83
N GLN F 486 10.58 9.15 13.66
CA GLN F 486 9.90 10.44 13.54
C GLN F 486 8.53 10.17 12.93
N LYS F 487 7.48 10.36 13.72
CA LYS F 487 6.14 9.95 13.32
C LYS F 487 5.57 10.88 12.25
N GLU F 488 4.62 10.34 11.50
CA GLU F 488 4.00 11.04 10.38
C GLU F 488 2.78 11.82 10.87
N ASN F 489 2.86 13.15 10.77
CA ASN F 489 1.89 14.09 11.32
C ASN F 489 0.90 14.62 10.28
N SER F 490 0.94 14.11 9.05
CA SER F 490 0.32 14.79 7.91
C SER F 490 -1.19 14.93 8.07
N LYS F 491 -1.71 16.04 7.54
CA LYS F 491 -3.15 16.30 7.41
C LYS F 491 -3.68 15.94 6.03
N ARG F 492 -2.88 15.31 5.18
CA ARG F 492 -3.32 14.94 3.85
C ARG F 492 -4.63 14.18 3.88
N TRP F 493 -5.57 14.58 3.03
CA TRP F 493 -6.89 13.94 3.03
C TRP F 493 -6.87 12.61 2.28
N ASN F 494 -6.30 12.58 1.08
CA ASN F 494 -6.35 11.39 0.26
C ASN F 494 -5.28 10.39 0.70
N PRO F 495 -5.45 9.11 0.38
CA PRO F 495 -4.52 8.10 0.91
C PRO F 495 -3.16 8.12 0.23
N GLU F 496 -2.17 7.64 0.97
CA GLU F 496 -0.76 7.62 0.57
C GLU F 496 -0.44 6.52 -0.43
N ILE F 497 0.68 6.68 -1.10
CA ILE F 497 1.38 5.57 -1.71
C ILE F 497 2.10 4.78 -0.61
N GLN F 498 2.04 3.45 -0.70
CA GLN F 498 2.64 2.58 0.29
C GLN F 498 3.45 1.52 -0.42
N TYR F 499 4.34 0.85 0.32
CA TYR F 499 5.08 -0.24 -0.26
C TYR F 499 4.29 -1.49 0.03
N THR F 500 3.81 -2.17 -1.01
CA THR F 500 3.00 -3.34 -0.81
C THR F 500 3.39 -4.54 -1.65
N SER F 501 3.19 -5.72 -1.08
CA SER F 501 3.46 -6.97 -1.77
C SER F 501 2.34 -7.16 -2.81
N ASN F 502 2.64 -7.79 -3.94
CA ASN F 502 1.63 -8.01 -4.97
C ASN F 502 0.89 -9.32 -4.77
N TYR F 503 -0.43 -9.27 -4.84
CA TYR F 503 -1.24 -10.47 -4.65
C TYR F 503 -1.10 -11.58 -5.70
N TYR F 504 -0.93 -11.23 -6.97
CA TYR F 504 -0.80 -12.21 -8.06
C TYR F 504 0.11 -13.40 -7.75
N LYS F 505 -0.35 -14.59 -8.14
CA LYS F 505 0.34 -15.83 -7.81
C LYS F 505 1.69 -15.92 -8.50
N SER F 506 2.61 -16.65 -7.89
CA SER F 506 3.96 -16.83 -8.41
C SER F 506 4.53 -18.13 -7.86
N ASN F 507 5.59 -18.60 -8.52
CA ASN F 507 6.23 -19.85 -8.10
C ASN F 507 6.90 -19.71 -6.74
N ASN F 508 7.41 -18.52 -6.44
CA ASN F 508 8.14 -18.26 -5.21
C ASN F 508 7.51 -17.09 -4.48
N VAL F 509 7.81 -17.00 -3.18
CA VAL F 509 7.43 -15.83 -2.40
C VAL F 509 8.59 -14.85 -2.41
N GLU F 510 8.28 -13.56 -2.58
CA GLU F 510 9.31 -12.54 -2.54
C GLU F 510 9.88 -12.43 -1.13
N PHE F 511 11.21 -12.32 -1.07
CA PHE F 511 11.94 -12.27 0.20
C PHE F 511 11.73 -13.55 1.00
N ALA F 512 11.92 -14.69 0.34
CA ALA F 512 11.75 -16.00 0.94
C ALA F 512 12.66 -16.99 0.20
N VAL F 513 12.85 -18.16 0.81
CA VAL F 513 13.69 -19.18 0.22
C VAL F 513 12.99 -19.81 -0.99
N ASN F 514 13.78 -20.40 -1.87
CA ASN F 514 13.24 -21.16 -2.99
C ASN F 514 13.37 -22.66 -2.67
N THR F 515 13.01 -23.52 -3.63
CA THR F 515 13.00 -24.96 -3.36
C THR F 515 14.39 -25.47 -2.98
N GLU F 516 15.44 -24.78 -3.42
CA GLU F 516 16.79 -25.25 -3.18
C GLU F 516 17.37 -24.74 -1.86
N GLY F 517 16.72 -23.80 -1.20
CA GLY F 517 17.21 -23.25 0.04
C GLY F 517 17.91 -21.92 -0.08
N VAL F 518 17.79 -21.23 -1.21
CA VAL F 518 18.52 -19.99 -1.43
C VAL F 518 17.59 -18.81 -1.20
N TYR F 519 18.01 -17.91 -0.31
CA TYR F 519 17.25 -16.70 -0.01
C TYR F 519 17.62 -15.61 -1.00
N SER F 520 16.63 -14.84 -1.43
CA SER F 520 16.87 -13.79 -2.41
C SER F 520 16.10 -12.53 -2.03
N GLU F 521 16.63 -11.39 -2.48
CA GLU F 521 15.96 -10.11 -2.36
C GLU F 521 15.58 -9.62 -3.75
N PRO F 522 14.30 -9.71 -4.11
CA PRO F 522 13.70 -9.38 -5.40
C PRO F 522 13.98 -8.01 -5.98
N ARG F 523 13.77 -6.95 -5.20
CA ARG F 523 13.97 -5.59 -5.68
C ARG F 523 14.56 -4.71 -4.61
N PRO F 524 15.11 -3.56 -5.00
CA PRO F 524 15.65 -2.60 -4.04
C PRO F 524 14.47 -1.82 -3.46
N ILE F 525 14.41 -1.71 -2.14
CA ILE F 525 13.30 -1.02 -1.49
C ILE F 525 13.83 0.28 -0.90
N GLY F 526 13.42 1.39 -1.50
CA GLY F 526 13.75 2.68 -0.93
C GLY F 526 12.82 3.04 0.21
N THR F 527 13.16 4.11 0.91
CA THR F 527 12.44 4.46 2.13
C THR F 527 11.38 5.53 1.92
N ARG F 528 11.25 6.10 0.72
CA ARG F 528 10.43 7.29 0.53
C ARG F 528 9.10 6.92 -0.12
N TYR F 529 8.04 6.96 0.69
CA TYR F 529 6.68 6.63 0.29
C TYR F 529 5.71 7.72 0.75
N LEU F 530 5.68 7.99 2.05
CA LEU F 530 4.87 9.07 2.61
C LEU F 530 5.30 10.41 2.02
N THR F 531 4.42 11.40 2.14
CA THR F 531 4.65 12.70 1.51
C THR F 531 4.61 13.82 2.54
N ARG F 532 5.40 14.87 2.26
CA ARG F 532 5.36 16.12 2.99
C ARG F 532 5.23 17.30 2.05
N ASN F 533 4.79 18.42 2.60
CA ASN F 533 4.81 19.69 1.88
C ASN F 533 6.24 20.21 1.78
N LEU F 534 6.45 21.11 0.83
CA LEU F 534 7.77 21.67 0.59
C LEU F 534 7.97 22.97 1.37
N GLU G 1 -26.64 -13.38 -36.61
CA GLU G 1 -26.41 -13.40 -35.18
C GLU G 1 -25.85 -12.06 -34.69
N VAL G 2 -24.61 -12.06 -34.20
CA VAL G 2 -23.96 -10.87 -33.69
C VAL G 2 -23.01 -10.33 -34.75
N GLN G 3 -23.16 -9.07 -35.11
CA GLN G 3 -22.30 -8.51 -36.12
C GLN G 3 -22.02 -7.02 -35.93
N LEU G 4 -20.86 -6.57 -36.41
CA LEU G 4 -20.50 -5.17 -36.35
C LEU G 4 -20.12 -4.73 -37.75
N VAL G 5 -20.70 -3.65 -38.23
CA VAL G 5 -20.38 -3.16 -39.57
C VAL G 5 -19.87 -1.73 -39.52
N GLU G 6 -18.72 -1.47 -40.13
CA GLU G 6 -18.16 -0.13 -40.11
C GLU G 6 -18.25 0.54 -41.47
N SER G 7 -18.80 1.74 -41.49
CA SER G 7 -18.94 2.51 -42.72
C SER G 7 -18.43 3.91 -42.51
N GLY G 8 -18.34 4.68 -43.58
CA GLY G 8 -17.86 6.05 -43.49
C GLY G 8 -16.47 6.23 -44.06
N GLY G 9 -15.77 5.12 -44.28
CA GLY G 9 -14.43 5.14 -44.83
C GLY G 9 -14.41 5.54 -46.29
N GLY G 10 -13.29 6.11 -46.74
CA GLY G 10 -13.15 6.55 -48.11
C GLY G 10 -11.88 7.35 -48.30
N LEU G 11 -11.76 8.03 -49.43
CA LEU G 11 -10.59 8.84 -49.71
C LEU G 11 -10.90 10.31 -49.45
N VAL G 12 -10.19 10.90 -48.50
CA VAL G 12 -10.39 12.30 -48.11
C VAL G 12 -9.08 13.06 -48.07
N LYS G 13 -9.06 14.29 -48.59
CA LYS G 13 -7.86 15.13 -48.56
C LYS G 13 -7.58 15.57 -47.13
N PRO G 14 -6.30 15.86 -46.82
CA PRO G 14 -5.95 16.25 -45.46
C PRO G 14 -6.67 17.51 -45.00
N GLY G 15 -7.10 17.48 -43.75
CA GLY G 15 -7.84 18.57 -43.13
C GLY G 15 -9.34 18.40 -43.25
N GLY G 16 -9.76 17.42 -44.04
CA GLY G 16 -11.17 17.13 -44.23
C GLY G 16 -11.71 16.45 -42.98
N SER G 17 -13.00 16.63 -42.71
CA SER G 17 -13.59 15.98 -41.55
C SER G 17 -14.57 14.91 -41.99
N PRO G 18 -14.31 13.66 -41.58
CA PRO G 18 -15.11 12.47 -41.85
C PRO G 18 -15.71 11.96 -40.55
N ARG G 19 -16.62 11.01 -40.63
CA ARG G 19 -17.25 10.45 -39.43
C ARG G 19 -17.49 8.98 -39.64
N LEU G 20 -16.93 8.16 -38.74
CA LEU G 20 -16.93 6.71 -38.89
C LEU G 20 -18.01 6.13 -37.99
N SER G 21 -19.02 5.51 -38.58
CA SER G 21 -20.15 4.96 -37.84
C SER G 21 -20.07 3.43 -37.82
N CYS G 22 -20.24 2.86 -36.64
CA CYS G 22 -20.22 1.42 -36.44
C CYS G 22 -21.60 0.94 -35.99
N ALA G 23 -22.31 0.25 -36.87
CA ALA G 23 -23.65 -0.22 -36.59
C ALA G 23 -23.60 -1.66 -36.09
N ALA G 24 -24.26 -1.92 -34.98
CA ALA G 24 -24.30 -3.24 -34.36
C ALA G 24 -25.67 -3.86 -34.55
N SER G 25 -25.71 -5.17 -34.70
CA SER G 25 -26.96 -5.91 -34.84
C SER G 25 -26.79 -7.30 -34.25
N GLY G 26 -27.85 -7.78 -33.61
CA GLY G 26 -27.89 -9.13 -33.10
C GLY G 26 -27.76 -9.27 -31.60
N PHE G 27 -27.44 -8.19 -30.88
CA PHE G 27 -27.30 -8.24 -29.44
C PHE G 27 -27.68 -6.88 -28.88
N ASN G 28 -27.51 -6.72 -27.56
CA ASN G 28 -27.88 -5.49 -26.88
C ASN G 28 -26.67 -4.57 -26.85
N PHE G 29 -26.64 -3.63 -27.78
CA PHE G 29 -25.51 -2.71 -27.89
C PHE G 29 -25.43 -1.82 -26.66
N GLY G 30 -26.54 -1.67 -25.96
CA GLY G 30 -26.54 -0.81 -24.78
C GLY G 30 -25.70 -1.19 -23.58
N SER G 31 -25.40 -2.48 -23.42
CA SER G 31 -24.62 -2.95 -22.27
C SER G 31 -23.16 -3.30 -22.49
N TYR G 32 -22.61 -2.98 -23.65
CA TYR G 32 -21.21 -3.33 -23.93
C TYR G 32 -20.31 -2.14 -24.20
N SER G 33 -19.08 -2.22 -23.71
CA SER G 33 -18.07 -1.20 -23.91
C SER G 33 -17.60 -1.32 -25.37
N MET G 34 -17.36 -0.21 -26.04
CA MET G 34 -17.01 -0.24 -27.45
C MET G 34 -15.66 0.42 -27.67
N ASN G 35 -14.98 -0.01 -28.73
CA ASN G 35 -13.61 0.42 -29.00
C ASN G 35 -13.42 0.70 -30.48
N TRP G 36 -12.40 1.49 -30.78
CA TRP G 36 -11.91 1.69 -32.14
C TRP G 36 -10.46 1.27 -32.21
N VAL G 37 -10.14 0.41 -33.17
CA VAL G 37 -8.79 -0.08 -33.40
C VAL G 37 -8.48 0.13 -34.87
N ARG G 38 -7.35 0.76 -35.17
CA ARG G 38 -6.96 1.04 -36.54
C ARG G 38 -5.66 0.29 -36.84
N GLN G 39 -5.49 -0.10 -38.10
CA GLN G 39 -4.27 -0.74 -38.54
C GLN G 39 -3.77 -0.03 -39.79
N ALA G 40 -2.64 0.67 -39.66
CA ALA G 40 -2.02 1.27 -40.82
C ALA G 40 -1.47 0.17 -41.72
N PRO G 41 -1.52 0.40 -43.05
CA PRO G 41 -1.09 -0.54 -44.09
C PRO G 41 0.22 -1.24 -43.83
N GLY G 42 0.17 -2.56 -43.70
CA GLY G 42 1.34 -3.38 -43.45
C GLY G 42 2.04 -3.12 -42.13
N LYS G 43 1.26 -2.72 -41.12
CA LYS G 43 1.79 -2.40 -39.81
C LYS G 43 0.87 -2.96 -38.74
N GLY G 44 1.38 -3.10 -37.52
CA GLY G 44 0.61 -3.63 -36.42
C GLY G 44 -0.54 -2.72 -36.06
N LEU G 45 -1.65 -3.32 -35.61
CA LEU G 45 -2.84 -2.56 -35.23
C LEU G 45 -2.64 -1.72 -33.98
N GLU G 46 -3.34 -0.59 -33.93
CA GLU G 46 -3.26 0.34 -32.83
C GLU G 46 -4.61 0.66 -32.22
N TRP G 47 -4.69 0.69 -30.90
CA TRP G 47 -5.94 1.04 -30.21
C TRP G 47 -6.08 2.55 -30.30
N VAL G 48 -7.30 3.05 -30.46
CA VAL G 48 -7.52 4.48 -30.63
C VAL G 48 -8.35 5.05 -29.48
N SER G 49 -9.58 4.58 -29.33
CA SER G 49 -10.46 5.13 -28.31
C SER G 49 -11.41 4.07 -27.80
N SER G 50 -12.03 4.37 -26.66
CA SER G 50 -12.97 3.49 -25.99
C SER G 50 -14.06 4.33 -25.34
N ILE G 51 -15.26 3.77 -25.25
CA ILE G 51 -16.36 4.46 -24.61
C ILE G 51 -17.18 3.45 -23.80
N SER G 52 -17.60 3.84 -22.61
CA SER G 52 -18.38 2.97 -21.74
C SER G 52 -19.83 2.73 -22.18
N SER G 53 -20.55 1.85 -21.49
CA SER G 53 -21.92 1.58 -21.87
C SER G 53 -22.79 2.82 -21.77
N SER G 54 -22.61 3.56 -20.69
CA SER G 54 -23.36 4.79 -20.48
C SER G 54 -22.62 5.99 -21.04
N SER G 55 -21.49 5.73 -21.69
CA SER G 55 -20.63 6.75 -22.29
C SER G 55 -20.14 7.79 -21.29
N SER G 56 -19.83 7.33 -20.08
CA SER G 56 -19.36 8.20 -19.03
C SER G 56 -17.85 8.06 -18.95
N TYR G 57 -17.36 6.90 -19.33
CA TYR G 57 -15.92 6.67 -19.35
C TYR G 57 -15.43 6.65 -20.79
N ILE G 58 -14.52 7.56 -21.12
CA ILE G 58 -13.99 7.70 -22.47
C ILE G 58 -12.48 7.81 -22.39
N TYR G 59 -11.78 6.94 -23.11
CA TYR G 59 -10.32 6.94 -23.13
C TYR G 59 -9.83 7.13 -24.57
N TYR G 60 -8.70 7.79 -24.72
CA TYR G 60 -8.08 7.97 -26.03
C TYR G 60 -6.62 7.58 -25.98
N ALA G 61 -6.13 7.08 -27.11
CA ALA G 61 -4.70 6.95 -27.30
C ALA G 61 -4.08 8.32 -27.45
N ASP G 62 -2.78 8.42 -27.15
CA ASP G 62 -2.12 9.72 -27.13
C ASP G 62 -1.99 10.30 -28.53
N SER G 63 -1.75 9.45 -29.53
CA SER G 63 -1.57 9.94 -30.89
C SER G 63 -2.84 10.62 -31.41
N VAL G 64 -4.00 10.08 -31.05
CA VAL G 64 -5.27 10.64 -31.52
C VAL G 64 -5.89 11.60 -30.52
N LYS G 65 -5.23 11.86 -29.40
CA LYS G 65 -5.86 12.59 -28.32
C LYS G 65 -6.02 14.07 -28.68
N GLY G 66 -7.25 14.55 -28.54
CA GLY G 66 -7.57 15.93 -28.78
C GLY G 66 -8.03 16.26 -30.18
N ARG G 67 -7.63 15.49 -31.18
CA ARG G 67 -8.16 15.68 -32.52
C ARG G 67 -9.23 14.67 -32.94
N PHE G 68 -9.50 13.65 -32.15
CA PHE G 68 -10.52 12.65 -32.46
C PHE G 68 -11.55 12.60 -31.35
N THR G 69 -12.83 12.56 -31.69
CA THR G 69 -13.90 12.50 -30.70
C THR G 69 -14.76 11.27 -30.90
N ILE G 70 -15.00 10.54 -29.82
CA ILE G 70 -15.80 9.33 -29.88
C ILE G 70 -17.12 9.48 -29.15
N SER G 71 -18.19 9.14 -29.84
CA SER G 71 -19.52 9.21 -29.26
C SER G 71 -20.23 7.93 -29.57
N ARG G 72 -21.23 7.59 -28.75
CA ARG G 72 -21.98 6.38 -28.92
C ARG G 72 -23.46 6.64 -28.84
N ASP G 73 -24.23 6.00 -29.69
CA ASP G 73 -25.68 6.15 -29.64
C ASP G 73 -26.24 4.76 -29.31
N ASN G 74 -27.00 4.66 -28.22
CA ASN G 74 -27.54 3.38 -27.79
C ASN G 74 -28.87 3.06 -28.44
N ALA G 75 -29.61 4.09 -28.81
CA ALA G 75 -30.91 3.94 -29.44
C ALA G 75 -30.79 3.48 -30.88
N LYS G 76 -29.82 4.03 -31.61
CA LYS G 76 -29.59 3.68 -33.00
C LYS G 76 -28.60 2.54 -33.16
N HIS G 77 -28.14 1.94 -32.05
CA HIS G 77 -27.24 0.79 -32.07
C HIS G 77 -25.98 1.10 -32.87
N SER G 78 -25.44 2.30 -32.68
CA SER G 78 -24.37 2.77 -33.54
C SER G 78 -23.27 3.41 -32.70
N LEU G 79 -22.02 3.17 -33.12
CA LEU G 79 -20.84 3.76 -32.51
C LEU G 79 -20.24 4.76 -33.49
N TYR G 80 -19.75 5.88 -32.98
CA TYR G 80 -19.33 6.99 -33.81
C TYR G 80 -17.90 7.40 -33.47
N LEU G 81 -17.10 7.67 -34.49
CA LEU G 81 -15.79 8.26 -34.31
C LEU G 81 -15.68 9.48 -35.22
N GLN G 82 -15.63 10.67 -34.62
CA GLN G 82 -15.49 11.89 -35.39
C GLN G 82 -14.01 12.21 -35.57
N VAL G 83 -13.61 12.59 -36.78
CA VAL G 83 -12.21 12.87 -37.03
C VAL G 83 -11.96 14.32 -37.41
N ASN G 84 -10.94 14.91 -36.80
CA ASN G 84 -10.58 16.31 -37.05
C ASN G 84 -9.09 16.40 -37.34
N SER G 85 -8.68 17.37 -38.15
CA SER G 85 -7.28 17.58 -38.47
C SER G 85 -6.59 16.31 -38.97
N LEU G 86 -7.18 15.66 -39.96
CA LEU G 86 -6.60 14.43 -40.48
C LEU G 86 -5.19 14.62 -40.98
N ARG G 87 -4.35 13.65 -40.69
CA ARG G 87 -2.95 13.68 -41.06
C ARG G 87 -2.62 12.43 -41.85
N ALA G 88 -1.53 12.48 -42.58
CA ALA G 88 -1.09 11.34 -43.37
C ALA G 88 -0.98 10.08 -42.51
N GLU G 89 -0.64 10.24 -41.22
CA GLU G 89 -0.55 9.08 -40.36
C GLU G 89 -1.92 8.46 -40.10
N ASP G 90 -3.00 9.10 -40.56
CA ASP G 90 -4.33 8.62 -40.22
C ASP G 90 -4.84 7.60 -41.24
N THR G 91 -4.06 7.32 -42.28
CA THR G 91 -4.43 6.24 -43.18
C THR G 91 -4.37 4.91 -42.44
N ALA G 92 -5.48 4.19 -42.43
CA ALA G 92 -5.53 2.89 -41.77
C ALA G 92 -6.85 2.21 -42.11
N VAL G 93 -7.01 1.00 -41.60
CA VAL G 93 -8.28 0.30 -41.60
C VAL G 93 -8.84 0.38 -40.18
N TYR G 94 -10.02 0.96 -40.04
CA TYR G 94 -10.60 1.20 -38.72
C TYR G 94 -11.53 0.07 -38.33
N TYR G 95 -11.13 -0.69 -37.33
CA TYR G 95 -11.90 -1.82 -36.81
C TYR G 95 -12.72 -1.37 -35.63
N CYS G 96 -13.93 -1.90 -35.53
CA CYS G 96 -14.82 -1.61 -34.45
C CYS G 96 -14.68 -2.84 -33.57
N ALA G 97 -14.33 -2.65 -32.31
CA ALA G 97 -14.14 -3.78 -31.40
C ALA G 97 -15.09 -3.72 -30.22
N ARG G 98 -15.58 -4.88 -29.80
CA ARG G 98 -16.52 -4.96 -28.69
C ARG G 98 -15.92 -5.61 -27.48
N ASP G 99 -16.09 -5.00 -26.32
CA ASP G 99 -15.58 -5.54 -25.08
C ASP G 99 -16.72 -5.98 -24.17
N PRO G 100 -16.86 -7.30 -23.96
CA PRO G 100 -17.95 -7.88 -23.15
C PRO G 100 -17.85 -7.64 -21.64
N THR G 101 -16.63 -7.57 -21.14
CA THR G 101 -16.37 -7.41 -19.72
C THR G 101 -16.65 -6.04 -19.14
N THR G 102 -17.44 -6.00 -18.08
CA THR G 102 -17.70 -4.74 -17.40
C THR G 102 -16.84 -4.62 -16.15
N TYR G 103 -16.09 -5.67 -15.85
CA TYR G 103 -15.32 -5.84 -14.61
C TYR G 103 -14.31 -4.75 -14.26
N GLY G 104 -13.78 -4.07 -15.26
CA GLY G 104 -12.86 -2.97 -15.00
C GLY G 104 -13.50 -1.84 -14.23
N TYR G 105 -14.77 -1.55 -14.51
CA TYR G 105 -15.50 -0.48 -13.84
C TYR G 105 -16.23 -0.79 -12.54
N ASN G 106 -16.48 -2.06 -12.20
CA ASN G 106 -17.23 -2.31 -10.96
C ASN G 106 -16.60 -3.27 -9.97
N SER G 107 -15.75 -4.17 -10.43
CA SER G 107 -15.09 -5.09 -9.52
C SER G 107 -13.60 -4.93 -9.28
N ALA G 108 -12.91 -4.26 -10.18
CA ALA G 108 -11.46 -4.08 -10.04
C ALA G 108 -11.12 -2.61 -10.08
N TRP G 109 -10.30 -2.18 -9.13
CA TRP G 109 -9.91 -0.78 -9.06
C TRP G 109 -8.55 -0.54 -9.67
N ASP G 110 -7.61 -1.43 -9.37
CA ASP G 110 -6.26 -1.36 -9.91
C ASP G 110 -6.13 -1.60 -11.42
N LYS G 111 -6.87 -2.59 -11.94
CA LYS G 111 -6.75 -2.96 -13.35
C LYS G 111 -8.04 -3.16 -14.12
N LYS G 112 -8.03 -2.74 -15.39
CA LYS G 112 -9.17 -2.89 -16.30
C LYS G 112 -9.55 -4.31 -16.74
N GLY G 113 -8.56 -5.12 -17.10
CA GLY G 113 -8.82 -6.47 -17.57
C GLY G 113 -9.69 -6.60 -18.81
N TRP G 114 -9.59 -5.67 -19.76
CA TRP G 114 -10.38 -5.72 -20.98
C TRP G 114 -9.90 -6.81 -21.91
N TYR G 115 -10.79 -7.24 -22.80
CA TYR G 115 -10.41 -7.98 -23.99
C TYR G 115 -11.54 -7.83 -25.00
N PHE G 116 -11.23 -8.07 -26.26
CA PHE G 116 -12.13 -7.75 -27.36
C PHE G 116 -12.63 -9.06 -27.95
N ASP G 117 -13.90 -9.40 -27.69
CA ASP G 117 -14.40 -10.69 -28.13
C ASP G 117 -15.10 -10.66 -29.47
N LEU G 118 -15.42 -9.48 -29.98
CA LEU G 118 -16.10 -9.35 -31.26
C LEU G 118 -15.52 -8.20 -32.08
N TRP G 119 -15.17 -8.49 -33.34
CA TRP G 119 -14.57 -7.48 -34.22
C TRP G 119 -15.34 -7.21 -35.50
N GLY G 120 -15.36 -5.95 -35.89
CA GLY G 120 -15.99 -5.53 -37.13
C GLY G 120 -15.07 -5.81 -38.29
N ARG G 121 -15.60 -5.90 -39.50
CA ARG G 121 -14.79 -6.15 -40.68
C ARG G 121 -13.79 -5.01 -40.92
N GLY G 122 -14.24 -3.78 -40.69
CA GLY G 122 -13.42 -2.59 -40.84
C GLY G 122 -13.64 -1.80 -42.11
N THR G 123 -13.37 -0.51 -42.03
CA THR G 123 -13.53 0.40 -43.14
C THR G 123 -12.24 1.15 -43.41
N LEU G 124 -11.76 1.13 -44.64
CA LEU G 124 -10.53 1.83 -44.99
C LEU G 124 -10.72 3.35 -45.04
N LEU G 125 -9.69 4.09 -44.63
CA LEU G 125 -9.71 5.53 -44.67
C LEU G 125 -8.36 5.99 -45.20
N THR G 126 -8.38 6.63 -46.37
CA THR G 126 -7.15 7.06 -47.02
C THR G 126 -7.13 8.59 -47.11
N VAL G 127 -5.99 9.17 -46.77
CA VAL G 127 -5.77 10.61 -46.89
C VAL G 127 -4.79 10.85 -48.02
N SER G 128 -5.15 11.73 -48.95
CA SER G 128 -4.31 12.00 -50.11
C SER G 128 -4.22 13.48 -50.43
N VAL H 1 6.21 -1.11 -22.87
CA VAL H 1 5.63 -1.47 -24.15
C VAL H 1 5.78 -2.95 -24.39
N LEU H 2 4.73 -3.57 -24.94
CA LEU H 2 4.76 -4.99 -25.23
C LEU H 2 5.73 -5.26 -26.37
N THR H 3 6.63 -6.21 -26.16
CA THR H 3 7.68 -6.52 -27.12
C THR H 3 7.61 -8.00 -27.49
N GLN H 4 7.43 -8.28 -28.77
CA GLN H 4 7.37 -9.63 -29.30
C GLN H 4 8.47 -9.82 -30.33
N PRO H 5 8.98 -11.04 -30.48
CA PRO H 5 9.88 -11.33 -31.59
C PRO H 5 9.18 -11.14 -32.91
N PRO H 6 9.83 -10.50 -33.88
CA PRO H 6 9.12 -10.11 -35.11
C PRO H 6 8.62 -11.28 -35.94
N SER H 7 9.23 -12.45 -35.81
CA SER H 7 8.82 -13.60 -36.58
C SER H 7 9.17 -14.89 -35.83
N VAL H 8 8.39 -15.94 -36.10
CA VAL H 8 8.65 -17.28 -35.60
C VAL H 8 8.36 -18.24 -36.74
N SER H 9 9.17 -19.28 -36.93
CA SER H 9 8.94 -20.22 -38.01
C SER H 9 9.25 -21.64 -37.60
N ALA H 10 8.28 -22.54 -37.75
CA ALA H 10 8.47 -23.95 -37.40
C ALA H 10 7.78 -24.88 -38.40
N ALA H 11 8.29 -26.10 -38.51
CA ALA H 11 7.70 -27.11 -39.40
C ALA H 11 6.39 -27.64 -38.82
N PRO H 12 5.49 -28.14 -39.66
CA PRO H 12 4.21 -28.63 -39.15
C PRO H 12 4.39 -29.76 -38.15
N GLY H 13 3.61 -29.75 -37.09
CA GLY H 13 3.69 -30.76 -36.05
C GLY H 13 4.72 -30.45 -34.98
N GLN H 14 5.28 -29.25 -35.01
CA GLN H 14 6.29 -28.83 -34.03
C GLN H 14 5.76 -27.77 -33.08
N MET H 15 6.17 -27.84 -31.81
CA MET H 15 5.74 -26.86 -30.83
C MET H 15 6.24 -25.47 -31.20
N VAL H 16 5.37 -24.47 -31.06
CA VAL H 16 5.74 -23.10 -31.34
C VAL H 16 5.47 -22.27 -30.11
N THR H 17 6.43 -21.47 -29.70
CA THR H 17 6.28 -20.65 -28.51
C THR H 17 6.49 -19.18 -28.82
N ILE H 18 5.44 -18.38 -28.64
CA ILE H 18 5.52 -16.93 -28.88
C ILE H 18 5.31 -16.17 -27.57
N SER H 19 6.28 -15.37 -27.16
CA SER H 19 6.15 -14.63 -25.91
C SER H 19 6.46 -13.14 -26.00
N CYS H 20 5.64 -12.30 -25.38
CA CYS H 20 5.89 -10.87 -25.39
C CYS H 20 6.20 -10.31 -24.01
N SER H 21 7.37 -9.71 -23.87
CA SER H 21 7.80 -9.12 -22.62
C SER H 21 7.06 -7.83 -22.34
N GLY H 22 6.78 -7.56 -21.07
CA GLY H 22 6.05 -6.37 -20.69
C GLY H 22 6.57 -5.74 -19.41
N SER H 23 6.23 -4.48 -19.20
CA SER H 23 6.63 -3.78 -17.99
C SER H 23 5.69 -4.12 -16.82
N SER H 24 6.06 -3.69 -15.63
CA SER H 24 5.25 -3.92 -14.44
C SER H 24 3.89 -3.26 -14.53
N SER H 25 3.83 -2.08 -15.12
CA SER H 25 2.58 -1.34 -15.26
C SER H 25 1.54 -2.06 -16.11
N ASN H 26 1.96 -2.72 -17.18
CA ASN H 26 0.97 -3.39 -18.03
C ASN H 26 0.76 -4.90 -17.83
N ILE H 27 1.72 -5.74 -18.21
CA ILE H 27 1.54 -7.18 -18.06
C ILE H 27 1.46 -7.71 -16.64
N GLY H 28 2.30 -7.20 -15.74
CA GLY H 28 2.26 -7.67 -14.37
C GLY H 28 0.94 -7.35 -13.74
N ASN H 29 0.47 -6.13 -13.97
CA ASN H 29 -0.80 -5.63 -13.47
C ASN H 29 -2.11 -6.21 -13.99
N ASP H 30 -2.17 -6.47 -15.30
CA ASP H 30 -3.43 -6.90 -15.94
C ASP H 30 -3.42 -8.22 -16.66
N TYR H 31 -4.62 -8.73 -16.90
CA TYR H 31 -4.82 -9.96 -17.65
C TYR H 31 -4.40 -9.65 -19.07
N ILE H 32 -3.76 -10.61 -19.74
CA ILE H 32 -3.33 -10.37 -21.12
C ILE H 32 -4.08 -11.28 -22.08
N SER H 33 -4.37 -10.78 -23.26
CA SER H 33 -5.10 -11.55 -24.26
C SER H 33 -4.32 -11.62 -25.57
N TRP H 34 -4.55 -12.67 -26.34
CA TRP H 34 -3.86 -12.89 -27.60
C TRP H 34 -4.81 -12.89 -28.78
N TYR H 35 -4.46 -12.16 -29.84
CA TYR H 35 -5.28 -12.07 -31.04
C TYR H 35 -4.51 -12.54 -32.27
N GLN H 36 -5.14 -13.37 -33.09
CA GLN H 36 -4.50 -13.86 -34.30
C GLN H 36 -5.17 -13.28 -35.52
N GLN H 37 -4.40 -12.68 -36.41
CA GLN H 37 -4.99 -12.10 -37.59
C GLN H 37 -4.50 -12.69 -38.90
N LEU H 38 -5.44 -13.15 -39.71
CA LEU H 38 -5.15 -13.71 -41.03
C LEU H 38 -4.84 -12.56 -41.99
N PRO H 39 -4.19 -12.86 -43.12
CA PRO H 39 -3.78 -11.77 -44.02
C PRO H 39 -4.92 -10.91 -44.56
N GLY H 40 -6.04 -11.50 -44.95
CA GLY H 40 -7.15 -10.73 -45.48
C GLY H 40 -8.32 -10.51 -44.54
N THR H 41 -8.16 -10.85 -43.27
CA THR H 41 -9.26 -10.73 -42.32
C THR H 41 -8.93 -9.94 -41.06
N ALA H 42 -9.99 -9.51 -40.37
CA ALA H 42 -9.88 -8.78 -39.11
C ALA H 42 -9.42 -9.71 -38.00
N PRO H 43 -8.82 -9.14 -36.94
CA PRO H 43 -8.31 -9.92 -35.82
C PRO H 43 -9.39 -10.70 -35.07
N LYS H 44 -9.02 -11.87 -34.59
CA LYS H 44 -9.93 -12.73 -33.85
C LYS H 44 -9.30 -13.11 -32.53
N LEU H 45 -10.05 -13.04 -31.43
CA LEU H 45 -9.49 -13.37 -30.13
C LEU H 45 -9.10 -14.83 -29.98
N LEU H 46 -7.88 -15.08 -29.52
CA LEU H 46 -7.37 -16.43 -29.33
C LEU H 46 -7.36 -16.91 -27.90
N ILE H 47 -6.87 -16.06 -27.00
CA ILE H 47 -6.76 -16.37 -25.58
C ILE H 47 -7.19 -15.13 -24.81
N TYR H 48 -7.89 -15.29 -23.71
CA TYR H 48 -8.28 -14.16 -22.86
C TYR H 48 -8.03 -14.56 -21.40
N ASP H 49 -7.89 -13.57 -20.51
CA ASP H 49 -7.65 -13.83 -19.09
C ASP H 49 -6.47 -14.74 -18.85
N ASN H 50 -5.37 -14.47 -19.55
CA ASN H 50 -4.08 -15.20 -19.52
C ASN H 50 -4.09 -16.59 -20.15
N ASN H 51 -4.92 -17.49 -19.63
CA ASN H 51 -4.99 -18.85 -20.16
C ASN H 51 -6.33 -19.32 -20.70
N GLU H 52 -7.39 -18.58 -20.42
CA GLU H 52 -8.72 -19.01 -20.87
C GLU H 52 -8.87 -19.00 -22.37
N ARG H 53 -9.63 -19.95 -22.89
CA ARG H 53 -9.85 -20.07 -24.32
C ARG H 53 -11.31 -19.92 -24.73
N PRO H 54 -11.57 -19.05 -25.70
CA PRO H 54 -12.90 -18.79 -26.25
C PRO H 54 -13.43 -20.00 -26.98
N SER H 55 -14.75 -20.17 -26.98
CA SER H 55 -15.35 -21.29 -27.67
C SER H 55 -15.07 -21.18 -29.15
N GLY H 56 -14.81 -22.32 -29.79
CA GLY H 56 -14.50 -22.32 -31.20
C GLY H 56 -13.01 -22.18 -31.44
N ILE H 57 -12.23 -22.19 -30.38
CA ILE H 57 -10.78 -22.12 -30.47
C ILE H 57 -10.25 -23.47 -30.06
N PRO H 58 -9.36 -24.04 -30.89
CA PRO H 58 -8.80 -25.37 -30.66
C PRO H 58 -7.92 -25.46 -29.43
N ASP H 59 -7.82 -26.66 -28.88
CA ASP H 59 -7.04 -26.98 -27.69
C ASP H 59 -5.53 -26.78 -27.84
N ARG H 60 -5.03 -26.84 -29.07
CA ARG H 60 -3.61 -26.70 -29.32
C ARG H 60 -3.08 -25.37 -28.82
N PHE H 61 -3.83 -24.29 -29.04
CA PHE H 61 -3.38 -22.98 -28.56
C PHE H 61 -3.48 -22.92 -27.05
N SER H 62 -2.43 -22.47 -26.39
CA SER H 62 -2.43 -22.35 -24.95
C SER H 62 -1.67 -21.09 -24.56
N GLY H 63 -2.00 -20.50 -23.43
CA GLY H 63 -1.31 -19.30 -22.99
C GLY H 63 -1.03 -19.29 -21.51
N SER H 64 0.03 -18.60 -21.12
CA SER H 64 0.38 -18.49 -19.70
C SER H 64 1.06 -17.16 -19.42
N LYS H 65 0.90 -16.66 -18.19
CA LYS H 65 1.56 -15.41 -17.80
C LYS H 65 2.39 -15.65 -16.55
N SER H 66 3.68 -15.35 -16.63
CA SER H 66 4.55 -15.52 -15.47
C SER H 66 5.29 -14.22 -15.23
N GLY H 67 5.16 -13.66 -14.03
CA GLY H 67 5.83 -12.41 -13.76
C GLY H 67 5.37 -11.34 -14.72
N THR H 68 6.32 -10.68 -15.38
CA THR H 68 6.02 -9.62 -16.33
C THR H 68 5.91 -10.04 -17.79
N SER H 69 6.02 -11.33 -18.07
CA SER H 69 5.93 -11.82 -19.45
C SER H 69 4.89 -12.90 -19.65
N ALA H 70 4.17 -12.84 -20.76
CA ALA H 70 3.15 -13.83 -21.07
C ALA H 70 3.50 -14.54 -22.37
N THR H 71 3.39 -15.86 -22.40
CA THR H 71 3.74 -16.62 -23.59
C THR H 71 2.58 -17.42 -24.16
N LEU H 72 2.44 -17.37 -25.48
CA LEU H 72 1.39 -18.10 -26.18
C LEU H 72 2.05 -19.31 -26.79
N GLY H 73 1.57 -20.50 -26.47
CA GLY H 73 2.15 -21.71 -27.01
C GLY H 73 1.21 -22.47 -27.92
N ILE H 74 1.69 -22.79 -29.12
CA ILE H 74 0.91 -23.52 -30.09
C ILE H 74 1.59 -24.86 -30.35
N THR H 75 0.81 -25.93 -30.33
CA THR H 75 1.35 -27.27 -30.56
C THR H 75 0.62 -27.87 -31.75
N GLY H 76 1.22 -28.87 -32.39
CA GLY H 76 0.60 -29.47 -33.55
C GLY H 76 0.34 -28.42 -34.61
N VAL H 77 1.37 -27.65 -34.90
CA VAL H 77 1.26 -26.55 -35.85
C VAL H 77 0.79 -27.06 -37.20
N GLN H 78 -0.09 -26.27 -37.82
CA GLN H 78 -0.67 -26.62 -39.11
C GLN H 78 -0.45 -25.49 -40.11
N THR H 79 -0.62 -25.79 -41.38
CA THR H 79 -0.43 -24.82 -42.45
C THR H 79 -1.40 -23.64 -42.34
N GLY H 80 -2.63 -23.91 -41.92
CA GLY H 80 -3.67 -22.92 -41.71
C GLY H 80 -3.49 -21.98 -40.52
N ASP H 81 -2.57 -22.31 -39.63
CA ASP H 81 -2.26 -21.53 -38.43
C ASP H 81 -1.27 -20.39 -38.66
N GLU H 82 -0.85 -20.18 -39.91
CA GLU H 82 0.11 -19.12 -40.18
C GLU H 82 -0.62 -17.78 -40.31
N ALA H 83 -0.41 -16.93 -39.31
CA ALA H 83 -1.05 -15.63 -39.24
C ALA H 83 -0.33 -14.71 -38.27
N ASP H 84 -0.64 -13.41 -38.28
CA ASP H 84 -0.03 -12.48 -37.34
C ASP H 84 -0.58 -12.69 -35.94
N TYR H 85 0.28 -12.58 -34.92
CA TYR H 85 -0.15 -12.75 -33.53
C TYR H 85 0.16 -11.52 -32.70
N TYR H 86 -0.84 -11.02 -31.96
CA TYR H 86 -0.67 -9.85 -31.12
C TYR H 86 -1.10 -10.12 -29.69
N CYS H 87 -0.31 -9.67 -28.74
CA CYS H 87 -0.66 -9.82 -27.34
C CYS H 87 -0.98 -8.42 -26.88
N GLY H 88 -2.12 -8.24 -26.21
CA GLY H 88 -2.49 -6.93 -25.75
C GLY H 88 -2.99 -6.89 -24.32
N THR H 89 -2.79 -5.74 -23.68
CA THR H 89 -3.23 -5.55 -22.30
C THR H 89 -3.42 -4.06 -22.07
N TRP H 90 -4.10 -3.73 -20.99
CA TRP H 90 -4.25 -2.34 -20.55
C TRP H 90 -3.00 -1.92 -19.80
N ASP H 91 -2.42 -0.80 -20.18
CA ASP H 91 -1.21 -0.28 -19.54
C ASP H 91 -1.60 0.89 -18.65
N SER H 92 -1.40 0.75 -17.35
CA SER H 92 -1.77 1.79 -16.40
C SER H 92 -1.00 3.11 -16.48
N SER H 93 0.30 3.08 -16.73
CA SER H 93 1.05 4.32 -16.81
C SER H 93 0.57 5.18 -17.96
N LEU H 94 0.43 4.55 -19.13
CA LEU H 94 -0.06 5.19 -20.33
C LEU H 94 -1.53 5.52 -20.25
N SER H 95 -2.24 4.66 -19.51
CA SER H 95 -3.70 4.69 -19.32
C SER H 95 -4.42 4.48 -20.66
N ALA H 96 -3.85 3.61 -21.48
CA ALA H 96 -4.39 3.24 -22.78
C ALA H 96 -4.11 1.77 -23.06
N TRP H 97 -4.86 1.17 -23.97
CA TRP H 97 -4.67 -0.23 -24.34
C TRP H 97 -3.49 -0.35 -25.29
N VAL H 98 -2.62 -1.33 -25.06
CA VAL H 98 -1.41 -1.48 -25.87
C VAL H 98 -1.44 -2.86 -26.52
N PHE H 99 -1.11 -2.90 -27.79
CA PHE H 99 -0.89 -4.15 -28.52
C PHE H 99 0.60 -4.39 -28.68
N GLY H 100 0.97 -5.66 -28.69
CA GLY H 100 2.33 -6.02 -29.03
C GLY H 100 2.69 -5.60 -30.44
N GLU H 101 4.00 -5.65 -30.72
CA GLU H 101 4.48 -5.25 -32.02
C GLU H 101 3.99 -6.17 -33.13
N GLY H 102 3.54 -7.37 -32.79
CA GLY H 102 3.10 -8.37 -33.75
C GLY H 102 4.17 -9.41 -34.03
N THR H 103 3.71 -10.64 -34.25
CA THR H 103 4.60 -11.77 -34.52
C THR H 103 4.08 -12.54 -35.72
N LYS H 104 4.86 -12.58 -36.79
CA LYS H 104 4.49 -13.39 -37.94
C LYS H 104 4.95 -14.82 -37.75
N LEU H 105 4.00 -15.75 -37.79
CA LEU H 105 4.31 -17.17 -37.74
C LEU H 105 4.30 -17.70 -39.16
N THR H 106 5.34 -18.45 -39.52
CA THR H 106 5.49 -18.97 -40.87
C THR H 106 5.90 -20.43 -40.82
N VAL H 107 5.09 -21.29 -41.43
CA VAL H 107 5.38 -22.72 -41.53
C VAL H 107 5.97 -23.00 -42.90
N VAL H 108 6.98 -23.85 -42.94
CA VAL H 108 7.66 -24.18 -44.19
C VAL H 108 7.21 -25.54 -44.70
#